data_8EUC
#
_entry.id   8EUC
#
_cell.length_a   1.00
_cell.length_b   1.00
_cell.length_c   1.00
_cell.angle_alpha   90.00
_cell.angle_beta   90.00
_cell.angle_gamma   90.00
#
_symmetry.space_group_name_H-M   'P 1'
#
loop_
_entity.id
_entity.type
_entity.pdbx_description
1 polymer 'Cyclic nucleotide-gated cation channel alpha-3'
2 polymer 'Cyclic nucleotide-gated cation channel beta-3'
3 non-polymer 2-acetamido-2-deoxy-beta-D-glucopyranose
4 non-polymer 'CYCLIC GUANOSINE MONOPHOSPHATE'
#
loop_
_entity_poly.entity_id
_entity_poly.type
_entity_poly.pdbx_seq_one_letter_code
_entity_poly.pdbx_strand_id
1 'polypeptide(L)'
;MAKINTQYSHPSRTHLKVKTSDRDLNRAENGLSRAHSSSEETSSVLQPGIAMETRGLADSGQGSFTGQGIARLSRLIFLL
RRWAARHVHHQDQGPDSFPDRFRGAELKEVSSQESNAQANVGSQEPADRGRSAWPLAKCNTNTSNNTEEEKKTKKKDAIV
VDPSSNLYYRWLTAIALPVFYNWYLLICRACFDELQSEYLMLWLVLDYSADVLYVLDVLVRARTGFLEQGLMVSDTNRLW
QHYKTTTQFKLDVLSLVPTDLAYLKVGTNYPEVRFNRLLKFSRLFEFFDRTETRTNYPNMFRIGNLVLYILIIIHWNACI
YFAISKFIGFGTDSWVYPNISIPEHGRLSRKYIYSLYWSTLTLTTIGETPPPVKDEEYLFVVVDFLVGVLIFATIVGNVG
SMISNMNASRAEFQAKIDSIKQYMQFRKVTKDLETRVIRWFDYLWANKKTVDEKEVLKSLPDKLKAEIAINVHLDTLKKV
RIFQDCEAGLLVELVLKLRPTVFSPGDYICKKGDIGKEMYIINEGKLAVVADDGVTQFVVLSDGSYFGEISILNIKGSKS
GNRRTANIRSIGYSDLFCLSKDDLMEALTEYPEAKKALEEKGRQILMKDNLIDEELARAGADPKDLEEKVEQLGSSLDTL
QTRFARLLAEYNATQMKMKQRLSQLESQVKGGGDKPLADGEVPGDATKTEDKQQ
;
A,B,C
2 'polypeptide(L)'
;MFKSLTKVNKVKPIGENNENEQSSRRNEEGSHPSNQSQQTTAQEENKGEEKSLKTKSTPVTSEEPHTNIQDKLSKKNSSG
DLTTNPDPQNAAEPTGTVPEQKEMDPGKEGPNSPQNKPPAAPVINEYADAQLHNLVKRMRQRTALYKKKLVEGDLSSPEA
SPQTAKPTAVPPVKESDDKPTEHYYRLLWFKVKKMPLTEYLKRIKLPNSIDSYTDRLYLLWLLLVTLAYNWNCCFIPLRL
VFPYQTADNIHYWLIADIICDIIYLYDMLFIQPRLQFVRGGDIIVDSNELRKHYRTSTKFQLDVASIIPFDICYLFFGFN
PMFRANRMLKYTSFFEFNHHLESIMDKAYIYRVIRTTGYLLFILHINACVYYWASNYEGIGTTRWVYDGEGNEYLRCYYW
AVRTLITIGGLPEPQTLFEIVFQLLNFFSGVFVFSSLIGQMRDVIGAATANQNYFRACMDDTIAYMNNYSIPKLVQKRVR
TWYEYTWDSQRMLDESDLLKTLPTTVQLALAIDVNFSIISKVDLFKGCDTQMIYDMLLRLKSVLYLPGDFVCKKGEIGKE
MYIIKHGEVQVLGGPDGTKVLVTLKAGSVFGEISLLAAGGGNRRTANVVAHGFANLLTLDKKTLQEILVHYPDSERILMK
KARVLLKQKAKTAEATPPRKDLALLFPPKEETPKLFKTLLGGTGKASLARLLKLKREQAAQKKENSEGGEEEGKENEDKQ
KENEDKQKENEDKGKENEDKDKGREPEEKPLDRPECTASPIAVEEEPHSVRRTVLPRGTSRQSLIISMAPSAEGGEEVLT
IEVKEKAKQ
;
D
#
loop_
_chem_comp.id
_chem_comp.type
_chem_comp.name
_chem_comp.formula
NAG D-saccharide, beta linking 2-acetamido-2-deoxy-beta-D-glucopyranose 'C8 H15 N O6'
PCG non-polymer 'CYCLIC GUANOSINE MONOPHOSPHATE' 'C10 H12 N5 O7 P'
#
# COMPACT_ATOMS: atom_id res chain seq x y z
N ILE A 159 -33.72 35.60 4.14
CA ILE A 159 -33.59 34.69 3.01
C ILE A 159 -32.80 33.46 3.41
N VAL A 160 -32.51 32.60 2.43
CA VAL A 160 -31.76 31.38 2.65
C VAL A 160 -30.52 31.40 1.75
N VAL A 161 -29.45 30.79 2.23
CA VAL A 161 -28.22 30.66 1.46
C VAL A 161 -27.96 29.18 1.22
N ASP A 162 -27.33 28.90 0.08
CA ASP A 162 -27.03 27.53 -0.30
C ASP A 162 -25.64 27.16 0.20
N PRO A 163 -25.50 26.12 1.02
CA PRO A 163 -24.17 25.74 1.53
C PRO A 163 -23.25 25.08 0.52
N SER A 164 -23.71 24.87 -0.72
CA SER A 164 -22.85 24.36 -1.78
C SER A 164 -22.62 25.38 -2.88
N SER A 165 -23.05 26.62 -2.68
CA SER A 165 -22.94 27.65 -3.70
C SER A 165 -21.57 28.32 -3.62
N ASN A 166 -21.43 29.47 -4.26
CA ASN A 166 -20.23 30.28 -4.13
C ASN A 166 -20.40 31.43 -3.15
N LEU A 167 -21.64 31.82 -2.86
CA LEU A 167 -21.87 32.87 -1.87
C LEU A 167 -21.48 32.39 -0.48
N TYR A 168 -21.85 31.15 -0.13
CA TYR A 168 -21.45 30.60 1.15
C TYR A 168 -19.94 30.39 1.24
N TYR A 169 -19.28 30.13 0.12
CA TYR A 169 -17.83 29.97 0.17
C TYR A 169 -17.11 31.31 0.30
N ARG A 170 -17.60 32.35 -0.38
CA ARG A 170 -17.00 33.67 -0.20
C ARG A 170 -17.23 34.19 1.21
N TRP A 171 -18.41 33.91 1.78
CA TRP A 171 -18.66 34.25 3.17
C TRP A 171 -17.78 33.43 4.12
N LEU A 172 -17.56 32.16 3.78
CA LEU A 172 -16.70 31.29 4.57
C LEU A 172 -15.27 31.81 4.60
N THR A 173 -14.80 32.38 3.50
CA THR A 173 -13.49 33.03 3.53
C THR A 173 -13.51 34.29 4.39
N ALA A 174 -14.57 35.11 4.25
CA ALA A 174 -14.64 36.38 4.98
C ALA A 174 -14.82 36.19 6.49
N ILE A 175 -15.27 35.03 6.93
CA ILE A 175 -15.35 34.73 8.36
C ILE A 175 -14.22 33.80 8.82
N ALA A 176 -13.53 33.11 7.91
CA ALA A 176 -12.33 32.41 8.31
C ALA A 176 -11.15 33.34 8.48
N LEU A 177 -11.22 34.56 7.95
CA LEU A 177 -10.15 35.51 8.21
C LEU A 177 -10.07 35.96 9.67
N PRO A 178 -11.13 36.47 10.32
CA PRO A 178 -10.95 36.92 11.71
C PRO A 178 -10.82 35.81 12.74
N VAL A 179 -11.18 34.57 12.41
CA VAL A 179 -10.91 33.46 13.33
C VAL A 179 -9.41 33.20 13.43
N PHE A 180 -8.74 33.14 12.28
CA PHE A 180 -7.29 32.96 12.29
C PHE A 180 -6.58 34.17 12.86
N TYR A 181 -7.11 35.37 12.59
CA TYR A 181 -6.60 36.57 13.26
C TYR A 181 -6.71 36.46 14.77
N ASN A 182 -7.86 35.96 15.26
CA ASN A 182 -8.08 35.83 16.69
C ASN A 182 -7.11 34.87 17.32
N TRP A 183 -6.92 33.69 16.68
CA TRP A 183 -5.98 32.69 17.20
C TRP A 183 -4.56 33.23 17.30
N TYR A 184 -3.94 33.47 16.14
CA TYR A 184 -2.57 33.96 16.08
C TYR A 184 -2.30 35.36 16.61
N LEU A 185 -2.79 36.37 15.88
CA LEU A 185 -2.60 37.77 16.22
C LEU A 185 -3.02 38.11 17.65
N LEU A 186 -4.26 37.76 17.99
CA LEU A 186 -4.80 38.02 19.32
C LEU A 186 -3.89 37.49 20.44
N ILE A 187 -3.61 36.18 20.39
CA ILE A 187 -2.76 35.55 21.40
C ILE A 187 -1.30 36.01 21.36
N CYS A 188 -0.86 36.54 20.21
CA CYS A 188 0.51 37.02 20.08
C CYS A 188 0.62 38.37 20.79
N ARG A 189 -0.43 39.16 20.65
CA ARG A 189 -0.59 40.43 21.31
C ARG A 189 -0.67 40.23 22.82
N ALA A 190 -1.53 39.31 23.25
CA ALA A 190 -1.69 39.03 24.67
C ALA A 190 -0.36 38.70 25.34
N CYS A 191 0.32 37.68 24.82
CA CYS A 191 1.61 37.27 25.36
C CYS A 191 2.58 38.45 25.39
N PHE A 192 2.42 39.35 24.43
CA PHE A 192 3.26 40.53 24.34
C PHE A 192 2.48 41.75 24.80
N ASP A 193 2.25 41.86 26.10
CA ASP A 193 1.52 42.97 26.68
C ASP A 193 2.06 44.33 26.23
N GLU A 194 3.37 44.38 26.00
CA GLU A 194 4.01 45.63 25.55
C GLU A 194 3.59 45.96 24.12
N LEU A 195 3.40 44.92 23.30
CA LEU A 195 2.97 45.09 21.93
C LEU A 195 1.57 45.70 21.95
N GLN A 196 0.73 45.18 22.84
CA GLN A 196 -0.63 45.69 23.02
C GLN A 196 -0.50 47.15 23.39
N SER A 197 0.34 47.46 24.39
CA SER A 197 0.57 48.85 24.81
C SER A 197 0.92 49.78 23.64
N GLU A 198 1.82 49.33 22.77
CA GLU A 198 2.23 50.11 21.61
C GLU A 198 1.12 50.31 20.57
N TYR A 199 0.39 49.24 20.23
CA TYR A 199 -0.67 49.36 19.22
C TYR A 199 -2.01 49.03 19.87
N LEU A 200 -2.64 50.03 20.45
CA LEU A 200 -3.88 49.80 21.20
C LEU A 200 -5.11 50.13 20.37
N MET A 201 -5.10 51.25 19.65
CA MET A 201 -6.27 51.62 18.86
C MET A 201 -6.43 50.74 17.64
N LEU A 202 -5.30 50.28 17.08
CA LEU A 202 -5.36 49.35 15.95
C LEU A 202 -5.93 48.00 16.39
N TRP A 203 -5.50 47.48 17.55
CA TRP A 203 -6.07 46.22 18.00
C TRP A 203 -7.52 46.37 18.43
N LEU A 204 -7.91 47.54 18.94
CA LEU A 204 -9.31 47.74 19.29
C LEU A 204 -10.19 47.81 18.05
N VAL A 205 -9.71 48.46 16.99
CA VAL A 205 -10.45 48.51 15.74
C VAL A 205 -10.59 47.12 15.11
N LEU A 206 -9.49 46.36 15.09
CA LEU A 206 -9.54 45.01 14.52
C LEU A 206 -10.40 44.07 15.35
N ASP A 207 -10.41 44.23 16.68
CA ASP A 207 -11.21 43.35 17.51
C ASP A 207 -12.69 43.70 17.46
N TYR A 208 -13.02 44.99 17.28
CA TYR A 208 -14.42 45.35 17.05
C TYR A 208 -14.90 44.85 15.70
N SER A 209 -14.01 44.84 14.69
CA SER A 209 -14.37 44.25 13.40
C SER A 209 -14.57 42.75 13.51
N ALA A 210 -13.75 42.07 14.32
CA ALA A 210 -13.92 40.63 14.51
C ALA A 210 -15.22 40.32 15.26
N ASP A 211 -15.60 41.17 16.21
CA ASP A 211 -16.84 40.93 16.94
C ASP A 211 -18.08 41.18 16.07
N VAL A 212 -18.05 42.20 15.21
CA VAL A 212 -19.22 42.41 14.37
C VAL A 212 -19.29 41.32 13.29
N LEU A 213 -18.13 40.79 12.87
CA LEU A 213 -18.17 39.64 11.96
C LEU A 213 -18.67 38.38 12.65
N TYR A 214 -18.42 38.23 13.95
CA TYR A 214 -18.97 37.08 14.66
C TYR A 214 -20.49 37.21 14.88
N VAL A 215 -20.96 38.44 15.10
CA VAL A 215 -22.40 38.69 15.17
C VAL A 215 -23.07 38.34 13.86
N LEU A 216 -22.51 38.79 12.74
CA LEU A 216 -23.10 38.47 11.45
C LEU A 216 -22.91 37.00 11.10
N ASP A 217 -21.90 36.35 11.70
CA ASP A 217 -21.71 34.92 11.53
C ASP A 217 -22.84 34.12 12.15
N VAL A 218 -23.22 34.44 13.39
CA VAL A 218 -24.34 33.70 13.96
C VAL A 218 -25.66 34.10 13.30
N LEU A 219 -25.74 35.33 12.79
CA LEU A 219 -26.95 35.77 12.10
C LEU A 219 -27.12 35.07 10.75
N VAL A 220 -26.02 34.68 10.10
CA VAL A 220 -26.15 33.98 8.84
C VAL A 220 -26.12 32.46 9.02
N ARG A 221 -25.63 31.95 10.14
CA ARG A 221 -25.81 30.55 10.42
C ARG A 221 -27.23 30.25 10.89
N ALA A 222 -27.96 31.26 11.36
CA ALA A 222 -29.37 31.05 11.65
C ALA A 222 -30.24 30.96 10.40
N ARG A 223 -29.70 31.21 9.22
CA ARG A 223 -30.50 31.19 8.00
C ARG A 223 -29.84 30.38 6.89
N THR A 224 -29.02 29.39 7.23
CA THR A 224 -28.45 28.50 6.23
C THR A 224 -29.28 27.23 6.11
N GLY A 225 -29.39 26.73 4.90
CA GLY A 225 -30.21 25.57 4.66
C GLY A 225 -29.45 24.27 4.78
N PHE A 226 -30.18 23.19 5.02
CA PHE A 226 -29.61 21.86 5.07
C PHE A 226 -30.35 20.96 4.10
N LEU A 227 -30.09 19.65 4.20
CA LEU A 227 -30.64 18.66 3.28
C LEU A 227 -31.42 17.63 4.09
N GLU A 228 -32.75 17.66 3.97
CA GLU A 228 -33.60 16.58 4.44
C GLU A 228 -34.42 16.09 3.26
N GLN A 229 -34.48 14.75 3.11
CA GLN A 229 -35.11 14.07 1.97
C GLN A 229 -34.56 14.53 0.63
N GLY A 230 -33.28 14.87 0.58
CA GLY A 230 -32.59 15.17 -0.65
C GLY A 230 -32.93 16.50 -1.30
N LEU A 231 -33.76 17.33 -0.68
CA LEU A 231 -34.09 18.62 -1.26
C LEU A 231 -33.78 19.73 -0.25
N MET A 232 -33.65 20.94 -0.76
CA MET A 232 -33.27 22.08 0.07
C MET A 232 -34.45 22.58 0.88
N VAL A 233 -34.26 22.66 2.19
CA VAL A 233 -35.29 23.19 3.08
C VAL A 233 -35.11 24.70 3.17
N SER A 234 -36.24 25.42 3.20
CA SER A 234 -36.19 26.88 3.16
C SER A 234 -37.12 27.53 4.16
N ASP A 235 -37.77 26.77 5.03
CA ASP A 235 -38.58 27.34 6.10
C ASP A 235 -37.63 27.94 7.12
N THR A 236 -37.70 29.26 7.30
CA THR A 236 -36.74 29.95 8.16
C THR A 236 -36.94 29.61 9.62
N ASN A 237 -38.18 29.37 10.04
CA ASN A 237 -38.42 28.93 11.41
C ASN A 237 -37.89 27.52 11.65
N ARG A 238 -37.99 26.66 10.63
CA ARG A 238 -37.38 25.32 10.73
C ARG A 238 -35.87 25.42 10.79
N LEU A 239 -35.28 26.38 10.04
CA LEU A 239 -33.84 26.59 10.10
C LEU A 239 -33.42 27.10 11.46
N TRP A 240 -34.23 27.97 12.07
CA TRP A 240 -33.89 28.48 13.41
C TRP A 240 -34.00 27.39 14.46
N GLN A 241 -35.01 26.52 14.35
CA GLN A 241 -35.14 25.42 15.30
C GLN A 241 -34.02 24.40 15.14
N HIS A 242 -33.69 24.05 13.90
CA HIS A 242 -32.59 23.12 13.63
C HIS A 242 -31.25 23.71 14.03
N TYR A 243 -31.10 25.03 13.95
CA TYR A 243 -29.87 25.64 14.40
C TYR A 243 -29.82 25.77 15.91
N LYS A 244 -30.97 25.94 16.56
CA LYS A 244 -30.97 26.00 18.02
C LYS A 244 -30.73 24.63 18.64
N THR A 245 -31.05 23.56 17.93
CA THR A 245 -30.96 22.22 18.48
C THR A 245 -29.58 21.57 18.19
N THR A 246 -28.50 22.37 18.16
CA THR A 246 -27.16 21.81 18.05
C THR A 246 -26.21 22.48 19.04
N THR A 247 -25.00 21.94 19.11
CA THR A 247 -23.97 22.44 20.01
C THR A 247 -23.05 23.46 19.37
N GLN A 248 -23.03 23.51 18.03
CA GLN A 248 -22.28 24.55 17.35
C GLN A 248 -22.86 25.94 17.67
N PHE A 249 -24.19 26.02 17.79
CA PHE A 249 -24.82 27.28 18.20
C PHE A 249 -24.49 27.64 19.64
N LYS A 250 -24.31 26.64 20.50
CA LYS A 250 -23.82 26.92 21.85
C LYS A 250 -22.41 27.49 21.81
N LEU A 251 -21.58 26.99 20.89
CA LEU A 251 -20.25 27.58 20.70
C LEU A 251 -20.33 29.01 20.15
N ASP A 252 -21.29 29.29 19.26
CA ASP A 252 -21.44 30.67 18.79
C ASP A 252 -21.96 31.58 19.89
N VAL A 253 -22.75 31.05 20.82
CA VAL A 253 -23.23 31.87 21.93
C VAL A 253 -22.08 32.18 22.90
N LEU A 254 -21.29 31.16 23.25
CA LEU A 254 -20.17 31.42 24.15
C LEU A 254 -19.01 32.14 23.49
N SER A 255 -18.96 32.24 22.16
CA SER A 255 -17.93 33.05 21.53
C SER A 255 -18.40 34.46 21.21
N LEU A 256 -19.38 34.97 21.95
CA LEU A 256 -20.00 36.23 21.59
C LEU A 256 -20.15 37.14 22.81
N VAL A 257 -19.78 36.68 23.99
CA VAL A 257 -20.04 37.43 25.22
C VAL A 257 -19.11 38.63 25.30
N PRO A 258 -19.60 39.80 25.70
CA PRO A 258 -18.78 41.03 25.73
C PRO A 258 -17.99 41.18 27.03
N THR A 259 -16.82 40.54 27.07
CA THR A 259 -16.04 40.54 28.30
C THR A 259 -15.31 41.87 28.52
N ASP A 260 -14.76 42.46 27.46
CA ASP A 260 -14.04 43.71 27.60
C ASP A 260 -14.98 44.88 27.39
N THR A 268 -9.29 46.59 28.40
CA THR A 268 -8.35 47.02 27.38
C THR A 268 -6.91 46.96 27.88
N ASN A 269 -6.68 46.18 28.93
CA ASN A 269 -5.36 46.06 29.53
C ASN A 269 -4.79 44.65 29.44
N TYR A 270 -5.59 43.63 29.72
CA TYR A 270 -5.18 42.23 29.59
C TYR A 270 -6.06 41.59 28.53
N PRO A 271 -5.52 41.15 27.41
CA PRO A 271 -6.37 40.47 26.41
C PRO A 271 -6.48 38.97 26.62
N GLU A 272 -6.12 38.49 27.81
CA GLU A 272 -6.45 37.11 28.19
C GLU A 272 -7.92 36.91 28.48
N VAL A 273 -8.70 37.98 28.61
CA VAL A 273 -10.12 37.88 28.89
C VAL A 273 -10.91 37.66 27.61
N ARG A 274 -10.29 37.86 26.45
CA ARG A 274 -10.96 37.77 25.17
C ARG A 274 -10.80 36.41 24.50
N PHE A 275 -10.37 35.40 25.25
CA PHE A 275 -10.15 34.07 24.67
C PHE A 275 -11.41 33.34 24.28
N ASN A 276 -12.60 33.88 24.55
CA ASN A 276 -13.80 33.24 24.06
C ASN A 276 -13.97 33.40 22.56
N ARG A 277 -13.27 34.35 21.95
CA ARG A 277 -13.36 34.54 20.49
C ARG A 277 -12.73 33.40 19.72
N LEU A 278 -11.86 32.61 20.35
CA LEU A 278 -11.16 31.52 19.70
C LEU A 278 -12.05 30.31 19.45
N LEU A 279 -13.24 30.27 20.04
CA LEU A 279 -14.06 29.06 20.04
C LEU A 279 -14.66 28.72 18.68
N LYS A 280 -14.57 29.63 17.71
CA LYS A 280 -15.12 29.37 16.37
C LYS A 280 -14.06 28.74 15.47
N PHE A 281 -13.56 27.59 15.90
CA PHE A 281 -12.52 26.88 15.17
C PHE A 281 -13.08 25.96 14.10
N SER A 282 -14.32 25.48 14.29
CA SER A 282 -14.95 24.63 13.30
C SER A 282 -15.23 25.37 12.01
N ARG A 283 -15.39 26.69 12.08
CA ARG A 283 -15.60 27.48 10.87
C ARG A 283 -14.33 27.57 10.03
N LEU A 284 -13.17 27.75 10.67
CA LEU A 284 -11.90 27.75 9.94
C LEU A 284 -11.59 26.35 9.40
N PHE A 285 -11.93 25.31 10.15
CA PHE A 285 -11.70 23.96 9.64
C PHE A 285 -12.62 23.63 8.47
N GLU A 286 -13.86 24.12 8.50
CA GLU A 286 -14.76 23.99 7.36
C GLU A 286 -14.25 24.75 6.16
N PHE A 287 -13.63 25.91 6.39
CA PHE A 287 -13.02 26.65 5.28
C PHE A 287 -11.88 25.88 4.65
N PHE A 288 -11.02 25.28 5.48
CA PHE A 288 -9.90 24.51 4.96
C PHE A 288 -10.38 23.29 4.17
N ASP A 289 -11.44 22.63 4.65
CA ASP A 289 -11.98 21.47 3.93
C ASP A 289 -12.64 21.89 2.62
N ARG A 290 -13.41 22.98 2.62
CA ARG A 290 -14.08 23.43 1.41
C ARG A 290 -13.09 23.90 0.37
N THR A 291 -12.01 24.57 0.79
CA THR A 291 -11.02 25.02 -0.17
C THR A 291 -10.20 23.84 -0.68
N GLU A 292 -9.97 22.83 0.17
CA GLU A 292 -9.28 21.62 -0.28
C GLU A 292 -10.07 20.88 -1.35
N THR A 293 -11.38 20.74 -1.17
CA THR A 293 -12.20 20.09 -2.19
C THR A 293 -12.64 21.01 -3.32
N ARG A 294 -12.31 22.31 -3.27
CA ARG A 294 -12.66 23.19 -4.37
C ARG A 294 -11.48 23.72 -5.17
N THR A 295 -10.24 23.50 -4.71
CA THR A 295 -9.09 24.00 -5.46
C THR A 295 -8.77 23.06 -6.63
N ASN A 296 -7.77 23.47 -7.41
CA ASN A 296 -7.23 22.63 -8.47
C ASN A 296 -5.86 22.09 -8.14
N TYR A 297 -5.29 22.44 -6.99
CA TYR A 297 -4.01 21.90 -6.53
C TYR A 297 -4.23 21.31 -5.16
N PRO A 298 -4.82 20.11 -5.07
CA PRO A 298 -5.28 19.61 -3.78
C PRO A 298 -4.15 19.16 -2.85
N ASN A 299 -3.16 18.44 -3.38
CA ASN A 299 -2.07 17.98 -2.51
C ASN A 299 -1.13 19.13 -2.15
N MET A 300 -0.99 20.11 -3.04
CA MET A 300 -0.22 21.30 -2.72
C MET A 300 -0.92 22.12 -1.64
N PHE A 301 -2.26 22.18 -1.69
CA PHE A 301 -2.98 22.86 -0.62
C PHE A 301 -2.93 22.07 0.67
N ARG A 302 -2.85 20.74 0.61
CA ARG A 302 -2.74 19.96 1.84
C ARG A 302 -1.38 20.15 2.50
N ILE A 303 -0.32 20.25 1.70
CA ILE A 303 1.00 20.57 2.24
C ILE A 303 1.02 21.99 2.81
N GLY A 304 0.34 22.93 2.15
CA GLY A 304 0.25 24.28 2.69
C GLY A 304 -0.54 24.37 3.98
N ASN A 305 -1.59 23.54 4.11
CA ASN A 305 -2.36 23.49 5.34
C ASN A 305 -1.54 22.93 6.49
N LEU A 306 -0.76 21.87 6.23
CA LEU A 306 0.09 21.33 7.29
C LEU A 306 1.22 22.30 7.66
N VAL A 307 1.74 23.06 6.69
CA VAL A 307 2.77 24.05 6.99
C VAL A 307 2.19 25.18 7.84
N LEU A 308 0.94 25.56 7.57
CA LEU A 308 0.30 26.58 8.39
C LEU A 308 0.01 26.07 9.79
N TYR A 309 -0.26 24.77 9.94
CA TYR A 309 -0.41 24.22 11.29
C TYR A 309 0.92 24.19 12.04
N ILE A 310 2.02 23.92 11.33
CA ILE A 310 3.36 24.00 11.93
C ILE A 310 3.63 25.41 12.43
N LEU A 311 3.31 26.41 11.62
CA LEU A 311 3.58 27.79 12.01
C LEU A 311 2.69 28.25 13.15
N ILE A 312 1.45 27.77 13.23
CA ILE A 312 0.60 28.06 14.38
C ILE A 312 1.18 27.49 15.66
N ILE A 313 1.64 26.23 15.60
CA ILE A 313 2.18 25.61 16.82
C ILE A 313 3.51 26.24 17.24
N ILE A 314 4.33 26.66 16.26
CA ILE A 314 5.57 27.38 16.55
C ILE A 314 5.28 28.71 17.23
N HIS A 315 4.30 29.46 16.71
CA HIS A 315 3.97 30.76 17.29
C HIS A 315 3.36 30.62 18.68
N TRP A 316 2.51 29.60 18.87
CA TRP A 316 1.87 29.42 20.16
C TRP A 316 2.87 28.99 21.23
N ASN A 317 3.82 28.12 20.89
CA ASN A 317 4.83 27.78 21.89
C ASN A 317 5.84 28.89 22.09
N ALA A 318 6.07 29.75 21.11
CA ALA A 318 6.92 30.91 21.34
C ALA A 318 6.27 31.88 22.33
N CYS A 319 4.97 32.08 22.19
CA CYS A 319 4.25 32.91 23.14
C CYS A 319 4.20 32.28 24.53
N ILE A 320 4.07 30.94 24.59
CA ILE A 320 4.02 30.25 25.87
C ILE A 320 5.39 30.28 26.55
N TYR A 321 6.46 30.14 25.79
CA TYR A 321 7.81 30.24 26.35
C TYR A 321 8.09 31.63 26.89
N PHE A 322 7.69 32.67 26.16
CA PHE A 322 7.93 34.01 26.66
C PHE A 322 7.05 34.33 27.86
N ALA A 323 5.84 33.79 27.91
CA ALA A 323 4.98 34.05 29.07
C ALA A 323 5.46 33.31 30.31
N ILE A 324 5.95 32.07 30.15
CA ILE A 324 6.48 31.36 31.31
C ILE A 324 7.82 31.95 31.72
N SER A 325 8.55 32.58 30.80
CA SER A 325 9.73 33.32 31.19
C SER A 325 9.37 34.57 31.97
N LYS A 326 8.27 35.23 31.59
CA LYS A 326 7.78 36.38 32.36
C LYS A 326 7.28 35.97 33.73
N PHE A 327 6.71 34.77 33.85
CA PHE A 327 6.22 34.33 35.14
C PHE A 327 7.36 33.92 36.06
N ILE A 328 8.40 33.30 35.51
CA ILE A 328 9.56 32.93 36.35
C ILE A 328 10.43 34.13 36.66
N GLY A 329 10.44 35.14 35.80
CA GLY A 329 11.30 36.28 35.94
C GLY A 329 12.28 36.38 34.78
N PHE A 330 12.78 37.58 34.57
CA PHE A 330 13.48 37.91 33.34
C PHE A 330 14.96 38.05 33.65
N GLY A 331 15.77 37.17 33.08
CA GLY A 331 17.20 37.27 33.24
C GLY A 331 17.75 36.68 34.50
N THR A 332 16.92 35.99 35.29
CA THR A 332 17.41 35.41 36.52
C THR A 332 18.25 34.17 36.27
N ASP A 333 17.93 33.41 35.23
CA ASP A 333 18.57 32.14 34.95
C ASP A 333 19.27 32.19 33.58
N SER A 334 19.77 31.04 33.16
CA SER A 334 20.33 30.90 31.82
C SER A 334 19.29 30.41 30.81
N TRP A 335 18.25 29.72 31.26
CA TRP A 335 17.25 29.21 30.34
C TRP A 335 16.22 30.26 29.96
N VAL A 336 15.85 31.13 30.90
CA VAL A 336 14.78 32.11 30.71
C VAL A 336 15.20 33.19 29.72
N TYR A 337 14.24 33.98 29.27
CA TYR A 337 14.54 35.13 28.44
C TYR A 337 15.35 36.15 29.23
N PRO A 338 16.30 36.84 28.61
CA PRO A 338 17.17 37.76 29.36
C PRO A 338 16.49 39.00 29.93
N ASN A 339 17.29 39.85 30.55
CA ASN A 339 16.80 41.03 31.25
C ASN A 339 16.27 42.06 30.26
N ILE A 340 15.04 42.54 30.49
CA ILE A 340 14.36 43.42 29.55
C ILE A 340 14.97 44.81 29.51
N SER A 341 15.49 45.31 30.64
CA SER A 341 15.96 46.68 30.72
C SER A 341 17.26 46.93 29.97
N ILE A 342 17.92 45.89 29.48
CA ILE A 342 18.99 46.09 28.51
C ILE A 342 18.37 46.45 27.16
N PRO A 343 18.86 47.48 26.47
CA PRO A 343 18.24 47.88 25.20
C PRO A 343 18.49 46.92 24.04
N GLU A 344 19.34 45.91 24.19
CA GLU A 344 19.50 44.95 23.11
C GLU A 344 18.39 43.91 23.14
N HIS A 345 18.10 43.34 24.30
CA HIS A 345 17.01 42.39 24.44
C HIS A 345 15.67 43.06 24.73
N GLY A 346 15.64 44.39 24.83
CA GLY A 346 14.39 45.06 25.11
C GLY A 346 13.50 45.34 23.92
N ARG A 347 13.96 45.05 22.71
CA ARG A 347 13.16 45.32 21.51
C ARG A 347 12.08 44.26 21.37
N LEU A 348 10.90 44.70 20.92
CA LEU A 348 9.79 43.77 20.73
C LEU A 348 10.07 42.82 19.57
N SER A 349 10.78 43.28 18.55
CA SER A 349 11.13 42.42 17.44
C SER A 349 12.09 41.32 17.88
N ARG A 350 13.05 41.65 18.74
CA ARG A 350 13.95 40.62 19.23
C ARG A 350 13.27 39.71 20.25
N LYS A 351 12.28 40.23 20.98
CA LYS A 351 11.47 39.39 21.87
C LYS A 351 10.76 38.30 21.08
N TYR A 352 10.01 38.69 20.05
CA TYR A 352 9.26 37.73 19.27
C TYR A 352 10.17 36.82 18.46
N ILE A 353 11.25 37.36 17.91
CA ILE A 353 12.13 36.57 17.06
C ILE A 353 12.93 35.56 17.88
N TYR A 354 13.39 35.93 19.08
CA TYR A 354 14.10 34.96 19.90
C TYR A 354 13.18 33.92 20.49
N SER A 355 11.95 34.28 20.85
CA SER A 355 11.01 33.25 21.30
C SER A 355 10.65 32.30 20.16
N LEU A 356 10.59 32.82 18.93
CA LEU A 356 10.35 31.98 17.76
C LEU A 356 11.52 31.03 17.53
N TYR A 357 12.75 31.50 17.75
CA TYR A 357 13.92 30.65 17.59
C TYR A 357 13.95 29.55 18.62
N TRP A 358 13.64 29.88 19.87
CA TRP A 358 13.62 28.88 20.94
C TRP A 358 12.55 27.83 20.67
N SER A 359 11.39 28.25 20.20
CA SER A 359 10.34 27.26 20.00
C SER A 359 10.53 26.44 18.73
N THR A 360 11.18 27.00 17.70
CA THR A 360 11.55 26.19 16.55
C THR A 360 12.55 25.11 16.94
N LEU A 361 13.55 25.47 17.76
CA LEU A 361 14.53 24.48 18.20
C LEU A 361 13.90 23.41 19.08
N THR A 362 13.05 23.81 20.03
CA THR A 362 12.46 22.82 20.93
C THR A 362 11.45 21.94 20.21
N LEU A 363 10.63 22.50 19.33
CA LEU A 363 9.61 21.67 18.69
C LEU A 363 10.17 20.81 17.56
N THR A 364 11.23 21.23 16.87
CA THR A 364 11.87 20.31 15.94
C THR A 364 12.94 19.48 16.61
N THR A 365 13.07 19.58 17.94
CA THR A 365 13.86 18.66 18.78
C THR A 365 15.33 18.70 18.42
N ILE A 366 15.80 19.86 18.00
CA ILE A 366 17.23 20.06 17.78
C ILE A 366 17.94 20.25 19.11
N GLY A 367 17.38 21.09 19.97
CA GLY A 367 17.82 21.15 21.35
C GLY A 367 19.16 21.80 21.59
N GLU A 368 19.48 22.87 20.87
CA GLU A 368 20.67 23.66 21.16
C GLU A 368 20.32 24.95 21.90
N THR A 369 19.21 24.93 22.63
CA THR A 369 18.85 26.01 23.53
C THR A 369 19.67 25.87 24.80
N PRO A 370 19.73 26.91 25.63
CA PRO A 370 20.33 26.76 26.96
C PRO A 370 19.54 25.80 27.82
N PRO A 371 20.21 24.96 28.62
CA PRO A 371 19.49 23.94 29.39
C PRO A 371 18.81 24.56 30.59
N PRO A 372 17.75 23.92 31.11
CA PRO A 372 17.05 24.46 32.27
C PRO A 372 17.86 24.29 33.54
N VAL A 373 17.57 25.16 34.52
CA VAL A 373 18.24 25.05 35.82
C VAL A 373 17.24 24.77 36.94
N LYS A 374 15.99 25.20 36.79
CA LYS A 374 14.99 24.99 37.81
C LYS A 374 14.02 23.89 37.40
N ASP A 375 13.27 23.38 38.38
CA ASP A 375 12.44 22.22 38.11
C ASP A 375 11.18 22.55 37.32
N GLU A 376 10.67 23.78 37.44
CA GLU A 376 9.56 24.22 36.59
C GLU A 376 10.00 24.26 35.13
N GLU A 377 11.21 24.71 34.88
CA GLU A 377 11.74 24.74 33.53
C GLU A 377 12.08 23.34 33.04
N TYR A 378 12.52 22.46 33.92
CA TYR A 378 12.78 21.07 33.54
C TYR A 378 11.49 20.38 33.11
N LEU A 379 10.41 20.56 33.89
CA LEU A 379 9.12 19.98 33.53
C LEU A 379 8.58 20.60 32.25
N PHE A 380 8.79 21.91 32.04
CA PHE A 380 8.30 22.53 30.82
C PHE A 380 9.05 22.05 29.59
N VAL A 381 10.37 21.85 29.71
CA VAL A 381 11.14 21.40 28.57
C VAL A 381 10.86 19.93 28.27
N VAL A 382 10.57 19.12 29.28
CA VAL A 382 10.18 17.73 29.06
C VAL A 382 8.83 17.66 28.34
N VAL A 383 7.85 18.41 28.85
CA VAL A 383 6.53 18.44 28.25
C VAL A 383 6.61 18.98 26.82
N ASP A 384 7.32 20.09 26.66
CA ASP A 384 7.48 20.72 25.35
C ASP A 384 8.09 19.72 24.38
N PHE A 385 9.19 19.09 24.79
CA PHE A 385 9.87 18.12 23.95
C PHE A 385 8.89 17.01 23.53
N LEU A 386 8.16 16.48 24.50
CA LEU A 386 7.18 15.42 24.23
C LEU A 386 6.20 15.87 23.15
N VAL A 387 5.60 17.04 23.36
CA VAL A 387 4.63 17.59 22.41
C VAL A 387 5.24 17.67 21.01
N GLY A 388 6.44 18.24 20.93
CA GLY A 388 7.13 18.38 19.67
C GLY A 388 7.35 17.07 18.95
N VAL A 389 7.82 16.06 19.68
CA VAL A 389 8.09 14.74 19.10
C VAL A 389 6.82 13.96 18.75
N LEU A 390 5.71 14.37 19.35
CA LEU A 390 4.43 13.79 19.05
C LEU A 390 3.92 14.58 17.85
N ILE A 391 3.76 15.88 18.06
CA ILE A 391 3.26 16.81 17.03
C ILE A 391 3.95 16.75 15.66
N PHE A 392 5.27 16.91 15.63
N PHE A 392 5.27 16.91 15.63
CA PHE A 392 6.02 16.88 14.38
CA PHE A 392 6.02 16.88 14.38
C PHE A 392 5.98 15.52 13.68
C PHE A 392 5.99 15.53 13.68
N ALA A 393 5.89 14.45 14.46
CA ALA A 393 5.84 13.10 13.88
C ALA A 393 4.45 12.88 13.31
N THR A 394 3.47 13.49 13.96
CA THR A 394 2.08 13.41 13.56
C THR A 394 1.83 14.33 12.39
N ILE A 395 2.47 15.51 12.36
CA ILE A 395 2.23 16.36 11.23
C ILE A 395 3.32 16.34 10.23
N VAL A 396 4.58 16.19 10.59
CA VAL A 396 5.57 16.19 9.54
C VAL A 396 5.64 14.89 8.74
N GLY A 397 5.18 13.83 9.33
CA GLY A 397 5.14 12.52 8.71
C GLY A 397 4.01 12.62 7.75
N ASN A 398 2.92 13.30 8.13
CA ASN A 398 1.78 13.47 7.24
C ASN A 398 2.21 14.09 5.91
N VAL A 399 3.17 15.02 5.98
CA VAL A 399 3.70 15.69 4.80
C VAL A 399 4.43 14.69 3.91
N GLY A 400 5.13 13.75 4.52
CA GLY A 400 5.84 12.71 3.79
C GLY A 400 4.85 11.87 3.02
N SER A 401 3.73 11.52 3.67
CA SER A 401 2.67 10.75 3.05
C SER A 401 2.08 11.52 1.88
N MET A 402 1.90 12.82 2.07
CA MET A 402 1.37 13.69 1.03
C MET A 402 2.30 13.71 -0.19
N ILE A 403 3.62 13.71 0.04
CA ILE A 403 4.59 13.70 -1.05
C ILE A 403 4.31 12.51 -1.95
N SER A 404 4.36 11.32 -1.36
CA SER A 404 4.07 10.07 -2.06
C SER A 404 2.78 10.15 -2.86
N ASN A 405 1.77 10.86 -2.35
CA ASN A 405 0.54 11.04 -3.10
C ASN A 405 0.74 12.00 -4.28
N MET A 406 1.70 12.91 -4.17
CA MET A 406 2.07 13.75 -5.31
C MET A 406 2.74 12.92 -6.40
N ASN A 407 3.57 11.95 -6.03
CA ASN A 407 4.35 11.21 -7.01
C ASN A 407 3.78 9.83 -7.35
N ALA A 408 2.58 9.50 -6.87
CA ALA A 408 2.08 8.13 -6.91
C ALA A 408 1.77 7.64 -8.32
N SER A 409 1.23 8.51 -9.19
CA SER A 409 0.84 8.04 -10.52
C SER A 409 2.04 7.75 -11.39
N ARG A 410 3.03 8.64 -11.37
CA ARG A 410 4.28 8.35 -12.06
C ARG A 410 5.02 7.20 -11.40
N ALA A 411 4.85 7.00 -10.09
CA ALA A 411 5.51 5.89 -9.42
C ALA A 411 4.90 4.55 -9.82
N GLU A 412 3.58 4.49 -10.00
CA GLU A 412 2.98 3.22 -10.41
C GLU A 412 3.23 2.95 -11.88
N PHE A 413 3.31 3.99 -12.72
CA PHE A 413 3.73 3.75 -14.09
C PHE A 413 5.18 3.31 -14.16
N GLN A 414 6.03 3.82 -13.26
CA GLN A 414 7.40 3.34 -13.20
C GLN A 414 7.45 1.91 -12.67
N ALA A 415 6.52 1.52 -11.80
CA ALA A 415 6.45 0.14 -11.34
C ALA A 415 6.07 -0.80 -12.47
N LYS A 416 5.14 -0.36 -13.33
CA LYS A 416 4.79 -1.16 -14.50
C LYS A 416 5.97 -1.28 -15.46
N ILE A 417 6.70 -0.18 -15.71
CA ILE A 417 7.81 -0.27 -16.65
C ILE A 417 8.99 -1.05 -16.10
N ASP A 418 9.28 -1.00 -14.79
CA ASP A 418 10.43 -1.79 -14.38
C ASP A 418 10.06 -3.23 -14.09
N SER A 419 8.77 -3.55 -13.88
CA SER A 419 8.39 -4.95 -13.86
C SER A 419 8.48 -5.57 -15.25
N ILE A 420 8.05 -4.82 -16.29
CA ILE A 420 8.17 -5.31 -17.66
C ILE A 420 9.63 -5.45 -18.08
N LYS A 421 10.46 -4.46 -17.72
CA LYS A 421 11.87 -4.53 -18.08
C LYS A 421 12.61 -5.58 -17.26
N GLN A 422 12.16 -5.86 -16.04
CA GLN A 422 12.74 -6.96 -15.28
C GLN A 422 12.40 -8.30 -15.89
N TYR A 423 11.17 -8.44 -16.39
CA TYR A 423 10.79 -9.68 -17.08
C TYR A 423 11.57 -9.88 -18.36
N MET A 424 11.77 -8.81 -19.14
CA MET A 424 12.50 -8.99 -20.39
C MET A 424 14.01 -8.96 -20.21
N GLN A 425 14.50 -8.56 -19.04
CA GLN A 425 15.90 -8.81 -18.72
C GLN A 425 16.09 -10.24 -18.23
N PHE A 426 15.08 -10.80 -17.55
CA PHE A 426 15.19 -12.17 -17.08
C PHE A 426 15.07 -13.18 -18.22
N ARG A 427 14.16 -12.94 -19.15
CA ARG A 427 13.90 -13.91 -20.22
C ARG A 427 14.84 -13.75 -21.41
N LYS A 428 15.75 -12.76 -21.35
CA LYS A 428 16.74 -12.48 -22.40
C LYS A 428 16.07 -12.21 -23.75
N VAL A 429 15.09 -11.32 -23.74
CA VAL A 429 14.35 -10.98 -24.95
C VAL A 429 15.26 -10.16 -25.87
N THR A 430 15.07 -10.32 -27.18
CA THR A 430 15.90 -9.68 -28.19
C THR A 430 15.75 -8.16 -28.15
N LYS A 431 16.81 -7.48 -28.62
CA LYS A 431 16.94 -6.04 -28.47
C LYS A 431 15.99 -5.26 -29.37
N ASP A 432 15.58 -5.84 -30.49
CA ASP A 432 14.61 -5.17 -31.36
C ASP A 432 13.25 -5.08 -30.69
N LEU A 433 12.78 -6.17 -30.09
CA LEU A 433 11.51 -6.13 -29.36
C LEU A 433 11.64 -5.37 -28.05
N GLU A 434 12.84 -5.36 -27.44
CA GLU A 434 13.10 -4.54 -26.27
C GLU A 434 12.92 -3.05 -26.58
N THR A 435 13.58 -2.60 -27.66
CA THR A 435 13.47 -1.20 -28.07
C THR A 435 12.05 -0.87 -28.55
N ARG A 436 11.37 -1.85 -29.16
CA ARG A 436 10.00 -1.62 -29.61
C ARG A 436 9.05 -1.42 -28.44
N VAL A 437 9.16 -2.24 -27.40
CA VAL A 437 8.23 -2.10 -26.29
C VAL A 437 8.60 -0.90 -25.43
N ILE A 438 9.88 -0.52 -25.36
CA ILE A 438 10.20 0.67 -24.59
C ILE A 438 9.83 1.92 -25.37
N ARG A 439 9.79 1.84 -26.71
CA ARG A 439 9.27 2.93 -27.52
C ARG A 439 7.77 3.05 -27.35
N TRP A 440 7.07 1.92 -27.20
CA TRP A 440 5.63 1.97 -27.00
C TRP A 440 5.27 2.56 -25.65
N PHE A 441 6.01 2.18 -24.60
CA PHE A 441 5.75 2.75 -23.29
C PHE A 441 6.13 4.22 -23.22
N ASP A 442 7.20 4.62 -23.92
CA ASP A 442 7.55 6.02 -23.98
C ASP A 442 6.51 6.82 -24.77
N TYR A 443 5.91 6.22 -25.80
CA TYR A 443 4.85 6.89 -26.52
C TYR A 443 3.61 7.07 -25.66
N LEU A 444 3.29 6.04 -24.86
CA LEU A 444 2.12 6.13 -23.98
C LEU A 444 2.31 7.20 -22.92
N TRP A 445 3.49 7.28 -22.32
CA TRP A 445 3.70 8.33 -21.33
C TRP A 445 3.93 9.70 -21.96
N ALA A 446 4.36 9.76 -23.21
CA ALA A 446 4.51 11.05 -23.86
C ALA A 446 3.19 11.62 -24.34
N ASN A 447 2.21 10.76 -24.63
CA ASN A 447 0.89 11.25 -25.01
C ASN A 447 -0.11 11.26 -23.87
N LYS A 448 0.29 10.74 -22.70
CA LYS A 448 -0.49 10.82 -21.45
C LYS A 448 -1.85 10.14 -21.59
N LYS A 449 -1.83 8.93 -22.14
CA LYS A 449 -3.01 8.08 -22.24
C LYS A 449 -2.88 6.85 -21.37
N THR A 450 -2.14 6.97 -20.26
CA THR A 450 -1.91 5.84 -19.36
C THR A 450 -2.98 5.68 -18.31
N VAL A 451 -3.84 6.69 -18.12
CA VAL A 451 -4.91 6.58 -17.13
C VAL A 451 -6.06 5.78 -17.70
N ASP A 452 -6.34 4.63 -17.10
CA ASP A 452 -7.41 3.76 -17.58
C ASP A 452 -8.77 4.29 -17.12
N GLU A 453 -9.59 4.70 -18.08
CA GLU A 453 -10.76 5.51 -17.78
C GLU A 453 -11.89 4.71 -17.14
N LYS A 454 -12.04 3.44 -17.51
CA LYS A 454 -13.06 2.62 -16.84
C LYS A 454 -12.67 2.34 -15.38
N GLU A 455 -11.38 2.15 -15.11
CA GLU A 455 -10.96 1.92 -13.73
C GLU A 455 -11.03 3.20 -12.92
N VAL A 456 -10.83 4.36 -13.55
CA VAL A 456 -10.88 5.61 -12.79
C VAL A 456 -12.29 6.15 -12.65
N LEU A 457 -13.25 5.69 -13.47
CA LEU A 457 -14.64 6.12 -13.35
C LEU A 457 -15.59 4.96 -13.10
N LYS A 458 -15.10 3.86 -12.54
CA LYS A 458 -15.98 2.76 -12.15
C LYS A 458 -16.95 3.13 -11.04
N SER A 459 -16.64 4.15 -10.24
CA SER A 459 -17.53 4.53 -9.14
C SER A 459 -18.73 5.32 -9.63
N LEU A 460 -18.57 6.09 -10.69
CA LEU A 460 -19.61 7.01 -11.13
C LEU A 460 -20.79 6.27 -11.75
N PRO A 461 -21.99 6.83 -11.66
CA PRO A 461 -23.14 6.19 -12.32
C PRO A 461 -23.13 6.36 -13.83
N ASP A 462 -24.16 5.78 -14.45
CA ASP A 462 -24.19 5.62 -15.91
C ASP A 462 -24.35 6.96 -16.62
N LYS A 463 -25.19 7.85 -16.08
CA LYS A 463 -25.46 9.12 -16.74
C LYS A 463 -24.24 10.03 -16.73
N LEU A 464 -23.54 10.10 -15.60
CA LEU A 464 -22.35 10.93 -15.54
C LEU A 464 -21.18 10.31 -16.29
N LYS A 465 -21.08 8.97 -16.30
CA LYS A 465 -20.06 8.31 -17.10
C LYS A 465 -20.26 8.59 -18.59
N ALA A 466 -21.49 8.48 -19.05
CA ALA A 466 -21.77 8.72 -20.46
C ALA A 466 -21.72 10.20 -20.82
N GLU A 467 -21.98 11.11 -19.88
CA GLU A 467 -21.84 12.52 -20.20
C GLU A 467 -20.37 12.93 -20.26
N ILE A 468 -19.54 12.35 -19.40
CA ILE A 468 -18.09 12.51 -19.51
C ILE A 468 -17.60 11.96 -20.84
N ALA A 469 -18.13 10.81 -21.25
CA ALA A 469 -17.69 10.20 -22.50
C ALA A 469 -18.12 11.00 -23.73
N ILE A 470 -19.36 11.51 -23.74
CA ILE A 470 -19.80 12.32 -24.88
C ILE A 470 -19.25 13.73 -24.86
N ASN A 471 -18.64 14.17 -23.76
CA ASN A 471 -17.94 15.45 -23.79
C ASN A 471 -16.45 15.30 -24.02
N VAL A 472 -15.90 14.09 -23.92
CA VAL A 472 -14.52 13.86 -24.33
C VAL A 472 -14.43 13.45 -25.79
N HIS A 473 -15.25 12.49 -26.22
CA HIS A 473 -15.13 11.91 -27.54
C HIS A 473 -16.04 12.57 -28.58
N LEU A 474 -16.44 13.82 -28.36
CA LEU A 474 -17.50 14.43 -29.16
C LEU A 474 -17.03 14.71 -30.58
N ASP A 475 -15.84 15.31 -30.72
CA ASP A 475 -15.38 15.78 -32.02
C ASP A 475 -15.00 14.64 -32.96
N THR A 476 -14.67 13.46 -32.45
CA THR A 476 -14.42 12.30 -33.29
C THR A 476 -15.51 11.25 -33.18
N LEU A 477 -16.60 11.54 -32.48
CA LEU A 477 -17.78 10.69 -32.56
C LEU A 477 -18.94 11.29 -33.33
N LYS A 478 -18.96 12.61 -33.55
CA LYS A 478 -20.04 13.20 -34.31
C LYS A 478 -19.84 13.08 -35.83
N LYS A 479 -18.91 12.26 -36.29
CA LYS A 479 -18.64 12.06 -37.71
C LYS A 479 -19.23 10.77 -38.25
N VAL A 480 -20.30 10.27 -37.65
CA VAL A 480 -20.92 9.02 -38.05
C VAL A 480 -22.10 9.35 -38.96
N ARG A 481 -22.32 8.53 -39.98
CA ARG A 481 -23.37 8.84 -40.96
C ARG A 481 -24.73 8.32 -40.53
N ILE A 482 -24.89 7.00 -40.42
CA ILE A 482 -26.19 6.39 -40.16
C ILE A 482 -26.64 6.61 -38.72
N PHE A 483 -25.85 6.16 -37.75
CA PHE A 483 -26.25 6.23 -36.34
C PHE A 483 -25.75 7.54 -35.74
N GLN A 484 -26.30 8.63 -36.25
CA GLN A 484 -26.00 9.98 -35.78
C GLN A 484 -27.21 10.69 -35.19
N ASP A 485 -28.39 10.52 -35.79
CA ASP A 485 -29.59 11.15 -35.32
C ASP A 485 -30.72 10.17 -35.02
N CYS A 486 -30.46 8.86 -35.10
CA CYS A 486 -31.47 7.85 -34.82
C CYS A 486 -31.94 7.91 -33.38
N GLU A 487 -31.04 7.62 -32.44
CA GLU A 487 -31.36 7.65 -31.02
C GLU A 487 -30.13 8.12 -30.24
N ALA A 488 -30.26 9.32 -29.65
CA ALA A 488 -29.18 9.87 -28.83
C ALA A 488 -28.95 9.03 -27.58
N GLY A 489 -30.02 8.43 -27.02
CA GLY A 489 -29.83 7.54 -25.89
C GLY A 489 -29.13 6.25 -26.27
N LEU A 490 -29.29 5.84 -27.52
CA LEU A 490 -28.60 4.66 -28.03
C LEU A 490 -27.12 5.02 -28.08
N LEU A 491 -26.81 6.19 -28.66
CA LEU A 491 -25.43 6.66 -28.73
C LEU A 491 -24.81 6.81 -27.35
N VAL A 492 -25.61 7.26 -26.38
CA VAL A 492 -25.18 7.36 -24.99
C VAL A 492 -24.80 5.99 -24.42
N GLU A 493 -25.65 5.00 -24.66
CA GLU A 493 -25.39 3.65 -24.15
C GLU A 493 -24.16 3.03 -24.83
N LEU A 494 -24.00 3.30 -26.12
CA LEU A 494 -22.85 2.75 -26.84
C LEU A 494 -21.55 3.39 -26.40
N VAL A 495 -21.53 4.70 -26.19
CA VAL A 495 -20.28 5.33 -25.78
C VAL A 495 -19.98 5.02 -24.33
N LEU A 496 -21.00 4.68 -23.54
CA LEU A 496 -20.74 4.15 -22.21
C LEU A 496 -20.10 2.78 -22.28
N LYS A 497 -20.55 1.95 -23.22
CA LYS A 497 -20.04 0.59 -23.34
C LYS A 497 -18.80 0.47 -24.22
N LEU A 498 -18.31 1.57 -24.77
CA LEU A 498 -17.09 1.55 -25.57
C LEU A 498 -15.86 1.23 -24.70
N ARG A 499 -14.77 0.89 -25.37
CA ARG A 499 -13.55 0.48 -24.68
C ARG A 499 -12.33 0.74 -25.57
N PRO A 500 -11.43 1.64 -25.16
CA PRO A 500 -10.35 2.05 -26.05
C PRO A 500 -9.07 1.24 -25.89
N THR A 501 -8.44 0.94 -27.03
CA THR A 501 -7.12 0.32 -27.10
C THR A 501 -6.25 1.14 -28.04
N VAL A 502 -4.95 1.13 -27.79
CA VAL A 502 -3.98 1.90 -28.57
C VAL A 502 -3.07 0.92 -29.31
N PHE A 503 -2.97 1.08 -30.62
CA PHE A 503 -2.23 0.17 -31.47
C PHE A 503 -0.92 0.78 -31.95
N SER A 504 0.05 -0.09 -32.21
CA SER A 504 1.35 0.26 -32.74
C SER A 504 1.27 0.46 -34.25
N PRO A 505 2.24 1.13 -34.87
CA PRO A 505 2.27 1.19 -36.33
C PRO A 505 2.80 -0.11 -36.90
N GLY A 506 2.29 -0.45 -38.07
CA GLY A 506 2.61 -1.75 -38.63
C GLY A 506 1.98 -2.90 -37.88
N ASP A 507 0.76 -2.70 -37.38
CA ASP A 507 0.04 -3.71 -36.62
C ASP A 507 -1.24 -4.06 -37.35
N TYR A 508 -1.55 -5.36 -37.36
CA TYR A 508 -2.76 -5.85 -38.00
C TYR A 508 -3.91 -5.81 -37.01
N ILE A 509 -4.99 -5.13 -37.38
CA ILE A 509 -6.20 -5.16 -36.60
C ILE A 509 -7.06 -6.36 -36.96
N CYS A 510 -7.16 -6.65 -38.26
CA CYS A 510 -7.91 -7.80 -38.76
C CYS A 510 -7.04 -8.59 -39.73
N LYS A 511 -7.25 -9.89 -39.76
CA LYS A 511 -6.57 -10.77 -40.70
C LYS A 511 -7.61 -11.58 -41.48
N LYS A 512 -7.17 -12.12 -42.60
CA LYS A 512 -8.02 -12.98 -43.42
C LYS A 512 -8.20 -14.32 -42.72
N GLY A 513 -9.35 -14.54 -42.14
CA GLY A 513 -9.72 -15.84 -41.61
C GLY A 513 -9.79 -15.99 -40.10
N ASP A 514 -9.82 -14.88 -39.36
CA ASP A 514 -9.95 -14.96 -37.91
C ASP A 514 -11.39 -14.63 -37.50
N ILE A 515 -11.81 -15.19 -36.37
CA ILE A 515 -13.18 -15.03 -35.90
C ILE A 515 -13.36 -13.61 -35.35
N GLY A 516 -14.46 -12.98 -35.75
CA GLY A 516 -14.72 -11.60 -35.37
C GLY A 516 -15.55 -11.51 -34.12
N LYS A 517 -15.08 -10.74 -33.15
CA LYS A 517 -15.83 -10.46 -31.93
C LYS A 517 -15.83 -8.98 -31.55
N GLU A 518 -15.21 -8.12 -32.35
CA GLU A 518 -14.99 -6.74 -31.99
C GLU A 518 -15.35 -5.83 -33.15
N MET A 519 -15.85 -4.64 -32.83
CA MET A 519 -16.03 -3.57 -33.79
C MET A 519 -15.14 -2.40 -33.41
N TYR A 520 -14.65 -1.69 -34.42
CA TYR A 520 -13.62 -0.67 -34.22
C TYR A 520 -14.11 0.68 -34.72
N ILE A 521 -14.09 1.68 -33.85
CA ILE A 521 -14.34 3.07 -34.20
C ILE A 521 -12.99 3.78 -34.19
N ILE A 522 -12.62 4.40 -35.29
CA ILE A 522 -11.30 4.99 -35.41
C ILE A 522 -11.30 6.37 -34.77
N ASN A 523 -10.38 6.59 -33.84
CA ASN A 523 -10.22 7.84 -33.12
C ASN A 523 -8.75 8.24 -33.16
N GLU A 524 -8.46 9.37 -33.82
CA GLU A 524 -7.13 10.00 -33.85
C GLU A 524 -6.08 9.04 -34.42
N GLY A 525 -6.33 8.58 -35.63
CA GLY A 525 -5.46 7.63 -36.26
C GLY A 525 -5.93 7.35 -37.67
N LYS A 526 -5.04 6.73 -38.44
CA LYS A 526 -5.34 6.36 -39.82
C LYS A 526 -4.98 4.91 -40.03
N LEU A 527 -5.92 4.13 -40.55
CA LEU A 527 -5.72 2.73 -40.85
C LEU A 527 -6.00 2.48 -42.32
N ALA A 528 -5.21 1.61 -42.92
CA ALA A 528 -5.31 1.29 -44.34
C ALA A 528 -5.69 -0.16 -44.52
N VAL A 529 -6.62 -0.41 -45.43
CA VAL A 529 -6.99 -1.78 -45.79
C VAL A 529 -5.91 -2.31 -46.72
N VAL A 530 -5.10 -3.23 -46.22
CA VAL A 530 -3.98 -3.74 -46.97
C VAL A 530 -4.38 -5.09 -47.56
N ALA A 531 -3.70 -5.48 -48.64
CA ALA A 531 -4.08 -6.66 -49.40
C ALA A 531 -3.66 -7.94 -48.68
N ASP A 532 -3.89 -9.07 -49.35
CA ASP A 532 -3.65 -10.37 -48.73
C ASP A 532 -2.15 -10.70 -48.69
N ASP A 533 -1.45 -10.50 -49.80
CA ASP A 533 -0.04 -10.85 -49.91
C ASP A 533 0.88 -9.64 -49.90
N GLY A 534 0.65 -8.67 -50.79
CA GLY A 534 1.50 -7.51 -50.90
C GLY A 534 0.89 -6.30 -50.20
N VAL A 535 1.74 -5.28 -50.01
CA VAL A 535 1.33 -4.05 -49.32
C VAL A 535 0.84 -3.11 -50.42
N THR A 536 -0.48 -3.09 -50.60
CA THR A 536 -1.15 -2.14 -51.48
C THR A 536 -2.23 -1.46 -50.65
N GLN A 537 -2.07 -0.16 -50.41
CA GLN A 537 -3.05 0.59 -49.64
C GLN A 537 -4.30 0.78 -50.49
N PHE A 538 -5.35 0.01 -50.20
CA PHE A 538 -6.61 0.15 -50.94
C PHE A 538 -7.28 1.47 -50.59
N VAL A 539 -7.64 1.66 -49.34
CA VAL A 539 -8.24 2.89 -48.86
C VAL A 539 -7.77 3.14 -47.43
N VAL A 540 -7.33 4.35 -47.15
CA VAL A 540 -6.98 4.73 -45.79
C VAL A 540 -8.24 5.24 -45.09
N LEU A 541 -8.43 4.80 -43.86
CA LEU A 541 -9.61 5.18 -43.08
C LEU A 541 -9.17 6.14 -41.98
N SER A 542 -9.68 7.37 -42.03
CA SER A 542 -9.32 8.37 -41.05
C SER A 542 -10.20 8.22 -39.81
N ASP A 543 -10.19 9.22 -38.94
CA ASP A 543 -11.05 9.21 -37.77
C ASP A 543 -12.52 9.39 -38.14
N GLY A 544 -13.39 8.90 -37.28
CA GLY A 544 -14.81 8.98 -37.50
C GLY A 544 -15.41 7.80 -38.24
N SER A 545 -14.62 7.12 -39.07
CA SER A 545 -15.11 5.95 -39.79
C SER A 545 -15.08 4.72 -38.88
N TYR A 546 -15.53 3.59 -39.40
CA TYR A 546 -15.52 2.36 -38.63
C TYR A 546 -15.33 1.18 -39.57
N PHE A 547 -14.97 0.05 -38.98
CA PHE A 547 -14.83 -1.19 -39.72
C PHE A 547 -15.02 -2.35 -38.76
N GLY A 548 -14.97 -3.56 -39.29
CA GLY A 548 -15.07 -4.76 -38.48
C GLY A 548 -16.47 -4.98 -37.94
N GLU A 549 -17.47 -4.94 -38.81
CA GLU A 549 -18.86 -5.07 -38.39
C GLU A 549 -19.54 -6.33 -38.91
N ILE A 550 -19.11 -6.87 -40.06
CA ILE A 550 -19.86 -7.97 -40.65
C ILE A 550 -19.58 -9.28 -39.92
N SER A 551 -18.38 -9.45 -39.37
CA SER A 551 -18.03 -10.66 -38.63
C SER A 551 -18.61 -10.67 -37.22
N ILE A 552 -19.16 -9.56 -36.76
CA ILE A 552 -19.94 -9.55 -35.53
C ILE A 552 -21.42 -9.37 -35.79
N LEU A 553 -21.81 -9.10 -37.02
CA LEU A 553 -23.23 -9.14 -37.38
C LEU A 553 -23.70 -10.55 -37.70
N ASN A 554 -22.91 -11.31 -38.47
CA ASN A 554 -23.17 -12.72 -38.84
C ASN A 554 -24.53 -12.90 -39.51
N ILE A 555 -24.63 -12.41 -40.75
CA ILE A 555 -25.90 -12.38 -41.46
C ILE A 555 -25.88 -13.33 -42.64
N LYS A 556 -27.07 -13.79 -43.02
CA LYS A 556 -27.27 -14.75 -44.10
C LYS A 556 -27.47 -14.00 -45.42
N GLY A 557 -27.36 -14.74 -46.52
CA GLY A 557 -27.59 -14.21 -47.85
C GLY A 557 -26.34 -13.81 -48.61
N SER A 558 -25.24 -13.57 -47.91
CA SER A 558 -23.99 -13.14 -48.53
C SER A 558 -23.11 -14.36 -48.81
N LYS A 559 -21.80 -14.12 -48.98
CA LYS A 559 -20.84 -15.22 -49.04
C LYS A 559 -20.80 -15.98 -47.73
N SER A 560 -20.92 -15.26 -46.61
CA SER A 560 -21.08 -15.80 -45.25
C SER A 560 -19.89 -16.69 -44.85
N GLY A 561 -18.72 -16.07 -44.77
CA GLY A 561 -17.55 -16.79 -44.29
C GLY A 561 -17.42 -16.81 -42.78
N ASN A 562 -18.09 -15.88 -42.09
CA ASN A 562 -18.10 -15.75 -40.63
C ASN A 562 -16.72 -15.51 -40.03
N ARG A 563 -15.78 -15.01 -40.83
CA ARG A 563 -14.47 -14.61 -40.39
C ARG A 563 -14.25 -13.14 -40.77
N ARG A 564 -13.05 -12.65 -40.50
CA ARG A 564 -12.70 -11.29 -40.90
C ARG A 564 -12.20 -11.30 -42.33
N THR A 565 -12.86 -10.54 -43.20
CA THR A 565 -12.72 -10.68 -44.64
C THR A 565 -11.66 -9.76 -45.25
N ALA A 566 -10.89 -9.06 -44.44
CA ALA A 566 -9.88 -8.16 -44.98
C ALA A 566 -8.70 -8.10 -44.01
N ASN A 567 -7.67 -7.36 -44.42
CA ASN A 567 -6.52 -7.07 -43.57
C ASN A 567 -6.47 -5.56 -43.32
N ILE A 568 -6.44 -5.18 -42.05
CA ILE A 568 -6.45 -3.78 -41.65
C ILE A 568 -5.13 -3.53 -40.93
N ARG A 569 -4.25 -2.77 -41.56
CA ARG A 569 -2.94 -2.48 -41.00
C ARG A 569 -2.88 -1.03 -40.55
N SER A 570 -1.89 -0.74 -39.70
CA SER A 570 -1.73 0.58 -39.10
C SER A 570 -0.50 1.26 -39.67
N ILE A 571 -0.69 2.48 -40.15
CA ILE A 571 0.46 3.24 -40.66
C ILE A 571 1.08 4.10 -39.55
N GLY A 572 0.32 4.49 -38.54
CA GLY A 572 0.88 5.26 -37.45
C GLY A 572 0.42 4.79 -36.08
N TYR A 573 0.71 5.59 -35.05
CA TYR A 573 0.25 5.30 -33.71
C TYR A 573 -1.26 5.51 -33.61
N SER A 574 -2.02 4.47 -33.90
CA SER A 574 -3.46 4.58 -33.97
C SER A 574 -4.10 4.29 -32.61
N ASP A 575 -5.32 4.78 -32.45
CA ASP A 575 -6.14 4.50 -31.29
C ASP A 575 -7.50 4.09 -31.84
N LEU A 576 -8.07 3.04 -31.27
CA LEU A 576 -9.36 2.54 -31.71
C LEU A 576 -10.31 2.43 -30.53
N PHE A 577 -11.58 2.21 -30.84
CA PHE A 577 -12.61 1.97 -29.85
C PHE A 577 -13.12 0.55 -30.05
N CYS A 578 -12.76 -0.34 -29.15
CA CYS A 578 -13.23 -1.70 -29.24
C CYS A 578 -14.61 -1.81 -28.59
N LEU A 579 -15.45 -2.68 -29.16
CA LEU A 579 -16.73 -2.98 -28.55
C LEU A 579 -17.09 -4.42 -28.88
N SER A 580 -17.60 -5.15 -27.89
CA SER A 580 -17.78 -6.58 -28.03
C SER A 580 -19.01 -6.92 -28.85
N LYS A 581 -19.00 -8.12 -29.43
CA LYS A 581 -20.06 -8.56 -30.33
C LYS A 581 -21.37 -8.79 -29.57
N ASP A 582 -21.31 -9.54 -28.48
CA ASP A 582 -22.50 -9.76 -27.65
C ASP A 582 -22.92 -8.48 -26.93
N ASP A 583 -21.97 -7.58 -26.67
CA ASP A 583 -22.31 -6.28 -26.12
C ASP A 583 -23.13 -5.44 -27.10
N LEU A 584 -22.71 -5.44 -28.37
CA LEU A 584 -23.51 -4.76 -29.40
C LEU A 584 -24.84 -5.46 -29.62
N MET A 585 -24.88 -6.78 -29.48
CA MET A 585 -26.14 -7.50 -29.65
C MET A 585 -27.13 -7.18 -28.53
N GLU A 586 -26.65 -7.09 -27.29
CA GLU A 586 -27.57 -6.73 -26.21
C GLU A 586 -27.84 -5.23 -26.19
N ALA A 587 -27.02 -4.43 -26.87
CA ALA A 587 -27.34 -3.01 -27.01
C ALA A 587 -28.33 -2.75 -28.14
N LEU A 588 -28.39 -3.64 -29.13
CA LEU A 588 -29.27 -3.46 -30.28
C LEU A 588 -30.42 -4.46 -30.31
N THR A 589 -30.60 -5.27 -29.25
CA THR A 589 -31.81 -6.07 -29.18
C THR A 589 -33.05 -5.21 -28.89
N GLU A 590 -32.86 -4.04 -28.27
CA GLU A 590 -33.96 -3.10 -28.09
C GLU A 590 -34.16 -2.23 -29.31
N TYR A 591 -33.06 -1.89 -29.99
CA TYR A 591 -33.10 -1.02 -31.16
C TYR A 591 -32.74 -1.81 -32.41
N PRO A 592 -33.71 -2.20 -33.22
CA PRO A 592 -33.38 -2.94 -34.45
C PRO A 592 -33.21 -2.10 -35.70
N GLU A 593 -33.54 -0.80 -35.66
CA GLU A 593 -33.49 0.00 -36.88
C GLU A 593 -32.06 0.30 -37.30
N ALA A 594 -31.22 0.69 -36.36
CA ALA A 594 -29.80 0.88 -36.64
C ALA A 594 -29.12 -0.45 -36.97
N LYS A 595 -29.63 -1.56 -36.42
CA LYS A 595 -29.06 -2.86 -36.74
C LYS A 595 -29.37 -3.26 -38.18
N LYS A 596 -30.60 -3.03 -38.66
CA LYS A 596 -30.86 -3.28 -40.07
C LYS A 596 -30.18 -2.29 -40.99
N ALA A 597 -29.91 -1.06 -40.52
CA ALA A 597 -29.10 -0.13 -41.32
C ALA A 597 -27.66 -0.63 -41.45
N LEU A 598 -27.11 -1.11 -40.34
CA LEU A 598 -25.75 -1.64 -40.35
C LEU A 598 -25.75 -2.92 -41.17
N GLU A 599 -26.83 -3.69 -41.04
CA GLU A 599 -27.00 -4.93 -41.78
C GLU A 599 -27.01 -4.65 -43.28
N GLU A 600 -27.71 -3.59 -43.66
CA GLU A 600 -27.80 -3.18 -45.07
C GLU A 600 -26.41 -2.84 -45.59
N LYS A 601 -25.65 -2.11 -44.78
CA LYS A 601 -24.28 -1.72 -45.13
C LYS A 601 -23.44 -2.98 -45.35
N GLY A 602 -23.57 -3.94 -44.45
CA GLY A 602 -22.83 -5.19 -44.55
C GLY A 602 -23.18 -5.91 -45.83
N ARG A 603 -24.47 -5.95 -46.17
CA ARG A 603 -24.93 -6.60 -47.38
C ARG A 603 -24.31 -5.92 -48.60
N GLN A 604 -24.29 -4.59 -48.59
CA GLN A 604 -23.71 -3.82 -49.68
C GLN A 604 -22.23 -4.19 -49.84
N ILE A 605 -21.53 -4.24 -48.72
CA ILE A 605 -20.12 -4.60 -48.73
C ILE A 605 -19.93 -5.97 -49.36
N LEU A 606 -20.75 -6.93 -48.94
CA LEU A 606 -20.68 -8.28 -49.48
C LEU A 606 -20.87 -8.25 -50.99
N MET A 607 -21.89 -7.54 -51.44
CA MET A 607 -22.17 -7.42 -52.86
C MET A 607 -20.96 -6.89 -53.61
N LYS A 608 -20.37 -5.82 -53.09
CA LYS A 608 -19.19 -5.22 -53.69
C LYS A 608 -18.06 -6.24 -53.81
N ASP A 609 -17.77 -6.92 -52.71
CA ASP A 609 -16.71 -7.93 -52.68
C ASP A 609 -16.88 -8.88 -51.50
N ILE B 159 15.59 18.21 -42.36
CA ILE B 159 15.85 17.19 -41.36
C ILE B 159 14.93 17.39 -40.16
N VAL B 160 14.40 16.28 -39.64
CA VAL B 160 13.55 16.28 -38.45
C VAL B 160 14.11 15.24 -37.49
N VAL B 161 14.11 15.58 -36.20
CA VAL B 161 14.59 14.69 -35.16
C VAL B 161 13.42 13.94 -34.56
N ASP B 162 13.53 12.63 -34.48
CA ASP B 162 12.49 11.80 -33.87
C ASP B 162 12.56 11.95 -32.36
N PRO B 163 11.49 12.40 -31.68
CA PRO B 163 11.59 12.67 -30.24
C PRO B 163 11.67 11.44 -29.36
N SER B 164 11.38 10.26 -29.89
CA SER B 164 11.53 9.02 -29.14
C SER B 164 12.70 8.18 -29.63
N SER B 165 13.65 8.81 -30.32
CA SER B 165 14.78 8.09 -30.88
C SER B 165 15.93 8.05 -29.88
N ASN B 166 17.09 7.60 -30.35
CA ASN B 166 18.29 7.57 -29.52
C ASN B 166 19.15 8.82 -29.70
N LEU B 167 19.09 9.45 -30.88
CA LEU B 167 19.80 10.70 -31.10
C LEU B 167 19.23 11.81 -30.22
N TYR B 168 17.92 11.80 -30.01
CA TYR B 168 17.30 12.78 -29.13
C TYR B 168 17.71 12.58 -27.68
N TYR B 169 17.95 11.34 -27.27
CA TYR B 169 18.44 11.11 -25.91
C TYR B 169 19.89 11.53 -25.77
N ARG B 170 20.69 11.33 -26.83
CA ARG B 170 22.05 11.85 -26.83
C ARG B 170 22.06 13.37 -26.74
N TRP B 171 21.08 14.01 -27.37
CA TRP B 171 21.00 15.47 -27.27
C TRP B 171 20.52 15.92 -25.89
N LEU B 172 19.62 15.15 -25.27
CA LEU B 172 19.22 15.47 -23.89
C LEU B 172 20.39 15.35 -22.93
N THR B 173 21.30 14.40 -23.16
CA THR B 173 22.52 14.32 -22.38
C THR B 173 23.42 15.53 -22.63
N ALA B 174 23.61 15.88 -23.90
CA ALA B 174 24.51 16.98 -24.27
C ALA B 174 23.96 18.34 -23.84
N ILE B 175 22.67 18.46 -23.56
CA ILE B 175 22.12 19.71 -23.06
C ILE B 175 21.86 19.67 -21.55
N ALA B 176 21.80 18.50 -20.94
CA ALA B 176 21.67 18.40 -19.50
C ALA B 176 23.01 18.41 -18.80
N LEU B 177 24.12 18.37 -19.54
CA LEU B 177 25.39 18.70 -18.90
C LEU B 177 25.56 20.20 -18.62
N PRO B 178 25.36 21.14 -19.57
CA PRO B 178 25.56 22.55 -19.21
C PRO B 178 24.48 23.17 -18.35
N VAL B 179 23.28 22.58 -18.27
CA VAL B 179 22.27 23.11 -17.36
C VAL B 179 22.65 22.79 -15.91
N PHE B 180 23.09 21.56 -15.66
CA PHE B 180 23.66 21.21 -14.38
C PHE B 180 24.97 21.95 -14.10
N TYR B 181 25.67 22.39 -15.14
CA TYR B 181 26.76 23.34 -14.90
C TYR B 181 26.22 24.67 -14.40
N ASN B 182 25.17 25.19 -15.06
CA ASN B 182 24.70 26.54 -14.80
C ASN B 182 24.15 26.70 -13.40
N TRP B 183 23.37 25.72 -12.93
CA TRP B 183 22.76 25.82 -11.59
C TRP B 183 23.83 25.88 -10.50
N TYR B 184 24.60 24.80 -10.39
CA TYR B 184 25.68 24.63 -9.43
C TYR B 184 26.68 25.78 -9.48
N LEU B 185 27.32 25.96 -10.62
CA LEU B 185 28.43 26.90 -10.64
C LEU B 185 28.00 28.36 -10.72
N LEU B 186 26.78 28.68 -11.20
CA LEU B 186 26.38 30.07 -11.13
C LEU B 186 26.03 30.48 -9.72
N ILE B 187 25.38 29.61 -8.93
CA ILE B 187 25.15 30.05 -7.56
C ILE B 187 26.45 30.08 -6.76
N CYS B 188 27.42 29.21 -7.09
CA CYS B 188 28.68 29.23 -6.35
C CYS B 188 29.52 30.45 -6.70
N ARG B 189 29.62 30.78 -8.00
CA ARG B 189 30.39 31.96 -8.40
C ARG B 189 29.74 33.24 -7.92
N ALA B 190 28.41 33.33 -8.05
CA ALA B 190 27.72 34.56 -7.68
C ALA B 190 27.73 34.80 -6.18
N CYS B 191 27.74 33.74 -5.36
CA CYS B 191 27.79 33.98 -3.93
C CYS B 191 29.19 33.98 -3.37
N PHE B 192 30.20 33.55 -4.12
CA PHE B 192 31.53 33.48 -3.54
C PHE B 192 32.46 34.60 -3.98
N ASP B 193 32.37 35.08 -5.23
CA ASP B 193 33.09 36.25 -5.75
C ASP B 193 34.61 36.12 -5.72
N GLU B 194 35.14 34.94 -5.43
CA GLU B 194 36.55 34.65 -5.64
C GLU B 194 36.78 33.51 -6.60
N LEU B 195 35.88 32.52 -6.62
CA LEU B 195 35.90 31.52 -7.67
C LEU B 195 35.64 32.12 -9.03
N GLN B 196 34.88 33.21 -9.09
CA GLN B 196 34.71 33.94 -10.34
C GLN B 196 35.98 34.70 -10.70
N SER B 197 36.57 35.39 -9.73
CA SER B 197 37.68 36.28 -10.02
C SER B 197 38.99 35.56 -10.25
N GLU B 198 39.12 34.31 -9.80
CA GLU B 198 40.37 33.60 -10.03
C GLU B 198 40.42 33.00 -11.44
N TYR B 199 39.46 32.15 -11.78
CA TYR B 199 39.46 31.45 -13.06
C TYR B 199 38.51 32.16 -14.02
N LEU B 200 38.91 33.38 -14.41
CA LEU B 200 38.05 34.25 -15.20
C LEU B 200 37.91 33.75 -16.63
N MET B 201 39.03 33.45 -17.28
CA MET B 201 38.98 32.94 -18.65
C MET B 201 38.38 31.54 -18.71
N LEU B 202 38.54 30.75 -17.65
CA LEU B 202 37.96 29.41 -17.62
C LEU B 202 36.44 29.48 -17.54
N TRP B 203 35.90 30.29 -16.63
CA TRP B 203 34.45 30.43 -16.59
C TRP B 203 33.92 31.17 -17.81
N LEU B 204 34.74 32.02 -18.43
CA LEU B 204 34.30 32.73 -19.63
C LEU B 204 34.17 31.77 -20.81
N VAL B 205 35.14 30.88 -21.00
CA VAL B 205 35.05 29.95 -22.13
C VAL B 205 34.02 28.86 -21.86
N LEU B 206 33.79 28.48 -20.59
CA LEU B 206 32.73 27.52 -20.32
C LEU B 206 31.36 28.15 -20.47
N ASP B 207 31.24 29.45 -20.18
CA ASP B 207 29.98 30.13 -20.39
C ASP B 207 29.69 30.35 -21.87
N TYR B 208 30.73 30.56 -22.66
CA TYR B 208 30.57 30.63 -24.11
C TYR B 208 30.12 29.29 -24.69
N SER B 209 30.70 28.19 -24.19
CA SER B 209 30.26 26.86 -24.62
C SER B 209 28.83 26.57 -24.18
N ALA B 210 28.44 27.03 -22.98
CA ALA B 210 27.08 26.81 -22.50
C ALA B 210 26.06 27.60 -23.31
N ASP B 211 26.41 28.83 -23.72
CA ASP B 211 25.49 29.59 -24.55
C ASP B 211 25.39 29.04 -25.96
N VAL B 212 26.49 28.47 -26.48
CA VAL B 212 26.44 27.83 -27.80
C VAL B 212 25.54 26.59 -27.75
N LEU B 213 25.66 25.79 -26.69
CA LEU B 213 24.75 24.65 -26.53
C LEU B 213 23.31 25.10 -26.32
N TYR B 214 23.10 26.26 -25.69
CA TYR B 214 21.75 26.78 -25.51
C TYR B 214 21.11 27.16 -26.85
N VAL B 215 21.87 27.84 -27.71
CA VAL B 215 21.25 28.25 -28.98
C VAL B 215 21.10 27.05 -29.91
N LEU B 216 21.95 26.03 -29.77
CA LEU B 216 21.69 24.80 -30.51
C LEU B 216 20.47 24.06 -29.99
N ASP B 217 20.17 24.17 -28.70
CA ASP B 217 18.93 23.57 -28.21
C ASP B 217 17.71 24.34 -28.67
N VAL B 218 17.84 25.65 -28.84
CA VAL B 218 16.75 26.44 -29.42
C VAL B 218 16.47 25.97 -30.84
N LEU B 219 17.52 25.75 -31.63
CA LEU B 219 17.32 25.26 -33.00
C LEU B 219 16.79 23.83 -33.04
N VAL B 220 17.23 22.95 -32.12
CA VAL B 220 16.78 21.57 -32.13
C VAL B 220 15.32 21.48 -31.70
N ARG B 221 14.92 22.22 -30.67
CA ARG B 221 13.50 22.29 -30.33
C ARG B 221 12.68 23.02 -31.38
N ALA B 222 13.31 23.84 -32.23
CA ALA B 222 12.58 24.38 -33.36
C ALA B 222 12.33 23.33 -34.43
N ARG B 223 13.29 22.43 -34.66
CA ARG B 223 13.16 21.45 -35.73
C ARG B 223 12.87 20.03 -35.21
N THR B 224 12.38 19.90 -33.99
CA THR B 224 11.98 18.59 -33.47
C THR B 224 10.51 18.34 -33.80
N GLY B 225 10.21 17.14 -34.29
CA GLY B 225 8.86 16.82 -34.71
C GLY B 225 7.98 16.32 -33.58
N PHE B 226 6.69 16.61 -33.71
CA PHE B 226 5.66 16.15 -32.79
C PHE B 226 4.67 15.29 -33.55
N LEU B 227 3.70 14.74 -32.84
CA LEU B 227 2.82 13.71 -33.38
C LEU B 227 1.38 14.22 -33.41
N GLU B 228 0.84 14.36 -34.62
CA GLU B 228 -0.59 14.52 -34.81
C GLU B 228 -1.08 13.38 -35.70
N GLN B 229 -2.27 12.88 -35.37
CA GLN B 229 -2.91 11.72 -36.01
C GLN B 229 -2.01 10.48 -35.99
N GLY B 230 -1.20 10.34 -34.95
CA GLY B 230 -0.36 9.18 -34.79
C GLY B 230 0.83 9.07 -35.72
N LEU B 231 1.13 10.11 -36.49
CA LEU B 231 2.20 10.06 -37.46
C LEU B 231 3.26 11.12 -37.17
N MET B 232 4.38 11.02 -37.87
CA MET B 232 5.47 11.96 -37.75
C MET B 232 5.22 13.17 -38.65
N VAL B 233 5.30 14.36 -38.08
CA VAL B 233 5.17 15.60 -38.84
C VAL B 233 6.54 16.01 -39.35
N SER B 234 6.66 16.14 -40.66
CA SER B 234 7.91 16.57 -41.28
C SER B 234 7.82 17.97 -41.88
N ASP B 235 6.67 18.61 -41.76
CA ASP B 235 6.52 20.00 -42.20
C ASP B 235 7.24 20.89 -41.20
N THR B 236 8.46 21.32 -41.55
CA THR B 236 9.27 22.09 -40.62
C THR B 236 8.72 23.49 -40.37
N ASN B 237 7.91 24.03 -41.29
CA ASN B 237 7.19 25.26 -41.01
C ASN B 237 6.13 25.04 -39.94
N ARG B 238 5.42 23.92 -40.02
CA ARG B 238 4.44 23.57 -38.99
C ARG B 238 5.12 23.31 -37.66
N LEU B 239 6.34 22.75 -37.69
CA LEU B 239 7.12 22.57 -36.46
C LEU B 239 7.51 23.93 -35.87
N TRP B 240 7.84 24.88 -36.74
CA TRP B 240 8.18 26.22 -36.27
C TRP B 240 6.99 26.91 -35.60
N GLN B 241 5.81 26.82 -36.20
CA GLN B 241 4.65 27.45 -35.56
C GLN B 241 4.24 26.71 -34.29
N HIS B 242 4.33 25.37 -34.29
CA HIS B 242 3.94 24.59 -33.12
C HIS B 242 4.88 24.85 -31.94
N TYR B 243 6.17 25.00 -32.22
CA TYR B 243 7.10 25.33 -31.14
C TYR B 243 6.95 26.79 -30.73
N LYS B 244 6.65 27.68 -31.68
CA LYS B 244 6.61 29.10 -31.38
C LYS B 244 5.39 29.49 -30.56
N THR B 245 4.29 28.75 -30.67
CA THR B 245 3.15 29.07 -29.83
C THR B 245 3.23 28.46 -28.43
N THR B 246 4.30 27.73 -28.10
CA THR B 246 4.46 27.16 -26.77
C THR B 246 5.24 28.11 -25.87
N THR B 247 5.16 27.85 -24.56
CA THR B 247 5.86 28.66 -23.58
C THR B 247 7.32 28.24 -23.40
N GLN B 248 7.70 27.06 -23.89
CA GLN B 248 9.09 26.67 -23.86
C GLN B 248 9.94 27.54 -24.76
N PHE B 249 9.38 28.02 -25.87
CA PHE B 249 10.10 28.95 -26.74
C PHE B 249 10.29 30.30 -26.06
N LYS B 250 9.29 30.75 -25.30
CA LYS B 250 9.42 31.99 -24.55
C LYS B 250 10.46 31.85 -23.45
N LEU B 251 10.50 30.68 -22.80
CA LEU B 251 11.53 30.43 -21.79
C LEU B 251 12.92 30.36 -22.41
N ASP B 252 13.03 29.84 -23.63
CA ASP B 252 14.34 29.72 -24.26
C ASP B 252 14.86 31.08 -24.71
N VAL B 253 14.01 31.91 -25.31
CA VAL B 253 14.46 33.25 -25.67
C VAL B 253 14.58 34.15 -24.44
N LEU B 254 13.97 33.80 -23.32
CA LEU B 254 14.25 34.51 -22.08
C LEU B 254 15.61 34.12 -21.54
N SER B 255 15.99 32.84 -21.69
CA SER B 255 17.27 32.36 -21.19
C SER B 255 18.41 32.66 -22.15
N LEU B 256 18.13 33.17 -23.35
CA LEU B 256 19.18 33.56 -24.28
C LEU B 256 19.28 35.08 -24.40
N VAL B 257 19.09 35.78 -23.29
CA VAL B 257 19.25 37.24 -23.24
C VAL B 257 20.65 37.53 -22.72
N PRO B 258 21.51 38.22 -23.47
CA PRO B 258 22.88 38.54 -23.03
C PRO B 258 22.92 39.57 -21.90
N TYR B 270 31.14 40.21 -11.77
CA TYR B 270 29.75 39.95 -11.41
C TYR B 270 29.12 38.88 -12.30
N PRO B 271 29.07 37.64 -11.82
CA PRO B 271 28.36 36.60 -12.55
C PRO B 271 26.90 36.50 -12.13
N GLU B 272 26.39 37.51 -11.43
CA GLU B 272 24.99 37.54 -11.05
C GLU B 272 24.09 38.08 -12.16
N VAL B 273 24.67 38.49 -13.30
CA VAL B 273 23.88 38.94 -14.43
C VAL B 273 23.50 37.82 -15.37
N ARG B 274 23.96 36.60 -15.11
CA ARG B 274 23.68 35.45 -15.96
C ARG B 274 22.67 34.50 -15.33
N PHE B 275 21.82 35.02 -14.46
CA PHE B 275 20.89 34.15 -13.73
C PHE B 275 19.69 33.75 -14.57
N ASN B 276 19.58 34.21 -15.81
CA ASN B 276 18.54 33.71 -16.68
C ASN B 276 18.89 32.38 -17.32
N ARG B 277 20.14 31.94 -17.22
CA ARG B 277 20.54 30.67 -17.79
C ARG B 277 20.02 29.47 -17.01
N LEU B 278 19.44 29.69 -15.83
CA LEU B 278 18.84 28.60 -15.07
C LEU B 278 17.42 28.29 -15.54
N LEU B 279 16.93 28.98 -16.56
CA LEU B 279 15.55 28.81 -16.97
C LEU B 279 15.33 27.54 -17.79
N LYS B 280 16.38 26.91 -18.29
CA LYS B 280 16.23 25.64 -19.01
C LYS B 280 16.35 24.47 -18.04
N PHE B 281 15.41 24.43 -17.09
CA PHE B 281 15.33 23.32 -16.15
C PHE B 281 14.50 22.16 -16.67
N SER B 282 13.58 22.43 -17.59
CA SER B 282 12.75 21.39 -18.17
C SER B 282 13.54 20.41 -19.02
N ARG B 283 14.65 20.84 -19.61
CA ARG B 283 15.48 19.90 -20.37
C ARG B 283 16.20 18.94 -19.45
N LEU B 284 16.69 19.42 -18.30
CA LEU B 284 17.32 18.54 -17.33
C LEU B 284 16.31 17.59 -16.72
N PHE B 285 15.10 18.08 -16.42
CA PHE B 285 14.08 17.20 -15.87
C PHE B 285 13.62 16.17 -16.89
N GLU B 286 13.54 16.55 -18.17
CA GLU B 286 13.18 15.58 -19.20
C GLU B 286 14.29 14.57 -19.43
N PHE B 287 15.55 14.98 -19.25
CA PHE B 287 16.65 14.03 -19.34
C PHE B 287 16.60 13.03 -18.20
N PHE B 288 16.29 13.49 -16.98
CA PHE B 288 16.18 12.58 -15.86
C PHE B 288 15.00 11.62 -16.02
N ASP B 289 13.89 12.10 -16.58
CA ASP B 289 12.76 11.20 -16.81
C ASP B 289 13.03 10.21 -17.93
N ARG B 290 13.73 10.64 -18.99
CA ARG B 290 14.06 9.74 -20.08
C ARG B 290 15.06 8.68 -19.65
N THR B 291 16.01 9.04 -18.79
CA THR B 291 16.91 8.02 -18.26
C THR B 291 16.19 7.10 -17.29
N GLU B 292 15.25 7.62 -16.50
CA GLU B 292 14.48 6.76 -15.60
C GLU B 292 13.55 5.82 -16.35
N THR B 293 13.19 6.15 -17.60
CA THR B 293 12.48 5.18 -18.43
C THR B 293 13.44 4.19 -19.08
N ARG B 294 14.55 4.67 -19.65
CA ARG B 294 15.35 3.82 -20.52
C ARG B 294 16.38 2.95 -19.79
N THR B 295 16.80 3.30 -18.58
CA THR B 295 17.94 2.60 -18.02
C THR B 295 17.55 1.27 -17.40
N ASN B 296 18.54 0.41 -17.20
CA ASN B 296 18.33 -0.92 -16.65
C ASN B 296 18.58 -0.99 -15.14
N TYR B 297 18.78 0.16 -14.50
CA TYR B 297 18.87 0.24 -13.04
C TYR B 297 17.95 1.36 -12.59
N PRO B 298 16.66 1.10 -12.47
CA PRO B 298 15.73 2.18 -12.13
C PRO B 298 15.84 2.63 -10.68
N ASN B 299 16.00 1.71 -9.74
CA ASN B 299 16.13 2.12 -8.35
C ASN B 299 17.49 2.74 -8.06
N MET B 300 18.54 2.27 -8.72
CA MET B 300 19.85 2.90 -8.59
C MET B 300 19.84 4.30 -9.19
N PHE B 301 19.13 4.49 -10.30
CA PHE B 301 19.04 5.84 -10.84
C PHE B 301 18.16 6.73 -9.99
N ARG B 302 17.14 6.18 -9.34
CA ARG B 302 16.33 7.00 -8.43
C ARG B 302 17.14 7.44 -7.22
N ILE B 303 18.02 6.57 -6.72
CA ILE B 303 18.91 6.96 -5.63
C ILE B 303 19.89 8.02 -6.10
N GLY B 304 20.44 7.86 -7.31
CA GLY B 304 21.38 8.85 -7.82
C GLY B 304 20.73 10.22 -8.04
N ASN B 305 19.49 10.22 -8.51
CA ASN B 305 18.76 11.46 -8.70
C ASN B 305 18.39 12.11 -7.37
N LEU B 306 18.08 11.31 -6.34
CA LEU B 306 17.74 11.87 -5.04
C LEU B 306 18.96 12.46 -4.35
N VAL B 307 20.11 11.78 -4.42
CA VAL B 307 21.33 12.34 -3.84
C VAL B 307 21.78 13.57 -4.62
N LEU B 308 21.53 13.61 -5.93
CA LEU B 308 21.88 14.81 -6.69
C LEU B 308 20.99 15.99 -6.31
N TYR B 309 19.70 15.72 -6.04
CA TYR B 309 18.81 16.79 -5.60
C TYR B 309 19.21 17.35 -4.24
N ILE B 310 19.51 16.46 -3.28
CA ILE B 310 19.86 17.00 -1.96
C ILE B 310 21.27 17.60 -1.95
N LEU B 311 22.15 17.20 -2.88
CA LEU B 311 23.43 17.88 -2.97
C LEU B 311 23.29 19.26 -3.58
N ILE B 312 22.37 19.43 -4.54
CA ILE B 312 22.09 20.76 -5.06
C ILE B 312 21.50 21.65 -3.96
N ILE B 313 20.63 21.10 -3.12
CA ILE B 313 20.02 21.90 -2.05
C ILE B 313 21.05 22.28 -0.99
N ILE B 314 21.94 21.35 -0.64
CA ILE B 314 23.01 21.63 0.32
C ILE B 314 23.96 22.69 -0.22
N HIS B 315 24.31 22.59 -1.50
CA HIS B 315 25.22 23.56 -2.09
C HIS B 315 24.60 24.95 -2.21
N TRP B 316 23.31 25.01 -2.57
CA TRP B 316 22.64 26.29 -2.66
C TRP B 316 22.47 26.94 -1.29
N ASN B 317 22.24 26.13 -0.25
CA ASN B 317 22.18 26.69 1.09
C ASN B 317 23.55 27.15 1.59
N ALA B 318 24.62 26.47 1.17
CA ALA B 318 25.96 26.92 1.53
C ALA B 318 26.29 28.27 0.89
N CYS B 319 25.92 28.42 -0.38
CA CYS B 319 26.12 29.69 -1.05
C CYS B 319 25.26 30.79 -0.43
N ILE B 320 24.04 30.45 0.02
CA ILE B 320 23.16 31.44 0.64
C ILE B 320 23.70 31.85 2.01
N TYR B 321 24.26 30.91 2.77
CA TYR B 321 24.86 31.24 4.05
C TYR B 321 26.07 32.14 3.89
N PHE B 322 26.92 31.86 2.89
CA PHE B 322 28.06 32.73 2.69
C PHE B 322 27.64 34.10 2.18
N ALA B 323 26.53 34.18 1.44
CA ALA B 323 26.04 35.49 1.01
C ALA B 323 25.48 36.30 2.17
N ILE B 324 24.78 35.65 3.10
CA ILE B 324 24.29 36.36 4.28
C ILE B 324 25.43 36.78 5.18
N SER B 325 26.48 35.96 5.28
CA SER B 325 27.65 36.35 6.08
C SER B 325 28.39 37.51 5.44
N LYS B 326 28.46 37.55 4.10
CA LYS B 326 29.05 38.70 3.42
C LYS B 326 28.18 39.95 3.57
N PHE B 327 26.87 39.78 3.65
CA PHE B 327 25.98 40.93 3.78
C PHE B 327 26.03 41.52 5.19
N ILE B 328 26.22 40.69 6.21
CA ILE B 328 26.31 41.19 7.58
C ILE B 328 27.74 41.64 7.92
N GLY B 329 28.74 41.06 7.29
CA GLY B 329 30.12 41.33 7.62
C GLY B 329 30.79 40.08 8.15
N PHE B 330 32.11 40.03 7.95
CA PHE B 330 32.88 38.83 8.25
C PHE B 330 33.49 38.97 9.63
N GLY B 331 33.21 38.00 10.50
CA GLY B 331 33.84 37.94 11.80
C GLY B 331 33.37 38.98 12.80
N THR B 332 32.28 39.69 12.52
CA THR B 332 31.77 40.63 13.51
C THR B 332 31.04 39.91 14.62
N ASP B 333 30.12 39.03 14.26
CA ASP B 333 29.37 38.24 15.22
C ASP B 333 30.08 36.92 15.45
N SER B 334 29.39 35.97 16.08
CA SER B 334 29.90 34.62 16.21
C SER B 334 29.19 33.63 15.29
N TRP B 335 28.07 34.02 14.69
CA TRP B 335 27.34 33.12 13.82
C TRP B 335 27.87 33.18 12.39
N VAL B 336 28.29 34.36 11.94
CA VAL B 336 28.74 34.56 10.57
C VAL B 336 30.08 33.87 10.35
N TYR B 337 30.49 33.79 9.09
CA TYR B 337 31.82 33.30 8.77
C TYR B 337 32.87 34.24 9.36
N PRO B 338 34.00 33.72 9.83
CA PRO B 338 34.99 34.59 10.50
C PRO B 338 35.69 35.59 9.59
N ASN B 339 36.66 36.30 10.16
CA ASN B 339 37.34 37.39 9.47
C ASN B 339 38.20 36.86 8.34
N ILE B 340 37.93 37.31 7.11
CA ILE B 340 38.62 36.78 5.94
C ILE B 340 40.02 37.33 5.75
N SER B 341 40.43 38.33 6.54
CA SER B 341 41.81 38.78 6.48
C SER B 341 42.74 37.79 7.15
N ILE B 342 42.22 37.00 8.08
CA ILE B 342 43.04 35.95 8.71
C ILE B 342 43.21 34.80 7.71
N PRO B 343 44.45 34.36 7.45
CA PRO B 343 44.65 33.35 6.39
C PRO B 343 44.18 31.95 6.76
N GLU B 344 43.78 31.71 8.01
CA GLU B 344 43.19 30.42 8.34
C GLU B 344 41.79 30.30 7.76
N HIS B 345 41.02 31.40 7.77
CA HIS B 345 39.70 31.43 7.17
C HIS B 345 39.68 32.12 5.81
N GLY B 346 40.83 32.52 5.29
CA GLY B 346 40.87 33.28 4.06
C GLY B 346 40.91 32.48 2.78
N ARG B 347 41.26 31.20 2.86
CA ARG B 347 41.42 30.38 1.67
C ARG B 347 40.07 29.99 1.09
N LEU B 348 40.03 29.80 -0.23
CA LEU B 348 38.77 29.49 -0.89
C LEU B 348 38.30 28.07 -0.61
N SER B 349 39.22 27.13 -0.49
CA SER B 349 38.83 25.76 -0.14
C SER B 349 38.27 25.71 1.27
N ARG B 350 38.88 26.43 2.20
CA ARG B 350 38.38 26.50 3.57
C ARG B 350 37.03 27.20 3.63
N LYS B 351 36.86 28.26 2.83
CA LYS B 351 35.57 28.97 2.79
C LYS B 351 34.46 28.08 2.27
N TYR B 352 34.72 27.35 1.17
CA TYR B 352 33.67 26.54 0.58
C TYR B 352 33.36 25.32 1.43
N ILE B 353 34.38 24.70 2.02
CA ILE B 353 34.08 23.52 2.83
C ILE B 353 33.45 23.92 4.16
N TYR B 354 33.74 25.11 4.70
CA TYR B 354 33.02 25.51 5.90
C TYR B 354 31.58 25.90 5.62
N SER B 355 31.30 26.52 4.47
CA SER B 355 29.90 26.78 4.14
C SER B 355 29.14 25.49 3.88
N LEU B 356 29.79 24.49 3.28
CA LEU B 356 29.16 23.21 3.07
C LEU B 356 28.91 22.49 4.38
N TYR B 357 29.84 22.62 5.33
CA TYR B 357 29.66 22.01 6.64
C TYR B 357 28.54 22.68 7.41
N TRP B 358 28.43 24.00 7.31
CA TRP B 358 27.34 24.70 7.98
C TRP B 358 26.00 24.32 7.39
N SER B 359 25.92 24.15 6.07
CA SER B 359 24.61 23.81 5.53
C SER B 359 24.25 22.35 5.72
N THR B 360 25.22 21.45 5.80
CA THR B 360 24.90 20.09 6.20
C THR B 360 24.38 20.05 7.64
N LEU B 361 25.06 20.77 8.55
CA LEU B 361 24.62 20.82 9.94
C LEU B 361 23.26 21.47 10.11
N THR B 362 22.94 22.49 9.30
CA THR B 362 21.65 23.14 9.46
C THR B 362 20.54 22.34 8.81
N LEU B 363 20.75 21.81 7.60
CA LEU B 363 19.67 21.14 6.89
C LEU B 363 19.39 19.73 7.39
N THR B 364 20.38 19.01 7.92
CA THR B 364 20.06 17.70 8.48
C THR B 364 19.51 17.79 9.90
N THR B 365 19.37 19.00 10.43
CA THR B 365 18.88 19.29 11.78
C THR B 365 19.68 18.56 12.85
N ILE B 366 20.98 18.80 12.84
CA ILE B 366 21.87 18.35 13.90
C ILE B 366 22.12 19.46 14.90
N GLY B 367 22.44 20.66 14.43
CA GLY B 367 22.46 21.82 15.28
C GLY B 367 23.73 22.04 16.06
N GLU B 368 24.88 21.62 15.54
CA GLU B 368 26.16 21.91 16.17
C GLU B 368 26.76 23.23 15.69
N THR B 369 25.99 24.02 14.94
CA THR B 369 26.41 25.34 14.51
C THR B 369 26.54 26.28 15.72
N PRO B 370 27.35 27.34 15.61
CA PRO B 370 27.32 28.39 16.62
C PRO B 370 25.97 29.08 16.63
N PRO B 371 25.53 29.55 17.80
CA PRO B 371 24.19 30.12 17.89
C PRO B 371 24.17 31.53 17.35
N PRO B 372 23.06 31.95 16.75
CA PRO B 372 22.99 33.28 16.15
C PRO B 372 22.84 34.38 17.18
N VAL B 373 23.22 35.59 16.77
CA VAL B 373 23.16 36.77 17.63
C VAL B 373 22.14 37.79 17.12
N LYS B 374 22.28 38.23 15.88
CA LYS B 374 21.39 39.28 15.37
C LYS B 374 20.02 38.71 15.00
N ASP B 375 19.08 39.64 14.80
CA ASP B 375 17.70 39.25 14.52
C ASP B 375 17.56 38.63 13.14
N GLU B 376 18.29 39.16 12.15
CA GLU B 376 18.25 38.56 10.81
C GLU B 376 18.87 37.18 10.80
N GLU B 377 19.90 36.96 11.61
CA GLU B 377 20.49 35.63 11.72
C GLU B 377 19.53 34.66 12.39
N TYR B 378 18.83 35.11 13.44
CA TYR B 378 17.83 34.27 14.09
C TYR B 378 16.70 33.90 13.13
N LEU B 379 16.25 34.86 12.32
CA LEU B 379 15.18 34.58 11.38
C LEU B 379 15.64 33.64 10.26
N PHE B 380 16.89 33.79 9.82
CA PHE B 380 17.40 32.89 8.79
C PHE B 380 17.60 31.48 9.33
N VAL B 381 18.00 31.34 10.59
CA VAL B 381 18.16 30.01 11.16
C VAL B 381 16.81 29.34 11.42
N VAL B 382 15.77 30.13 11.74
CA VAL B 382 14.43 29.55 11.88
C VAL B 382 13.90 29.06 10.53
N VAL B 383 14.02 29.90 9.49
CA VAL B 383 13.55 29.50 8.16
C VAL B 383 14.35 28.31 7.63
N ASP B 384 15.66 28.30 7.92
CA ASP B 384 16.51 27.21 7.47
C ASP B 384 16.23 25.91 8.21
N PHE B 385 15.89 25.98 9.49
CA PHE B 385 15.54 24.74 10.20
C PHE B 385 14.18 24.20 9.79
N LEU B 386 13.24 25.07 9.43
CA LEU B 386 11.97 24.56 8.92
C LEU B 386 12.15 23.93 7.53
N VAL B 387 13.00 24.54 6.69
CA VAL B 387 13.34 23.95 5.41
C VAL B 387 14.08 22.63 5.59
N GLY B 388 14.93 22.54 6.62
CA GLY B 388 15.64 21.31 6.90
C GLY B 388 14.74 20.20 7.40
N VAL B 389 13.71 20.54 8.17
CA VAL B 389 12.73 19.55 8.60
C VAL B 389 11.95 19.01 7.41
N LEU B 390 11.54 19.90 6.50
CA LEU B 390 10.79 19.41 5.34
C LEU B 390 11.66 18.64 4.36
N ILE B 391 12.94 19.01 4.22
CA ILE B 391 13.85 18.27 3.34
C ILE B 391 14.21 16.91 3.94
N PHE B 392 14.39 16.84 5.26
CA PHE B 392 14.64 15.55 5.89
C PHE B 392 13.41 14.65 5.81
N ALA B 393 12.21 15.22 5.88
CA ALA B 393 11.01 14.42 5.67
C ALA B 393 10.90 13.94 4.23
N THR B 394 11.32 14.76 3.27
CA THR B 394 11.34 14.32 1.87
C THR B 394 12.33 13.19 1.64
N ILE B 395 13.51 13.27 2.27
CA ILE B 395 14.50 12.20 2.16
C ILE B 395 13.99 10.90 2.78
N VAL B 396 13.37 11.00 3.96
CA VAL B 396 12.83 9.83 4.63
C VAL B 396 11.70 9.20 3.81
N GLY B 397 10.84 10.03 3.23
CA GLY B 397 9.75 9.51 2.41
C GLY B 397 10.21 8.88 1.12
N ASN B 398 11.20 9.48 0.45
CA ASN B 398 11.69 8.90 -0.80
C ASN B 398 12.50 7.63 -0.57
N VAL B 399 13.28 7.57 0.51
CA VAL B 399 14.04 6.35 0.78
C VAL B 399 13.12 5.25 1.28
N GLY B 400 12.04 5.61 1.99
CA GLY B 400 11.04 4.61 2.37
C GLY B 400 10.26 4.08 1.18
N SER B 401 9.94 4.95 0.22
CA SER B 401 9.30 4.49 -1.01
C SER B 401 10.25 3.64 -1.84
N MET B 402 11.54 3.96 -1.84
CA MET B 402 12.53 3.15 -2.54
C MET B 402 12.64 1.76 -1.91
N ILE B 403 12.63 1.69 -0.57
CA ILE B 403 12.70 0.40 0.13
C ILE B 403 11.44 -0.41 -0.15
N SER B 404 10.27 0.23 -0.14
CA SER B 404 9.00 -0.47 -0.34
C SER B 404 8.88 -1.02 -1.75
N ASN B 405 9.13 -0.20 -2.77
CA ASN B 405 9.03 -0.75 -4.11
C ASN B 405 10.26 -1.55 -4.52
N MET B 406 11.32 -1.56 -3.70
CA MET B 406 12.44 -2.47 -3.95
C MET B 406 12.15 -3.86 -3.42
N ASN B 407 11.50 -3.97 -2.26
CA ASN B 407 11.23 -5.28 -1.67
C ASN B 407 9.76 -5.67 -1.74
N ALA B 408 8.97 -5.01 -2.58
CA ALA B 408 7.53 -5.32 -2.67
C ALA B 408 7.26 -6.71 -3.21
N SER B 409 8.02 -7.15 -4.22
CA SER B 409 7.78 -8.46 -4.83
C SER B 409 8.14 -9.59 -3.87
N ARG B 410 9.30 -9.48 -3.21
CA ARG B 410 9.68 -10.47 -2.23
C ARG B 410 8.74 -10.44 -1.02
N ALA B 411 8.23 -9.27 -0.66
CA ALA B 411 7.29 -9.18 0.46
C ALA B 411 5.94 -9.79 0.12
N GLU B 412 5.45 -9.61 -1.11
CA GLU B 412 4.15 -10.19 -1.44
C GLU B 412 4.26 -11.70 -1.63
N PHE B 413 5.40 -12.20 -2.11
CA PHE B 413 5.56 -13.64 -2.14
C PHE B 413 5.75 -14.21 -0.74
N GLN B 414 6.40 -13.47 0.17
CA GLN B 414 6.47 -13.91 1.55
C GLN B 414 5.09 -13.88 2.22
N ALA B 415 4.23 -12.95 1.81
CA ALA B 415 2.87 -12.92 2.34
C ALA B 415 2.03 -14.07 1.78
N LYS B 416 2.27 -14.46 0.52
CA LYS B 416 1.61 -15.64 -0.03
C LYS B 416 2.07 -16.91 0.70
N ILE B 417 3.37 -17.01 0.95
CA ILE B 417 3.94 -18.15 1.68
C ILE B 417 3.38 -18.19 3.10
N ASP B 418 3.25 -17.01 3.73
CA ASP B 418 2.73 -16.94 5.09
C ASP B 418 1.25 -17.28 5.16
N SER B 419 0.48 -16.87 4.16
CA SER B 419 -0.94 -17.21 4.14
C SER B 419 -1.14 -18.71 3.93
N ILE B 420 -0.34 -19.30 3.05
CA ILE B 420 -0.31 -20.75 2.86
C ILE B 420 0.04 -21.46 4.17
N LYS B 421 1.10 -20.98 4.84
CA LYS B 421 1.62 -21.69 6.00
C LYS B 421 0.72 -21.55 7.21
N GLN B 422 0.11 -20.39 7.42
CA GLN B 422 -0.82 -20.28 8.54
C GLN B 422 -2.15 -20.96 8.25
N TYR B 423 -2.57 -21.06 6.98
CA TYR B 423 -3.76 -21.83 6.68
C TYR B 423 -3.52 -23.33 6.89
N MET B 424 -2.33 -23.82 6.53
CA MET B 424 -2.02 -25.21 6.79
C MET B 424 -1.74 -25.48 8.25
N GLN B 425 -1.22 -24.50 8.99
CA GLN B 425 -1.11 -24.65 10.45
C GLN B 425 -2.46 -24.65 11.11
N PHE B 426 -3.45 -23.96 10.51
CA PHE B 426 -4.81 -24.04 11.02
C PHE B 426 -5.43 -25.39 10.73
N ARG B 427 -5.17 -25.95 9.55
CA ARG B 427 -5.85 -27.18 9.14
C ARG B 427 -5.03 -28.45 9.39
N LYS B 428 -3.87 -28.33 10.06
CA LYS B 428 -3.05 -29.46 10.55
C LYS B 428 -2.59 -30.36 9.40
N VAL B 429 -1.72 -29.79 8.56
CA VAL B 429 -1.25 -30.48 7.37
C VAL B 429 -0.34 -31.66 7.73
N THR B 430 -0.37 -32.70 6.89
CA THR B 430 0.58 -33.79 7.01
C THR B 430 1.99 -33.33 6.61
N LYS B 431 2.98 -34.07 7.13
CA LYS B 431 4.37 -33.64 7.03
C LYS B 431 4.90 -33.76 5.62
N ASP B 432 4.55 -34.83 4.90
CA ASP B 432 5.03 -34.99 3.53
C ASP B 432 4.41 -33.98 2.58
N LEU B 433 3.12 -33.67 2.78
CA LEU B 433 2.46 -32.68 1.92
C LEU B 433 3.00 -31.29 2.19
N GLU B 434 3.24 -30.94 3.46
CA GLU B 434 3.85 -29.64 3.74
C GLU B 434 5.30 -29.57 3.30
N THR B 435 6.03 -30.70 3.35
CA THR B 435 7.38 -30.70 2.82
C THR B 435 7.38 -30.53 1.31
N ARG B 436 6.36 -31.08 0.63
CA ARG B 436 6.20 -30.81 -0.80
C ARG B 436 5.87 -29.35 -1.06
N VAL B 437 5.08 -28.73 -0.18
CA VAL B 437 4.73 -27.32 -0.33
C VAL B 437 5.97 -26.43 -0.17
N ILE B 438 6.77 -26.69 0.87
CA ILE B 438 7.98 -25.90 1.10
C ILE B 438 9.01 -26.19 0.01
N ARG B 439 9.08 -27.41 -0.50
CA ARG B 439 10.00 -27.72 -1.59
C ARG B 439 9.57 -27.04 -2.89
N TRP B 440 8.25 -26.92 -3.10
CA TRP B 440 7.76 -26.21 -4.28
C TRP B 440 8.06 -24.73 -4.21
N PHE B 441 7.83 -24.11 -3.04
CA PHE B 441 8.13 -22.70 -2.88
C PHE B 441 9.64 -22.44 -2.92
N ASP B 442 10.44 -23.41 -2.47
CA ASP B 442 11.89 -23.27 -2.56
C ASP B 442 12.38 -23.43 -3.98
N TYR B 443 11.74 -24.30 -4.77
CA TYR B 443 12.04 -24.41 -6.19
C TYR B 443 11.68 -23.11 -6.92
N LEU B 444 10.56 -22.50 -6.54
CA LEU B 444 10.16 -21.21 -7.10
C LEU B 444 11.18 -20.14 -6.75
N TRP B 445 11.59 -20.08 -5.48
CA TRP B 445 12.53 -19.06 -5.03
C TRP B 445 13.93 -19.28 -5.60
N ALA B 446 14.29 -20.51 -5.92
CA ALA B 446 15.60 -20.80 -6.47
C ALA B 446 15.67 -20.66 -7.98
N ASN B 447 14.55 -20.84 -8.69
CA ASN B 447 14.55 -20.68 -10.13
C ASN B 447 13.88 -19.39 -10.59
N LYS B 448 13.52 -18.51 -9.65
CA LYS B 448 13.09 -17.13 -9.92
C LYS B 448 11.80 -17.10 -10.76
N LYS B 449 10.87 -17.99 -10.44
CA LYS B 449 9.54 -17.94 -11.03
C LYS B 449 8.53 -17.33 -10.06
N THR B 450 8.93 -16.25 -9.40
CA THR B 450 7.97 -15.44 -8.65
C THR B 450 7.21 -14.48 -9.56
N VAL B 451 7.72 -14.24 -10.77
CA VAL B 451 7.04 -13.35 -11.71
C VAL B 451 5.88 -14.09 -12.37
N ASP B 452 4.78 -13.38 -12.57
CA ASP B 452 3.57 -13.96 -13.15
C ASP B 452 3.35 -13.31 -14.52
N GLU B 453 3.28 -14.16 -15.55
CA GLU B 453 3.25 -13.68 -16.93
C GLU B 453 1.96 -12.93 -17.25
N LYS B 454 0.81 -13.54 -16.93
CA LYS B 454 -0.47 -12.88 -17.20
C LYS B 454 -0.68 -11.67 -16.31
N GLU B 455 -0.10 -11.66 -15.12
CA GLU B 455 -0.25 -10.53 -14.23
C GLU B 455 0.61 -9.34 -14.67
N VAL B 456 1.78 -9.60 -15.25
CA VAL B 456 2.64 -8.48 -15.60
C VAL B 456 2.45 -8.02 -17.05
N LEU B 457 2.06 -8.90 -17.98
CA LEU B 457 1.96 -8.48 -19.38
C LEU B 457 0.61 -7.85 -19.73
N LYS B 458 -0.23 -7.47 -18.78
CA LYS B 458 -1.53 -6.90 -19.16
C LYS B 458 -1.42 -5.49 -19.72
N SER B 459 -0.36 -4.76 -19.40
CA SER B 459 -0.25 -3.38 -19.83
C SER B 459 0.24 -3.25 -21.27
N LEU B 460 0.66 -4.32 -21.88
CA LEU B 460 1.10 -4.29 -23.27
C LEU B 460 -0.08 -4.46 -24.20
N PRO B 461 0.03 -4.02 -25.47
CA PRO B 461 -1.02 -4.32 -26.45
C PRO B 461 -1.00 -5.77 -26.87
N ASP B 462 -1.94 -6.16 -27.74
CA ASP B 462 -2.12 -7.59 -28.04
C ASP B 462 -0.98 -8.14 -28.88
N LYS B 463 -0.53 -7.39 -29.88
CA LYS B 463 0.58 -7.88 -30.70
C LYS B 463 1.90 -7.82 -29.97
N LEU B 464 2.07 -6.86 -29.07
CA LEU B 464 3.30 -6.86 -28.26
C LEU B 464 3.26 -7.95 -27.21
N LYS B 465 2.06 -8.35 -26.76
CA LYS B 465 1.94 -9.54 -25.93
C LYS B 465 2.29 -10.78 -26.74
N ALA B 466 1.91 -10.78 -28.02
CA ALA B 466 2.12 -11.94 -28.86
C ALA B 466 3.57 -12.08 -29.34
N GLU B 467 4.33 -11.00 -29.43
CA GLU B 467 5.65 -11.13 -30.06
C GLU B 467 6.72 -11.66 -29.10
N ILE B 468 6.71 -11.23 -27.84
CA ILE B 468 7.59 -11.85 -26.85
C ILE B 468 7.19 -13.31 -26.62
N ALA B 469 5.88 -13.57 -26.62
CA ALA B 469 5.38 -14.93 -26.46
C ALA B 469 5.73 -15.81 -27.65
N ILE B 470 5.73 -15.27 -28.86
CA ILE B 470 6.08 -16.08 -30.02
C ILE B 470 7.59 -16.26 -30.08
N ASN B 471 8.36 -15.34 -29.50
CA ASN B 471 9.80 -15.56 -29.33
C ASN B 471 10.06 -16.76 -28.43
N VAL B 472 9.52 -16.74 -27.21
CA VAL B 472 9.82 -17.80 -26.26
C VAL B 472 9.15 -19.12 -26.68
N HIS B 473 7.94 -19.07 -27.21
CA HIS B 473 7.27 -20.31 -27.57
C HIS B 473 7.65 -20.81 -28.95
N LEU B 474 8.27 -20.00 -29.80
CA LEU B 474 8.94 -20.53 -30.98
C LEU B 474 10.26 -21.17 -30.59
N ASP B 475 10.91 -20.64 -29.55
CA ASP B 475 12.08 -21.33 -29.00
C ASP B 475 11.68 -22.68 -28.42
N THR B 476 10.48 -22.80 -27.86
CA THR B 476 10.01 -24.11 -27.40
C THR B 476 9.33 -24.95 -28.47
N LEU B 477 8.89 -24.36 -29.58
CA LEU B 477 8.22 -25.11 -30.63
C LEU B 477 9.18 -25.53 -31.74
N LYS B 478 10.38 -24.97 -31.78
CA LYS B 478 11.39 -25.47 -32.71
C LYS B 478 11.92 -26.84 -32.30
N LYS B 479 11.70 -27.25 -31.05
CA LYS B 479 12.13 -28.56 -30.58
C LYS B 479 11.18 -29.68 -30.99
N VAL B 480 9.87 -29.43 -30.96
CA VAL B 480 8.88 -30.47 -31.22
C VAL B 480 8.89 -30.86 -32.69
N ARG B 481 8.35 -32.03 -33.00
CA ARG B 481 8.39 -32.55 -34.36
C ARG B 481 7.03 -32.83 -34.98
N ILE B 482 6.00 -33.08 -34.19
CA ILE B 482 4.74 -33.56 -34.76
C ILE B 482 3.86 -32.39 -35.20
N PHE B 483 3.84 -31.31 -34.43
CA PHE B 483 3.01 -30.14 -34.69
C PHE B 483 3.85 -28.92 -35.06
N GLN B 484 4.73 -29.07 -36.06
CA GLN B 484 5.40 -27.94 -36.67
C GLN B 484 4.88 -27.61 -38.06
N ASP B 485 3.82 -28.28 -38.51
CA ASP B 485 3.29 -27.97 -39.84
C ASP B 485 2.50 -26.67 -39.84
N CYS B 486 2.13 -26.17 -38.66
CA CYS B 486 1.55 -24.85 -38.53
C CYS B 486 2.65 -23.78 -38.52
N GLU B 487 2.36 -22.61 -39.08
CA GLU B 487 3.35 -21.55 -39.15
C GLU B 487 2.98 -20.25 -38.44
N ALA B 488 2.82 -19.17 -39.20
CA ALA B 488 2.48 -17.85 -38.67
C ALA B 488 1.13 -17.67 -37.96
N GLY B 489 0.04 -17.74 -38.71
CA GLY B 489 -1.29 -17.57 -38.15
C GLY B 489 -1.61 -18.58 -37.07
N LEU B 490 -1.36 -19.84 -37.36
CA LEU B 490 -1.62 -20.93 -36.43
C LEU B 490 -0.92 -20.68 -35.09
N LEU B 491 0.39 -20.47 -35.12
CA LEU B 491 1.12 -20.26 -33.87
C LEU B 491 0.86 -18.92 -33.21
N VAL B 492 0.38 -17.94 -33.98
CA VAL B 492 0.04 -16.61 -33.49
C VAL B 492 -1.23 -16.75 -32.65
N GLU B 493 -2.13 -17.64 -33.09
CA GLU B 493 -3.34 -17.92 -32.33
C GLU B 493 -2.97 -18.81 -31.15
N LEU B 494 -1.92 -19.61 -31.32
CA LEU B 494 -1.37 -20.45 -30.27
C LEU B 494 -0.57 -19.72 -29.17
N VAL B 495 0.48 -18.97 -29.53
CA VAL B 495 1.26 -18.29 -28.50
C VAL B 495 0.41 -17.28 -27.74
N LEU B 496 -0.68 -16.80 -28.38
CA LEU B 496 -1.66 -16.00 -27.68
C LEU B 496 -2.35 -16.80 -26.57
N LYS B 497 -2.82 -18.01 -26.86
CA LYS B 497 -3.58 -18.76 -25.88
C LYS B 497 -2.91 -20.05 -25.43
N LEU B 498 -1.58 -20.04 -25.28
CA LEU B 498 -0.84 -21.05 -24.53
C LEU B 498 -0.50 -20.51 -23.15
N ARG B 499 -0.71 -21.34 -22.13
CA ARG B 499 -0.39 -20.94 -20.76
C ARG B 499 0.51 -21.98 -20.11
N PRO B 500 1.44 -21.54 -19.26
CA PRO B 500 2.35 -22.50 -18.61
C PRO B 500 1.90 -22.94 -17.23
N THR B 501 2.06 -24.23 -16.94
CA THR B 501 1.97 -24.77 -15.58
C THR B 501 3.18 -25.65 -15.32
N VAL B 502 3.65 -25.64 -14.07
CA VAL B 502 4.84 -26.39 -13.65
C VAL B 502 4.42 -27.49 -12.71
N PHE B 503 5.02 -28.68 -12.88
CA PHE B 503 4.67 -29.85 -12.10
C PHE B 503 5.87 -30.32 -11.28
N SER B 504 5.57 -30.86 -10.10
CA SER B 504 6.58 -31.36 -9.18
C SER B 504 7.19 -32.65 -9.71
N PRO B 505 8.34 -33.07 -9.17
CA PRO B 505 8.80 -34.44 -9.45
C PRO B 505 7.90 -35.47 -8.79
N GLY B 506 7.73 -36.59 -9.47
CA GLY B 506 6.83 -37.61 -8.97
C GLY B 506 5.37 -37.28 -9.12
N ASP B 507 5.02 -36.42 -10.08
CA ASP B 507 3.65 -35.97 -10.27
C ASP B 507 3.00 -36.66 -11.45
N TYR B 508 1.69 -36.85 -11.34
CA TYR B 508 0.89 -37.43 -12.40
C TYR B 508 0.22 -36.33 -13.21
N ILE B 509 0.35 -36.42 -14.53
CA ILE B 509 -0.33 -35.46 -15.40
C ILE B 509 -1.75 -35.92 -15.69
N CYS B 510 -1.90 -37.14 -16.17
CA CYS B 510 -3.22 -37.73 -16.40
C CYS B 510 -3.13 -39.22 -16.16
N LYS B 511 -4.22 -39.80 -15.68
CA LYS B 511 -4.27 -41.19 -15.28
C LYS B 511 -5.02 -42.02 -16.31
N LYS B 512 -5.28 -43.29 -15.96
CA LYS B 512 -6.01 -44.19 -16.85
C LYS B 512 -7.48 -43.80 -16.94
N GLY B 513 -8.18 -43.84 -15.81
CA GLY B 513 -9.60 -43.56 -15.78
C GLY B 513 -9.91 -42.09 -15.56
N ASP B 514 -9.60 -41.25 -16.54
CA ASP B 514 -9.83 -39.83 -16.44
C ASP B 514 -10.22 -39.28 -17.79
N ILE B 515 -11.14 -38.32 -17.79
CA ILE B 515 -11.58 -37.68 -19.03
C ILE B 515 -10.55 -36.63 -19.43
N GLY B 516 -10.24 -36.58 -20.73
CA GLY B 516 -9.27 -35.63 -21.25
C GLY B 516 -9.93 -34.30 -21.56
N LYS B 517 -9.22 -33.22 -21.26
CA LYS B 517 -9.68 -31.88 -21.61
C LYS B 517 -8.52 -30.94 -21.94
N GLU B 518 -7.29 -31.46 -22.03
CA GLU B 518 -6.13 -30.59 -22.09
C GLU B 518 -5.03 -31.23 -22.90
N MET B 519 -4.36 -30.42 -23.72
CA MET B 519 -3.16 -30.81 -24.43
C MET B 519 -1.96 -30.10 -23.82
N TYR B 520 -0.79 -30.72 -23.92
CA TYR B 520 0.40 -30.18 -23.31
C TYR B 520 1.54 -30.19 -24.31
N ILE B 521 2.46 -29.23 -24.14
CA ILE B 521 3.71 -29.19 -24.90
C ILE B 521 4.84 -29.09 -23.89
N ILE B 522 5.74 -30.06 -23.92
CA ILE B 522 6.77 -30.15 -22.91
C ILE B 522 7.94 -29.23 -23.26
N ASN B 523 8.24 -28.30 -22.37
CA ASN B 523 9.50 -27.56 -22.43
C ASN B 523 10.10 -27.52 -21.02
N GLU B 524 11.38 -27.88 -20.92
CA GLU B 524 12.12 -28.01 -19.67
C GLU B 524 11.43 -28.99 -18.72
N GLY B 525 11.51 -30.27 -19.10
CA GLY B 525 10.94 -31.33 -18.28
C GLY B 525 11.11 -32.70 -18.91
N LYS B 526 11.31 -33.72 -18.09
CA LYS B 526 11.43 -35.10 -18.56
C LYS B 526 10.27 -35.89 -18.00
N LEU B 527 9.32 -36.25 -18.86
CA LEU B 527 8.16 -37.03 -18.44
C LEU B 527 8.28 -38.45 -18.95
N ALA B 528 7.78 -39.38 -18.15
CA ALA B 528 7.78 -40.79 -18.51
C ALA B 528 6.40 -41.37 -18.32
N VAL B 529 5.95 -42.15 -19.29
CA VAL B 529 4.69 -42.87 -19.16
C VAL B 529 4.94 -44.14 -18.36
N VAL B 530 3.92 -44.59 -17.64
CA VAL B 530 4.03 -45.75 -16.76
C VAL B 530 2.79 -46.62 -16.93
N ALA B 531 2.85 -47.81 -16.32
CA ALA B 531 1.75 -48.75 -16.33
C ALA B 531 0.84 -48.47 -15.14
N ASP B 532 -0.08 -49.40 -14.85
CA ASP B 532 -1.01 -49.24 -13.74
C ASP B 532 -0.27 -49.43 -12.43
N ASP B 533 0.09 -48.31 -11.80
CA ASP B 533 0.81 -48.24 -10.51
C ASP B 533 2.13 -49.01 -10.55
N GLY B 534 2.79 -48.99 -11.71
CA GLY B 534 4.06 -49.67 -11.86
C GLY B 534 5.04 -48.85 -12.69
N VAL B 535 6.25 -48.65 -12.16
CA VAL B 535 7.24 -47.80 -12.83
C VAL B 535 7.88 -48.62 -13.94
N THR B 536 7.39 -48.39 -15.17
CA THR B 536 7.93 -49.01 -16.38
C THR B 536 7.98 -47.92 -17.44
N GLN B 537 9.19 -47.51 -17.82
CA GLN B 537 9.36 -46.47 -18.81
C GLN B 537 9.15 -47.07 -20.19
N PHE B 538 7.92 -46.95 -20.71
CA PHE B 538 7.66 -47.34 -22.08
C PHE B 538 8.35 -46.40 -23.05
N VAL B 539 8.06 -45.10 -22.93
CA VAL B 539 8.76 -44.06 -23.67
C VAL B 539 8.95 -42.87 -22.75
N VAL B 540 10.13 -42.28 -22.76
CA VAL B 540 10.43 -41.11 -21.94
C VAL B 540 10.22 -39.88 -22.81
N LEU B 541 9.18 -39.11 -22.51
CA LEU B 541 8.90 -37.89 -23.24
C LEU B 541 9.83 -36.79 -22.76
N SER B 542 10.60 -36.23 -23.68
CA SER B 542 11.58 -35.19 -23.36
C SER B 542 11.27 -33.97 -24.22
N ASP B 543 12.18 -33.00 -24.21
CA ASP B 543 12.00 -31.83 -25.05
C ASP B 543 12.22 -32.21 -26.51
N GLY B 544 11.20 -31.99 -27.33
CA GLY B 544 11.18 -32.47 -28.69
C GLY B 544 9.91 -33.20 -29.06
N SER B 545 9.02 -33.44 -28.11
CA SER B 545 7.73 -34.05 -28.39
C SER B 545 6.66 -33.32 -27.57
N TYR B 546 5.42 -33.72 -27.77
CA TYR B 546 4.32 -33.26 -26.95
C TYR B 546 3.31 -34.39 -26.86
N PHE B 547 2.29 -34.19 -26.03
CA PHE B 547 1.41 -35.30 -25.69
C PHE B 547 0.05 -34.77 -25.26
N GLY B 548 -0.90 -35.70 -25.16
CA GLY B 548 -2.19 -35.42 -24.57
C GLY B 548 -3.23 -34.87 -25.52
N GLU B 549 -3.33 -35.43 -26.72
CA GLU B 549 -4.29 -34.95 -27.72
C GLU B 549 -5.21 -36.02 -28.26
N ILE B 550 -5.00 -37.29 -27.91
CA ILE B 550 -5.80 -38.36 -28.48
C ILE B 550 -7.10 -38.57 -27.72
N SER B 551 -7.16 -38.21 -26.45
CA SER B 551 -8.35 -38.44 -25.63
C SER B 551 -9.35 -37.31 -25.71
N ILE B 552 -9.23 -36.41 -26.68
CA ILE B 552 -10.17 -35.31 -26.83
C ILE B 552 -10.94 -35.39 -28.14
N LEU B 553 -10.45 -36.12 -29.13
CA LEU B 553 -11.15 -36.34 -30.40
C LEU B 553 -11.34 -37.84 -30.65
N ASN B 554 -11.90 -38.54 -29.66
CA ASN B 554 -12.33 -39.93 -29.84
C ASN B 554 -13.44 -40.04 -30.88
N ASN B 562 -13.90 -41.25 -24.49
CA ASN B 562 -13.51 -42.34 -23.60
C ASN B 562 -12.77 -41.79 -22.39
N ARG B 563 -11.59 -42.34 -22.09
CA ARG B 563 -10.76 -41.89 -20.98
C ARG B 563 -9.30 -41.83 -21.42
N ARG B 564 -8.49 -41.06 -20.71
CA ARG B 564 -7.06 -40.93 -21.05
C ARG B 564 -6.37 -42.29 -21.20
N THR B 565 -5.51 -42.42 -22.22
CA THR B 565 -4.76 -43.66 -22.61
C THR B 565 -4.03 -44.54 -21.56
N ALA B 566 -3.05 -43.97 -20.87
CA ALA B 566 -2.35 -44.63 -19.77
C ALA B 566 -1.70 -43.60 -18.87
N ASN B 567 -1.29 -44.02 -17.68
CA ASN B 567 -0.66 -43.13 -16.70
C ASN B 567 0.57 -42.38 -17.20
N ILE B 568 0.67 -41.11 -16.83
CA ILE B 568 1.80 -40.27 -17.19
C ILE B 568 2.42 -39.75 -15.89
N ARG B 569 3.72 -39.98 -15.71
CA ARG B 569 4.38 -39.56 -14.49
C ARG B 569 5.43 -38.51 -14.79
N SER B 570 5.92 -37.88 -13.72
CA SER B 570 6.95 -36.85 -13.82
C SER B 570 8.21 -37.32 -13.13
N ILE B 571 9.34 -37.21 -13.83
CA ILE B 571 10.62 -37.54 -13.23
C ILE B 571 11.14 -36.37 -12.40
N GLY B 572 11.16 -35.17 -12.98
CA GLY B 572 11.69 -34.01 -12.30
C GLY B 572 10.76 -32.82 -12.30
N TYR B 573 11.32 -31.62 -12.11
CA TYR B 573 10.55 -30.39 -12.08
C TYR B 573 10.18 -30.03 -13.51
N SER B 574 9.10 -30.63 -14.00
CA SER B 574 8.69 -30.47 -15.38
C SER B 574 7.77 -29.29 -15.54
N ASP B 575 7.86 -28.63 -16.69
CA ASP B 575 7.06 -27.46 -17.02
C ASP B 575 6.27 -27.77 -18.28
N LEU B 576 4.97 -27.53 -18.24
CA LEU B 576 4.08 -27.87 -19.33
C LEU B 576 3.38 -26.63 -19.85
N PHE B 577 3.09 -26.64 -21.15
CA PHE B 577 2.31 -25.60 -21.79
C PHE B 577 0.90 -26.16 -21.99
N CYS B 578 0.01 -25.82 -21.06
CA CYS B 578 -1.35 -26.34 -21.09
C CYS B 578 -2.13 -25.75 -22.24
N LEU B 579 -3.16 -26.47 -22.68
CA LEU B 579 -3.94 -26.02 -23.82
C LEU B 579 -5.39 -26.47 -23.65
N SER B 580 -6.31 -25.51 -23.68
CA SER B 580 -7.71 -25.79 -23.40
C SER B 580 -8.37 -26.46 -24.60
N LYS B 581 -9.65 -26.84 -24.46
CA LYS B 581 -10.38 -27.48 -25.54
C LYS B 581 -10.73 -26.48 -26.64
N ASP B 582 -11.16 -25.29 -26.23
CA ASP B 582 -11.55 -24.22 -27.13
C ASP B 582 -10.41 -23.81 -28.06
N ASP B 583 -9.17 -23.88 -27.55
CA ASP B 583 -8.02 -23.50 -28.38
C ASP B 583 -7.85 -24.43 -29.57
N LEU B 584 -7.81 -25.75 -29.33
CA LEU B 584 -7.63 -26.65 -30.46
C LEU B 584 -8.86 -26.66 -31.35
N MET B 585 -10.06 -26.46 -30.78
CA MET B 585 -11.26 -26.35 -31.61
C MET B 585 -11.20 -25.13 -32.53
N GLU B 586 -10.73 -23.99 -32.00
CA GLU B 586 -10.52 -22.81 -32.83
C GLU B 586 -9.37 -23.02 -33.82
N ALA B 587 -8.39 -23.85 -33.44
CA ALA B 587 -7.26 -24.14 -34.31
C ALA B 587 -7.64 -25.07 -35.45
N LEU B 588 -8.75 -25.81 -35.30
CA LEU B 588 -9.26 -26.64 -36.41
C LEU B 588 -9.72 -25.83 -37.63
N THR B 589 -9.86 -24.51 -37.53
CA THR B 589 -10.32 -23.73 -38.67
C THR B 589 -9.22 -23.57 -39.72
N GLU B 590 -8.13 -22.90 -39.37
CA GLU B 590 -7.07 -22.64 -40.34
C GLU B 590 -6.06 -23.77 -40.36
N TYR B 591 -5.56 -24.08 -41.57
CA TYR B 591 -4.66 -25.19 -41.83
C TYR B 591 -5.19 -26.55 -41.33
N PRO B 592 -6.28 -27.05 -41.93
CA PRO B 592 -6.88 -28.30 -41.42
C PRO B 592 -6.10 -29.56 -41.75
N GLU B 593 -5.28 -29.54 -42.81
CA GLU B 593 -4.59 -30.74 -43.27
C GLU B 593 -3.62 -31.28 -42.22
N ALA B 594 -2.94 -30.37 -41.50
CA ALA B 594 -2.02 -30.77 -40.46
C ALA B 594 -2.75 -31.44 -39.30
N LYS B 595 -3.88 -30.86 -38.89
CA LYS B 595 -4.62 -31.38 -37.75
C LYS B 595 -5.27 -32.74 -38.08
N LYS B 596 -5.81 -32.88 -39.29
CA LYS B 596 -6.40 -34.16 -39.66
C LYS B 596 -5.33 -35.25 -39.79
N ALA B 597 -4.12 -34.87 -40.26
CA ALA B 597 -3.00 -35.81 -40.26
C ALA B 597 -2.61 -36.22 -38.83
N LEU B 598 -2.56 -35.26 -37.91
CA LEU B 598 -2.14 -35.61 -36.55
C LEU B 598 -3.22 -36.38 -35.80
N GLU B 599 -4.50 -36.16 -36.11
CA GLU B 599 -5.52 -37.01 -35.50
C GLU B 599 -5.57 -38.38 -36.15
N GLU B 600 -5.12 -38.49 -37.41
CA GLU B 600 -4.88 -39.80 -37.99
C GLU B 600 -3.75 -40.51 -37.25
N LYS B 601 -2.73 -39.75 -36.83
CA LYS B 601 -1.68 -40.32 -35.99
C LYS B 601 -2.21 -40.68 -34.60
N GLY B 602 -3.20 -39.93 -34.11
CA GLY B 602 -3.91 -40.34 -32.90
C GLY B 602 -4.60 -41.68 -33.05
N ARG B 603 -5.32 -41.85 -34.16
CA ARG B 603 -5.92 -43.15 -34.49
C ARG B 603 -4.86 -44.23 -34.70
N GLN B 604 -3.68 -43.85 -35.20
CA GLN B 604 -2.54 -44.77 -35.31
C GLN B 604 -2.12 -45.30 -33.95
N ILE B 605 -1.96 -44.41 -32.97
CA ILE B 605 -1.58 -44.84 -31.62
C ILE B 605 -2.72 -45.65 -30.97
N LEU B 606 -3.98 -45.30 -31.27
CA LEU B 606 -5.11 -46.07 -30.77
C LEU B 606 -5.14 -47.50 -31.31
N MET B 607 -4.93 -47.67 -32.62
CA MET B 607 -4.91 -49.03 -33.15
C MET B 607 -3.63 -49.76 -32.75
N LYS B 608 -2.57 -49.01 -32.42
CA LYS B 608 -1.38 -49.62 -31.84
C LYS B 608 -1.67 -50.25 -30.48
N ASP B 609 -2.23 -49.48 -29.55
CA ASP B 609 -2.33 -50.02 -28.20
C ASP B 609 -3.58 -50.89 -28.01
N ASN B 610 -4.69 -50.55 -28.66
CA ASN B 610 -5.89 -51.37 -28.59
C ASN B 610 -6.48 -51.56 -29.97
N ALA C 158 32.32 -38.09 -3.44
CA ALA C 158 31.54 -39.18 -4.01
C ALA C 158 30.08 -38.77 -4.19
N ILE C 159 29.46 -38.37 -3.10
CA ILE C 159 28.06 -37.95 -3.12
C ILE C 159 27.97 -36.50 -3.56
N VAL C 160 26.82 -36.13 -4.11
CA VAL C 160 26.55 -34.78 -4.57
C VAL C 160 25.48 -34.18 -3.67
N VAL C 161 25.79 -33.04 -3.08
CA VAL C 161 24.94 -32.44 -2.07
C VAL C 161 23.76 -31.72 -2.73
N ASP C 162 22.56 -32.00 -2.22
CA ASP C 162 21.36 -31.31 -2.67
C ASP C 162 21.41 -29.86 -2.19
N PRO C 163 21.28 -28.87 -3.08
CA PRO C 163 21.27 -27.48 -2.64
C PRO C 163 20.01 -27.04 -1.92
N SER C 164 18.98 -27.88 -1.87
CA SER C 164 17.80 -27.58 -1.07
C SER C 164 17.72 -28.45 0.17
N SER C 165 18.75 -29.26 0.45
CA SER C 165 18.75 -30.10 1.62
C SER C 165 19.09 -29.29 2.86
N ASN C 166 18.92 -29.91 4.03
CA ASN C 166 19.29 -29.27 5.27
C ASN C 166 20.78 -29.39 5.57
N LEU C 167 21.47 -30.36 4.97
CA LEU C 167 22.91 -30.43 5.12
C LEU C 167 23.59 -29.28 4.40
N TYR C 168 23.04 -28.87 3.25
CA TYR C 168 23.54 -27.68 2.57
C TYR C 168 23.31 -26.42 3.38
N TYR C 169 22.19 -26.34 4.11
CA TYR C 169 21.95 -25.16 4.94
C TYR C 169 22.84 -25.15 6.17
N ARG C 170 23.13 -26.34 6.73
CA ARG C 170 24.11 -26.40 7.81
C ARG C 170 25.49 -26.02 7.32
N TRP C 171 25.82 -26.37 6.07
CA TRP C 171 27.07 -25.91 5.51
C TRP C 171 27.05 -24.40 5.28
N LEU C 172 25.90 -23.85 4.92
CA LEU C 172 25.79 -22.40 4.74
C LEU C 172 26.01 -21.67 6.06
N THR C 173 25.54 -22.25 7.17
CA THR C 173 25.83 -21.67 8.47
C THR C 173 27.32 -21.77 8.81
N ALA C 174 27.90 -22.96 8.59
CA ALA C 174 29.31 -23.18 8.93
C ALA C 174 30.27 -22.42 8.03
N ILE C 175 29.82 -21.90 6.90
CA ILE C 175 30.66 -21.05 6.06
C ILE C 175 30.26 -19.58 6.12
N ALA C 176 29.07 -19.25 6.60
CA ALA C 176 28.73 -17.87 6.85
C ALA C 176 29.27 -17.37 8.18
N LEU C 177 29.67 -18.28 9.08
CA LEU C 177 30.39 -17.83 10.27
C LEU C 177 31.76 -17.22 9.95
N PRO C 178 32.71 -17.90 9.26
CA PRO C 178 34.02 -17.27 9.09
C PRO C 178 34.06 -16.13 8.09
N VAL C 179 33.09 -16.01 7.19
CA VAL C 179 33.04 -14.84 6.31
C VAL C 179 32.66 -13.60 7.10
N PHE C 180 31.67 -13.73 7.99
CA PHE C 180 31.27 -12.59 8.83
C PHE C 180 32.37 -12.23 9.81
N TYR C 181 33.05 -13.24 10.37
CA TYR C 181 34.23 -12.98 11.19
C TYR C 181 35.31 -12.26 10.40
N ASN C 182 35.51 -12.68 9.13
CA ASN C 182 36.53 -12.06 8.29
C ASN C 182 36.25 -10.60 8.07
N TRP C 183 35.00 -10.25 7.76
CA TRP C 183 34.61 -8.86 7.55
C TRP C 183 34.87 -8.02 8.81
N TYR C 184 34.22 -8.41 9.91
CA TYR C 184 34.24 -7.63 11.14
C TYR C 184 35.66 -7.53 11.73
N LEU C 185 36.26 -8.67 12.07
CA LEU C 185 37.54 -8.57 12.73
C LEU C 185 38.71 -8.35 11.77
N LEU C 186 38.53 -8.45 10.45
CA LEU C 186 39.64 -8.07 9.59
C LEU C 186 39.72 -6.57 9.41
N ILE C 187 38.57 -5.88 9.33
CA ILE C 187 38.70 -4.42 9.29
C ILE C 187 39.14 -3.88 10.65
N CYS C 188 38.77 -4.58 11.76
CA CYS C 188 39.25 -4.16 13.07
C CYS C 188 40.76 -4.35 13.22
N ARG C 189 41.27 -5.53 12.82
CA ARG C 189 42.70 -5.82 12.91
C ARG C 189 43.51 -4.94 11.97
N ALA C 190 42.95 -4.58 10.81
CA ALA C 190 43.70 -3.74 9.90
C ALA C 190 43.75 -2.30 10.37
N CYS C 191 42.72 -1.82 11.07
CA CYS C 191 42.73 -0.43 11.46
C CYS C 191 43.37 -0.16 12.82
N PHE C 192 43.48 -1.16 13.69
CA PHE C 192 43.92 -0.83 15.04
C PHE C 192 45.41 -1.06 15.28
N ASP C 193 45.96 -2.18 14.82
CA ASP C 193 47.36 -2.59 14.98
C ASP C 193 47.82 -2.72 16.43
N GLU C 194 46.88 -2.81 17.37
CA GLU C 194 47.15 -3.28 18.73
C GLU C 194 46.33 -4.51 19.08
N LEU C 195 45.07 -4.56 18.63
CA LEU C 195 44.29 -5.78 18.69
C LEU C 195 44.85 -6.83 17.74
N GLN C 196 45.54 -6.40 16.68
CA GLN C 196 46.31 -7.32 15.85
C GLN C 196 47.52 -7.84 16.61
N SER C 197 48.21 -6.98 17.37
CA SER C 197 49.48 -7.34 17.96
C SER C 197 49.34 -8.14 19.24
N GLU C 198 48.30 -7.89 20.04
CA GLU C 198 48.22 -8.50 21.36
C GLU C 198 47.75 -9.95 21.30
N TYR C 199 46.80 -10.24 20.42
CA TYR C 199 46.18 -11.56 20.34
C TYR C 199 46.62 -12.30 19.08
N LEU C 200 47.92 -12.27 18.79
CA LEU C 200 48.44 -12.70 17.50
C LEU C 200 48.27 -14.20 17.29
N MET C 201 48.44 -14.99 18.35
CA MET C 201 48.25 -16.44 18.22
C MET C 201 46.78 -16.78 17.99
N LEU C 202 45.87 -16.04 18.63
CA LEU C 202 44.45 -16.26 18.42
C LEU C 202 44.03 -15.87 17.00
N TRP C 203 44.58 -14.78 16.48
CA TRP C 203 44.26 -14.41 15.10
C TRP C 203 44.90 -15.36 14.11
N LEU C 204 46.05 -15.95 14.45
CA LEU C 204 46.67 -16.92 13.55
C LEU C 204 45.85 -18.21 13.49
N VAL C 205 45.37 -18.70 14.64
CA VAL C 205 44.58 -19.93 14.60
C VAL C 205 43.20 -19.68 13.99
N LEU C 206 42.62 -18.48 14.17
CA LEU C 206 41.34 -18.23 13.54
C LEU C 206 41.48 -17.99 12.04
N ASP C 207 42.61 -17.42 11.60
CA ASP C 207 42.83 -17.29 10.17
C ASP C 207 43.11 -18.63 9.52
N TYR C 208 43.79 -19.54 10.22
CA TYR C 208 43.96 -20.88 9.69
C TYR C 208 42.63 -21.63 9.62
N SER C 209 41.76 -21.42 10.61
CA SER C 209 40.41 -21.98 10.55
C SER C 209 39.62 -21.42 9.38
N ALA C 210 39.72 -20.11 9.13
CA ALA C 210 39.02 -19.51 8.01
C ALA C 210 39.57 -19.98 6.66
N ASP C 211 40.88 -20.21 6.58
CA ASP C 211 41.45 -20.69 5.33
C ASP C 211 41.06 -22.14 5.05
N VAL C 212 41.03 -22.99 6.07
CA VAL C 212 40.62 -24.37 5.82
C VAL C 212 39.13 -24.45 5.55
N LEU C 213 38.33 -23.53 6.10
CA LEU C 213 36.91 -23.52 5.76
C LEU C 213 36.67 -22.95 4.35
N TYR C 214 37.53 -22.04 3.90
CA TYR C 214 37.39 -21.53 2.53
C TYR C 214 37.78 -22.59 1.51
N VAL C 215 38.81 -23.39 1.82
CA VAL C 215 39.20 -24.50 0.95
C VAL C 215 38.09 -25.56 0.92
N LEU C 216 37.49 -25.83 2.08
CA LEU C 216 36.34 -26.73 2.11
C LEU C 216 35.15 -26.16 1.38
N ASP C 217 35.02 -24.83 1.31
CA ASP C 217 33.93 -24.25 0.56
C ASP C 217 34.13 -24.33 -0.95
N VAL C 218 35.36 -24.18 -1.44
CA VAL C 218 35.55 -24.38 -2.86
C VAL C 218 35.39 -25.86 -3.22
N LEU C 219 35.73 -26.75 -2.28
CA LEU C 219 35.47 -28.18 -2.51
C LEU C 219 34.00 -28.54 -2.45
N VAL C 220 33.17 -27.79 -1.72
CA VAL C 220 31.74 -28.07 -1.69
C VAL C 220 31.06 -27.46 -2.92
N ARG C 221 31.41 -26.22 -3.25
CA ARG C 221 30.81 -25.55 -4.40
C ARG C 221 31.23 -26.20 -5.72
N ALA C 222 32.37 -26.89 -5.75
CA ALA C 222 32.70 -27.71 -6.91
C ALA C 222 32.01 -29.07 -6.89
N ARG C 223 31.18 -29.37 -5.89
CA ARG C 223 30.52 -30.66 -5.79
C ARG C 223 29.02 -30.56 -5.50
N THR C 224 28.41 -29.39 -5.66
CA THR C 224 26.97 -29.26 -5.53
C THR C 224 26.32 -29.24 -6.91
N GLY C 225 25.13 -29.82 -7.00
CA GLY C 225 24.41 -29.91 -8.26
C GLY C 225 23.37 -28.83 -8.43
N PHE C 226 22.96 -28.62 -9.68
CA PHE C 226 21.92 -27.66 -10.03
C PHE C 226 20.79 -28.40 -10.74
N LEU C 227 19.77 -27.65 -11.13
CA LEU C 227 18.58 -28.21 -11.77
C LEU C 227 18.55 -27.78 -13.23
N GLU C 228 18.73 -28.74 -14.13
CA GLU C 228 18.51 -28.51 -15.56
C GLU C 228 17.56 -29.58 -16.07
N GLN C 229 16.61 -29.15 -16.92
CA GLN C 229 15.52 -29.97 -17.45
C GLN C 229 14.69 -30.64 -16.35
N GLY C 230 14.59 -29.99 -15.19
CA GLY C 230 13.90 -30.55 -14.05
C GLY C 230 14.66 -31.59 -13.27
N LEU C 231 15.79 -32.07 -13.78
CA LEU C 231 16.56 -33.13 -13.15
C LEU C 231 17.72 -32.53 -12.36
N MET C 232 18.19 -33.28 -11.36
CA MET C 232 19.33 -32.91 -10.55
C MET C 232 20.56 -33.64 -11.11
N VAL C 233 21.46 -32.86 -11.71
CA VAL C 233 22.72 -33.42 -12.21
C VAL C 233 23.56 -33.94 -11.07
N SER C 234 24.21 -35.07 -11.29
CA SER C 234 25.17 -35.63 -10.35
C SER C 234 26.52 -35.92 -10.99
N ASP C 235 26.68 -35.63 -12.28
CA ASP C 235 27.95 -35.83 -12.96
C ASP C 235 28.95 -34.81 -12.45
N THR C 236 30.01 -35.30 -11.81
CA THR C 236 30.97 -34.40 -11.17
C THR C 236 31.83 -33.67 -12.20
N ASN C 237 32.03 -34.24 -13.39
CA ASN C 237 32.79 -33.55 -14.42
C ASN C 237 31.98 -32.40 -15.00
N ARG C 238 30.68 -32.63 -15.22
CA ARG C 238 29.81 -31.55 -15.69
C ARG C 238 29.64 -30.48 -14.62
N LEU C 239 29.64 -30.87 -13.35
CA LEU C 239 29.54 -29.89 -12.28
C LEU C 239 30.81 -29.05 -12.17
N TRP C 240 31.97 -29.69 -12.32
CA TRP C 240 33.23 -28.94 -12.31
C TRP C 240 33.35 -28.03 -13.50
N GLN C 241 32.82 -28.43 -14.67
CA GLN C 241 32.84 -27.56 -15.82
C GLN C 241 31.91 -26.36 -15.65
N HIS C 242 30.70 -26.60 -15.11
CA HIS C 242 29.76 -25.51 -14.88
C HIS C 242 30.26 -24.57 -13.80
N TYR C 243 31.01 -25.07 -12.82
CA TYR C 243 31.60 -24.19 -11.83
C TYR C 243 32.81 -23.44 -12.39
N LYS C 244 33.58 -24.09 -13.27
CA LYS C 244 34.77 -23.46 -13.85
C LYS C 244 34.40 -22.33 -14.79
N THR C 245 33.27 -22.43 -15.47
CA THR C 245 32.82 -21.36 -16.35
C THR C 245 31.91 -20.36 -15.64
N THR C 246 32.12 -20.13 -14.35
CA THR C 246 31.32 -19.22 -13.56
C THR C 246 32.24 -18.18 -12.91
N THR C 247 31.74 -16.95 -12.75
CA THR C 247 32.52 -15.89 -12.11
C THR C 247 32.76 -16.14 -10.63
N GLN C 248 31.97 -17.01 -10.01
CA GLN C 248 32.21 -17.38 -8.61
C GLN C 248 33.53 -18.14 -8.47
N PHE C 249 33.95 -18.87 -9.50
CA PHE C 249 35.24 -19.53 -9.44
C PHE C 249 36.39 -18.53 -9.54
N LYS C 250 36.21 -17.47 -10.34
CA LYS C 250 37.20 -16.41 -10.38
C LYS C 250 37.28 -15.68 -9.04
N LEU C 251 36.12 -15.48 -8.39
CA LEU C 251 36.11 -14.89 -7.07
C LEU C 251 36.75 -15.80 -6.02
N ASP C 252 36.58 -17.12 -6.16
CA ASP C 252 37.16 -18.02 -5.17
C ASP C 252 38.66 -18.18 -5.35
N VAL C 253 39.15 -18.19 -6.59
CA VAL C 253 40.60 -18.21 -6.78
C VAL C 253 41.24 -16.86 -6.53
N LEU C 254 40.46 -15.76 -6.56
CA LEU C 254 41.00 -14.52 -6.05
C LEU C 254 40.98 -14.47 -4.53
N SER C 255 40.02 -15.16 -3.92
CA SER C 255 39.88 -15.15 -2.46
C SER C 255 40.82 -16.14 -1.78
N LEU C 256 41.33 -17.12 -2.50
CA LEU C 256 42.17 -18.15 -1.89
C LEU C 256 43.62 -18.00 -2.33
N VAL C 257 44.06 -16.76 -2.52
CA VAL C 257 45.47 -16.52 -2.84
C VAL C 257 46.31 -16.79 -1.60
N PRO C 258 47.35 -17.62 -1.68
CA PRO C 258 48.14 -17.95 -0.48
C PRO C 258 49.00 -16.77 -0.03
N THR C 259 48.40 -15.87 0.75
CA THR C 259 49.10 -14.72 1.28
C THR C 259 49.87 -15.01 2.56
N ASP C 260 50.11 -16.29 2.88
CA ASP C 260 51.08 -16.63 3.92
C ASP C 260 52.48 -16.20 3.51
N LEU C 261 52.79 -16.30 2.21
CA LEU C 261 54.07 -15.85 1.67
C LEU C 261 54.23 -14.34 1.86
N ALA C 262 53.19 -13.57 1.51
CA ALA C 262 53.26 -12.12 1.69
C ALA C 262 53.22 -11.73 3.16
N TYR C 263 52.56 -12.52 3.99
CA TYR C 263 52.48 -12.24 5.41
C TYR C 263 53.82 -12.42 6.09
N LEU C 264 54.57 -13.44 5.68
CA LEU C 264 55.94 -13.59 6.18
C LEU C 264 56.93 -12.70 5.45
N LYS C 265 56.59 -12.20 4.26
CA LYS C 265 57.48 -11.34 3.52
C LYS C 265 57.48 -9.91 4.06
N VAL C 266 56.30 -9.39 4.42
CA VAL C 266 56.25 -8.02 4.93
C VAL C 266 56.71 -7.97 6.39
N GLY C 267 56.40 -8.99 7.18
CA GLY C 267 56.83 -9.05 8.56
C GLY C 267 55.76 -8.83 9.60
N THR C 268 54.49 -9.09 9.27
CA THR C 268 53.34 -9.03 10.17
C THR C 268 53.17 -7.62 10.78
N ASN C 269 53.02 -6.65 9.89
CA ASN C 269 52.49 -5.34 10.24
C ASN C 269 51.32 -4.92 9.37
N TYR C 270 51.15 -5.54 8.20
CA TYR C 270 49.98 -5.33 7.35
C TYR C 270 49.10 -6.56 7.42
N PRO C 271 47.96 -6.51 8.09
CA PRO C 271 46.91 -7.50 7.82
C PRO C 271 45.98 -7.02 6.73
N GLU C 272 46.39 -5.97 6.03
CA GLU C 272 45.72 -5.53 4.81
C GLU C 272 45.89 -6.52 3.66
N VAL C 273 46.91 -7.39 3.73
CA VAL C 273 47.17 -8.36 2.68
C VAL C 273 46.19 -9.53 2.70
N ARG C 274 45.31 -9.60 3.69
CA ARG C 274 44.27 -10.61 3.74
C ARG C 274 42.89 -10.04 3.44
N PHE C 275 42.83 -8.89 2.78
CA PHE C 275 41.55 -8.31 2.40
C PHE C 275 40.96 -8.92 1.15
N ASN C 276 41.61 -9.91 0.55
CA ASN C 276 40.96 -10.69 -0.49
C ASN C 276 40.06 -11.77 0.08
N ARG C 277 40.13 -12.03 1.39
CA ARG C 277 39.29 -13.03 2.02
C ARG C 277 37.85 -12.56 2.19
N LEU C 278 37.57 -11.28 1.99
CA LEU C 278 36.22 -10.76 2.16
C LEU C 278 35.34 -11.00 0.95
N LEU C 279 35.87 -11.54 -0.13
CA LEU C 279 35.17 -11.62 -1.40
C LEU C 279 34.16 -12.75 -1.47
N LYS C 280 33.90 -13.45 -0.37
CA LYS C 280 32.84 -14.44 -0.31
C LYS C 280 31.58 -13.87 0.32
N PHE C 281 31.32 -12.59 0.04
CA PHE C 281 30.13 -11.92 0.53
C PHE C 281 28.86 -12.49 -0.09
N SER C 282 28.96 -13.02 -1.31
CA SER C 282 27.81 -13.65 -1.95
C SER C 282 27.36 -14.89 -1.20
N ARG C 283 28.30 -15.57 -0.56
CA ARG C 283 27.95 -16.72 0.26
C ARG C 283 27.20 -16.30 1.52
N LEU C 284 27.59 -15.18 2.12
CA LEU C 284 26.87 -14.65 3.29
C LEU C 284 25.49 -14.16 2.91
N PHE C 285 25.36 -13.54 1.75
CA PHE C 285 24.06 -13.09 1.29
C PHE C 285 23.16 -14.27 0.93
N GLU C 286 23.74 -15.36 0.42
CA GLU C 286 22.96 -16.56 0.18
C GLU C 286 22.51 -17.22 1.48
N PHE C 287 23.34 -17.16 2.52
CA PHE C 287 22.92 -17.66 3.83
C PHE C 287 21.78 -16.83 4.39
N PHE C 288 21.84 -15.51 4.25
CA PHE C 288 20.77 -14.66 4.75
C PHE C 288 19.48 -14.87 3.96
N ASP C 289 19.57 -15.11 2.64
CA ASP C 289 18.39 -15.39 1.85
C ASP C 289 17.76 -16.73 2.23
N ARG C 290 18.59 -17.75 2.44
CA ARG C 290 18.06 -19.06 2.81
C ARG C 290 17.46 -19.04 4.21
N THR C 291 18.05 -18.28 5.14
CA THR C 291 17.47 -18.18 6.47
C THR C 291 16.17 -17.39 6.44
N GLU C 292 16.08 -16.37 5.56
CA GLU C 292 14.83 -15.64 5.40
C GLU C 292 13.73 -16.53 4.84
N THR C 293 14.04 -17.38 3.86
CA THR C 293 13.01 -18.26 3.33
C THR C 293 12.78 -19.51 4.18
N ARG C 294 13.61 -19.75 5.19
CA ARG C 294 13.44 -20.91 6.06
C ARG C 294 12.72 -20.59 7.38
N THR C 295 13.11 -19.51 8.05
CA THR C 295 12.80 -19.33 9.47
C THR C 295 11.31 -19.05 9.70
N ASN C 296 10.93 -19.14 10.96
CA ASN C 296 9.54 -19.01 11.38
C ASN C 296 9.20 -17.61 11.87
N TYR C 297 10.20 -16.77 12.17
CA TYR C 297 9.99 -15.38 12.59
C TYR C 297 10.65 -14.49 11.55
N PRO C 298 9.97 -14.20 10.45
CA PRO C 298 10.61 -13.43 9.38
C PRO C 298 10.75 -11.96 9.72
N ASN C 299 9.83 -11.40 10.52
CA ASN C 299 9.98 -10.02 10.96
C ASN C 299 11.16 -9.87 11.92
N MET C 300 11.30 -10.83 12.85
CA MET C 300 12.42 -10.81 13.77
C MET C 300 13.74 -11.05 13.06
N PHE C 301 13.75 -11.90 12.04
CA PHE C 301 14.98 -12.09 11.29
C PHE C 301 15.30 -10.89 10.41
N ARG C 302 14.28 -10.19 9.89
CA ARG C 302 14.53 -8.98 9.13
C ARG C 302 15.12 -7.89 10.02
N ILE C 303 14.62 -7.78 11.25
CA ILE C 303 15.16 -6.78 12.17
C ILE C 303 16.58 -7.16 12.60
N GLY C 304 16.83 -8.45 12.83
CA GLY C 304 18.19 -8.88 13.17
C GLY C 304 19.16 -8.71 12.03
N ASN C 305 18.72 -8.92 10.79
CA ASN C 305 19.57 -8.73 9.63
C ASN C 305 19.89 -7.25 9.40
N LEU C 306 18.89 -6.37 9.58
CA LEU C 306 19.14 -4.94 9.42
C LEU C 306 20.03 -4.40 10.54
N VAL C 307 19.85 -4.92 11.76
CA VAL C 307 20.70 -4.51 12.87
C VAL C 307 22.13 -5.01 12.67
N LEU C 308 22.30 -6.21 12.11
CA LEU C 308 23.65 -6.70 11.83
C LEU C 308 24.30 -5.92 10.70
N TYR C 309 23.53 -5.52 9.68
CA TYR C 309 24.07 -4.70 8.61
C TYR C 309 24.53 -3.34 9.12
N ILE C 310 23.66 -2.64 9.87
CA ILE C 310 24.07 -1.33 10.35
C ILE C 310 25.09 -1.42 11.47
N LEU C 311 25.22 -2.57 12.14
CA LEU C 311 26.30 -2.72 13.10
C LEU C 311 27.63 -2.94 12.40
N ILE C 312 27.63 -3.67 11.27
CA ILE C 312 28.83 -3.78 10.44
C ILE C 312 29.22 -2.41 9.90
N ILE C 313 28.23 -1.60 9.51
CA ILE C 313 28.50 -0.28 8.98
C ILE C 313 29.06 0.66 10.06
N ILE C 314 28.49 0.62 11.27
CA ILE C 314 28.97 1.44 12.37
C ILE C 314 30.37 1.02 12.80
N HIS C 315 30.64 -0.28 12.82
CA HIS C 315 31.98 -0.75 13.18
C HIS C 315 33.01 -0.39 12.12
N TRP C 316 32.62 -0.47 10.84
CA TRP C 316 33.51 -0.10 9.75
C TRP C 316 33.82 1.39 9.76
N ASN C 317 32.81 2.21 10.01
CA ASN C 317 33.04 3.65 10.05
C ASN C 317 33.79 4.06 11.30
N ALA C 318 33.63 3.31 12.40
CA ALA C 318 34.42 3.56 13.60
C ALA C 318 35.89 3.25 13.36
N CYS C 319 36.19 2.13 12.70
CA CYS C 319 37.56 1.82 12.39
C CYS C 319 38.15 2.76 11.36
N ILE C 320 37.32 3.28 10.44
CA ILE C 320 37.78 4.28 9.48
C ILE C 320 38.12 5.58 10.19
N TYR C 321 37.32 5.96 11.18
CA TYR C 321 37.60 7.17 11.96
C TYR C 321 38.86 7.01 12.79
N PHE C 322 39.10 5.82 13.35
CA PHE C 322 40.35 5.63 14.08
C PHE C 322 41.55 5.61 13.16
N ALA C 323 41.40 5.08 11.94
CA ALA C 323 42.51 5.10 11.00
C ALA C 323 42.80 6.51 10.50
N ILE C 324 41.77 7.34 10.33
CA ILE C 324 41.96 8.73 9.95
C ILE C 324 42.64 9.51 11.07
N SER C 325 42.25 9.26 12.33
CA SER C 325 42.91 9.96 13.42
C SER C 325 44.33 9.47 13.63
N LYS C 326 44.62 8.20 13.31
CA LYS C 326 45.98 7.72 13.31
C LYS C 326 46.80 8.35 12.19
N PHE C 327 46.15 8.65 11.06
CA PHE C 327 46.86 9.25 9.94
C PHE C 327 47.17 10.72 10.18
N ILE C 328 46.26 11.45 10.84
CA ILE C 328 46.47 12.87 11.09
C ILE C 328 47.25 13.01 12.40
N GLY C 329 47.40 11.91 13.12
CA GLY C 329 48.07 11.96 14.40
C GLY C 329 47.10 12.18 15.52
N PHE C 330 47.56 11.90 16.73
CA PHE C 330 46.67 11.70 17.87
C PHE C 330 46.73 12.92 18.76
N GLY C 331 45.57 13.56 18.96
CA GLY C 331 45.46 14.65 19.89
C GLY C 331 46.10 15.94 19.44
N THR C 332 46.32 16.10 18.13
CA THR C 332 46.83 17.39 17.64
C THR C 332 45.75 18.45 17.70
N ASP C 333 44.51 18.08 17.41
CA ASP C 333 43.38 18.99 17.55
C ASP C 333 42.19 18.30 18.19
N SER C 334 41.03 18.94 18.18
CA SER C 334 39.93 18.49 19.01
C SER C 334 39.07 17.41 18.38
N TRP C 335 39.04 17.31 17.04
CA TRP C 335 38.12 16.37 16.41
C TRP C 335 38.65 14.95 16.44
N VAL C 336 39.96 14.77 16.24
CA VAL C 336 40.56 13.44 16.15
C VAL C 336 40.58 12.77 17.52
N TYR C 337 40.94 11.49 17.52
CA TYR C 337 41.12 10.77 18.77
C TYR C 337 42.24 11.42 19.59
N PRO C 338 42.11 11.48 20.93
CA PRO C 338 43.10 12.20 21.74
C PRO C 338 44.48 11.58 21.78
N ASN C 339 45.36 12.21 22.55
CA ASN C 339 46.76 11.81 22.64
C ASN C 339 46.86 10.46 23.33
N ILE C 340 47.27 9.43 22.59
CA ILE C 340 47.22 8.05 23.08
C ILE C 340 48.33 7.69 24.04
N SER C 341 49.25 8.61 24.33
CA SER C 341 50.24 8.32 25.36
C SER C 341 49.66 8.43 26.75
N ILE C 342 48.53 9.10 26.91
CA ILE C 342 47.84 9.17 28.19
C ILE C 342 47.27 7.80 28.54
N PRO C 343 47.54 7.25 29.73
CA PRO C 343 47.07 5.89 30.04
C PRO C 343 45.57 5.76 30.21
N GLU C 344 44.83 6.87 30.34
CA GLU C 344 43.39 6.80 30.32
C GLU C 344 42.85 6.70 28.90
N HIS C 345 43.57 7.28 27.94
CA HIS C 345 43.22 7.17 26.53
C HIS C 345 44.02 6.09 25.80
N GLY C 346 44.68 5.21 26.55
CA GLY C 346 45.55 4.23 25.94
C GLY C 346 45.06 2.80 26.02
N ARG C 347 43.91 2.60 26.64
CA ARG C 347 43.32 1.27 26.70
C ARG C 347 42.74 0.91 25.35
N LEU C 348 42.90 -0.36 24.96
CA LEU C 348 42.39 -0.82 23.67
C LEU C 348 40.87 -0.81 23.64
N SER C 349 40.24 -1.24 24.73
CA SER C 349 38.79 -1.19 24.81
C SER C 349 38.29 0.25 24.87
N ARG C 350 39.08 1.15 25.46
CA ARG C 350 38.71 2.57 25.43
C ARG C 350 38.77 3.13 24.01
N LYS C 351 39.79 2.74 23.25
CA LYS C 351 39.91 3.13 21.85
C LYS C 351 38.72 2.67 21.05
N TYR C 352 38.38 1.38 21.16
CA TYR C 352 37.31 0.86 20.32
C TYR C 352 35.94 1.36 20.75
N ILE C 353 35.71 1.52 22.05
CA ILE C 353 34.38 1.92 22.50
C ILE C 353 34.16 3.40 22.25
N TYR C 354 35.17 4.24 22.43
CA TYR C 354 34.99 5.66 22.08
C TYR C 354 34.90 5.85 20.57
N SER C 355 35.61 5.04 19.78
CA SER C 355 35.51 5.18 18.33
C SER C 355 34.15 4.70 17.83
N LEU C 356 33.57 3.68 18.45
CA LEU C 356 32.22 3.26 18.10
C LEU C 356 31.19 4.29 18.57
N TYR C 357 31.46 4.98 19.68
CA TYR C 357 30.58 6.03 20.13
C TYR C 357 30.60 7.21 19.17
N TRP C 358 31.78 7.53 18.64
CA TRP C 358 31.90 8.54 17.58
C TRP C 358 31.10 8.13 16.36
N SER C 359 31.26 6.88 15.93
CA SER C 359 30.59 6.44 14.71
C SER C 359 29.09 6.41 14.85
N THR C 360 28.57 6.05 16.02
CA THR C 360 27.12 6.06 16.19
C THR C 360 26.59 7.47 16.28
N LEU C 361 27.34 8.37 16.96
CA LEU C 361 26.92 9.76 17.01
C LEU C 361 26.98 10.46 15.66
N THR C 362 27.83 10.00 14.75
CA THR C 362 27.80 10.60 13.43
C THR C 362 26.77 9.94 12.53
N LEU C 363 26.74 8.61 12.46
CA LEU C 363 25.89 7.90 11.52
C LEU C 363 24.42 7.86 11.93
N THR C 364 24.14 8.28 13.17
CA THR C 364 22.79 8.34 13.72
C THR C 364 22.29 9.79 13.81
N THR C 365 22.97 10.66 13.07
CA THR C 365 22.69 12.10 12.94
C THR C 365 22.40 12.82 14.26
N ILE C 366 22.92 12.30 15.37
CA ILE C 366 22.77 12.97 16.66
C ILE C 366 23.86 14.02 16.81
N GLY C 367 25.11 13.60 16.73
CA GLY C 367 26.22 14.52 16.63
C GLY C 367 26.55 15.33 17.86
N GLU C 368 27.04 14.70 18.92
CA GLU C 368 27.57 15.42 20.07
C GLU C 368 29.10 15.43 20.08
N THR C 369 29.72 15.18 18.93
CA THR C 369 31.16 15.06 18.84
C THR C 369 31.80 16.45 18.89
N PRO C 370 33.11 16.53 19.14
CA PRO C 370 33.81 17.81 18.97
C PRO C 370 33.81 18.24 17.52
N PRO C 371 33.71 19.55 17.26
CA PRO C 371 33.59 20.01 15.88
C PRO C 371 34.94 19.99 15.19
N PRO C 372 34.96 19.78 13.88
CA PRO C 372 36.24 19.62 13.17
C PRO C 372 36.99 20.93 13.02
N VAL C 373 38.30 20.80 12.80
CA VAL C 373 39.16 21.95 12.61
C VAL C 373 39.75 21.99 11.20
N LYS C 374 40.30 20.89 10.72
CA LYS C 374 40.99 20.88 9.44
C LYS C 374 40.01 20.59 8.29
N ASP C 375 40.50 20.82 7.06
CA ASP C 375 39.64 20.72 5.88
C ASP C 375 39.28 19.27 5.57
N GLU C 376 40.22 18.34 5.76
CA GLU C 376 39.90 16.93 5.55
C GLU C 376 38.92 16.42 6.60
N GLU C 377 38.99 16.96 7.81
CA GLU C 377 38.02 16.58 8.83
C GLU C 377 36.64 17.15 8.52
N TYR C 378 36.59 18.37 7.99
CA TYR C 378 35.31 18.95 7.56
C TYR C 378 34.69 18.13 6.44
N LEU C 379 35.51 17.71 5.47
CA LEU C 379 34.98 16.95 4.34
C LEU C 379 34.56 15.55 4.76
N PHE C 380 35.33 14.92 5.65
CA PHE C 380 34.96 13.59 6.13
C PHE C 380 33.70 13.65 6.98
N VAL C 381 33.52 14.72 7.75
CA VAL C 381 32.32 14.83 8.58
C VAL C 381 31.09 15.13 7.72
N VAL C 382 31.23 15.88 6.62
CA VAL C 382 30.02 16.10 5.82
C VAL C 382 29.66 14.87 4.96
N VAL C 383 30.65 14.12 4.47
CA VAL C 383 30.35 12.88 3.78
C VAL C 383 29.75 11.86 4.74
N ASP C 384 30.28 11.81 5.97
CA ASP C 384 29.78 10.90 6.98
C ASP C 384 28.39 11.29 7.46
N PHE C 385 28.08 12.59 7.51
CA PHE C 385 26.73 13.01 7.87
C PHE C 385 25.73 12.68 6.79
N LEU C 386 26.13 12.78 5.51
CA LEU C 386 25.18 12.43 4.46
C LEU C 386 24.93 10.92 4.41
N VAL C 387 25.99 10.12 4.62
CA VAL C 387 25.82 8.68 4.74
C VAL C 387 24.97 8.33 5.96
N GLY C 388 25.13 9.10 7.05
CA GLY C 388 24.33 8.86 8.23
C GLY C 388 22.88 9.23 8.09
N VAL C 389 22.58 10.30 7.35
CA VAL C 389 21.17 10.65 7.19
C VAL C 389 20.49 9.69 6.22
N LEU C 390 21.23 9.14 5.24
CA LEU C 390 20.62 8.11 4.40
C LEU C 390 20.44 6.80 5.17
N ILE C 391 21.34 6.49 6.10
CA ILE C 391 21.19 5.30 6.92
C ILE C 391 20.04 5.44 7.91
N PHE C 392 19.86 6.65 8.46
CA PHE C 392 18.72 6.90 9.33
C PHE C 392 17.40 6.83 8.57
N ALA C 393 17.40 7.30 7.32
CA ALA C 393 16.20 7.14 6.49
C ALA C 393 15.93 5.68 6.20
N THR C 394 16.98 4.88 5.99
CA THR C 394 16.82 3.44 5.79
C THR C 394 16.27 2.75 7.05
N ILE C 395 16.73 3.17 8.22
CA ILE C 395 16.26 2.57 9.47
C ILE C 395 14.80 2.92 9.73
N VAL C 396 14.41 4.18 9.52
CA VAL C 396 13.02 4.58 9.74
C VAL C 396 12.10 3.91 8.72
N GLY C 397 12.53 3.83 7.45
CA GLY C 397 11.73 3.17 6.44
C GLY C 397 11.60 1.67 6.67
N ASN C 398 12.67 1.04 7.14
CA ASN C 398 12.61 -0.40 7.37
C ASN C 398 11.83 -0.75 8.62
N VAL C 399 11.88 0.10 9.64
CA VAL C 399 11.08 -0.14 10.84
C VAL C 399 9.61 0.13 10.56
N GLY C 400 9.30 1.13 9.72
CA GLY C 400 7.93 1.32 9.28
C GLY C 400 7.42 0.18 8.42
N SER C 401 8.30 -0.40 7.59
CA SER C 401 7.94 -1.58 6.81
C SER C 401 7.71 -2.79 7.70
N MET C 402 8.50 -2.94 8.76
CA MET C 402 8.31 -4.04 9.69
C MET C 402 7.02 -3.89 10.48
N ILE C 403 6.67 -2.65 10.86
CA ILE C 403 5.45 -2.41 11.62
C ILE C 403 4.23 -2.62 10.75
N SER C 404 4.31 -2.23 9.47
CA SER C 404 3.22 -2.51 8.54
C SER C 404 3.10 -4.00 8.25
N ASN C 405 4.23 -4.70 8.13
CA ASN C 405 4.20 -6.13 7.85
C ASN C 405 3.70 -6.93 9.04
N MET C 406 3.89 -6.42 10.26
CA MET C 406 3.46 -7.16 11.44
C MET C 406 1.94 -7.18 11.57
N ASN C 407 1.26 -6.09 11.25
CA ASN C 407 -0.17 -6.00 11.52
C ASN C 407 -0.98 -5.49 10.33
N ALA C 408 -0.52 -5.71 9.10
CA ALA C 408 -1.34 -5.35 7.93
C ALA C 408 -2.63 -6.17 7.85
N SER C 409 -2.59 -7.43 8.27
CA SER C 409 -3.79 -8.26 8.24
C SER C 409 -4.80 -7.78 9.27
N ARG C 410 -4.33 -7.46 10.47
CA ARG C 410 -5.19 -6.91 11.51
C ARG C 410 -5.75 -5.56 11.09
N ALA C 411 -4.94 -4.76 10.39
CA ALA C 411 -5.38 -3.44 9.96
C ALA C 411 -6.43 -3.52 8.87
N GLU C 412 -6.25 -4.43 7.90
CA GLU C 412 -7.27 -4.55 6.85
C GLU C 412 -8.53 -5.21 7.36
N PHE C 413 -8.42 -6.10 8.35
CA PHE C 413 -9.60 -6.69 8.96
C PHE C 413 -10.38 -5.66 9.78
N GLN C 414 -9.67 -4.82 10.53
CA GLN C 414 -10.30 -3.73 11.26
C GLN C 414 -10.89 -2.69 10.31
N ALA C 415 -10.26 -2.48 9.16
CA ALA C 415 -10.81 -1.56 8.17
C ALA C 415 -12.08 -2.10 7.55
N LYS C 416 -12.15 -3.41 7.31
CA LYS C 416 -13.38 -4.01 6.81
C LYS C 416 -14.49 -3.93 7.84
N ILE C 417 -14.15 -4.13 9.12
CA ILE C 417 -15.14 -4.04 10.19
C ILE C 417 -15.67 -2.61 10.32
N ASP C 418 -14.78 -1.62 10.27
CA ASP C 418 -15.21 -0.22 10.36
C ASP C 418 -16.00 0.21 9.13
N SER C 419 -15.66 -0.32 7.95
CA SER C 419 -16.42 0.03 6.76
C SER C 419 -17.81 -0.57 6.76
N ILE C 420 -17.94 -1.84 7.18
CA ILE C 420 -19.28 -2.42 7.26
C ILE C 420 -20.06 -1.84 8.43
N LYS C 421 -19.37 -1.35 9.46
CA LYS C 421 -20.05 -0.65 10.55
C LYS C 421 -20.59 0.69 10.07
N GLN C 422 -19.83 1.39 9.22
CA GLN C 422 -20.30 2.63 8.63
C GLN C 422 -21.48 2.39 7.70
N TYR C 423 -21.44 1.28 6.94
CA TYR C 423 -22.55 0.95 6.05
C TYR C 423 -23.81 0.60 6.83
N MET C 424 -23.67 -0.15 7.92
CA MET C 424 -24.82 -0.53 8.71
C MET C 424 -25.35 0.62 9.58
N GLN C 425 -24.50 1.57 9.94
CA GLN C 425 -24.98 2.77 10.62
C GLN C 425 -25.59 3.77 9.66
N PHE C 426 -25.25 3.70 8.38
CA PHE C 426 -25.92 4.54 7.39
C PHE C 426 -27.27 3.97 7.00
N ARG C 427 -27.34 2.68 6.66
CA ARG C 427 -28.55 2.13 6.08
C ARG C 427 -29.63 1.78 7.11
N LYS C 428 -29.45 2.19 8.37
CA LYS C 428 -30.33 1.95 9.52
C LYS C 428 -30.85 0.51 9.59
N VAL C 429 -29.89 -0.42 9.73
CA VAL C 429 -30.22 -1.81 9.99
C VAL C 429 -30.55 -1.96 11.47
N THR C 430 -31.11 -3.10 11.84
CA THR C 430 -31.53 -3.28 13.23
C THR C 430 -30.32 -3.65 14.09
N LYS C 431 -30.48 -3.41 15.40
CA LYS C 431 -29.36 -3.55 16.32
C LYS C 431 -29.00 -4.99 16.61
N ASP C 432 -29.97 -5.92 16.54
CA ASP C 432 -29.62 -7.32 16.70
C ASP C 432 -28.84 -7.82 15.51
N LEU C 433 -29.14 -7.31 14.31
CA LEU C 433 -28.33 -7.63 13.13
C LEU C 433 -26.95 -7.01 13.23
N GLU C 434 -26.84 -5.82 13.83
CA GLU C 434 -25.54 -5.21 14.10
C GLU C 434 -24.70 -6.11 15.00
N THR C 435 -25.26 -6.54 16.14
CA THR C 435 -24.53 -7.41 17.05
C THR C 435 -24.25 -8.78 16.43
N ARG C 436 -25.13 -9.27 15.56
CA ARG C 436 -24.90 -10.55 14.90
C ARG C 436 -23.73 -10.47 13.93
N VAL C 437 -23.65 -9.40 13.15
CA VAL C 437 -22.56 -9.29 12.17
C VAL C 437 -21.24 -9.01 12.87
N ILE C 438 -21.27 -8.24 13.97
CA ILE C 438 -20.01 -7.98 14.66
C ILE C 438 -19.52 -9.21 15.44
N ARG C 439 -20.44 -9.98 16.05
CA ARG C 439 -20.02 -11.24 16.66
C ARG C 439 -19.60 -12.26 15.60
N TRP C 440 -20.18 -12.18 14.41
CA TRP C 440 -19.77 -13.02 13.28
C TRP C 440 -18.33 -12.73 12.89
N PHE C 441 -17.96 -11.46 12.79
CA PHE C 441 -16.59 -11.12 12.42
C PHE C 441 -15.62 -11.43 13.56
N ASP C 442 -16.07 -11.30 14.81
CA ASP C 442 -15.24 -11.69 15.95
C ASP C 442 -15.00 -13.20 15.94
N TYR C 443 -16.02 -13.98 15.59
CA TYR C 443 -15.85 -15.43 15.52
C TYR C 443 -14.96 -15.82 14.36
N LEU C 444 -15.05 -15.11 13.23
CA LEU C 444 -14.15 -15.40 12.12
C LEU C 444 -12.72 -14.99 12.42
N TRP C 445 -12.52 -14.01 13.29
CA TRP C 445 -11.13 -13.69 13.66
C TRP C 445 -10.58 -14.68 14.68
N ALA C 446 -11.41 -15.10 15.63
CA ALA C 446 -10.96 -16.09 16.61
C ALA C 446 -10.86 -17.49 16.01
N ASN C 447 -11.48 -17.72 14.87
CA ASN C 447 -11.46 -19.00 14.17
C ASN C 447 -10.26 -19.15 13.26
N LYS C 448 -9.43 -18.09 13.14
CA LYS C 448 -8.29 -18.02 12.22
C LYS C 448 -8.69 -18.25 10.77
N LYS C 449 -9.92 -17.88 10.42
CA LYS C 449 -10.45 -18.07 9.06
C LYS C 449 -11.24 -16.81 8.69
N THR C 450 -10.55 -15.83 8.12
CA THR C 450 -11.18 -14.66 7.54
C THR C 450 -10.97 -14.55 6.03
N VAL C 451 -9.98 -15.23 5.49
CA VAL C 451 -9.68 -15.22 4.06
C VAL C 451 -10.19 -16.51 3.43
N ASP C 452 -10.73 -16.40 2.22
CA ASP C 452 -11.35 -17.55 1.57
C ASP C 452 -10.28 -18.45 0.98
N GLU C 453 -10.55 -19.76 1.04
CA GLU C 453 -9.56 -20.76 0.66
C GLU C 453 -9.22 -20.69 -0.83
N LYS C 454 -10.15 -20.28 -1.68
CA LYS C 454 -9.81 -20.13 -3.09
C LYS C 454 -8.90 -18.92 -3.32
N GLU C 455 -9.08 -17.86 -2.53
CA GLU C 455 -8.13 -16.74 -2.62
C GLU C 455 -6.79 -17.09 -1.98
N VAL C 456 -6.74 -18.10 -1.12
CA VAL C 456 -5.44 -18.59 -0.66
C VAL C 456 -4.77 -19.44 -1.73
N LEU C 457 -5.52 -20.38 -2.33
CA LEU C 457 -4.96 -21.38 -3.23
C LEU C 457 -5.11 -21.03 -4.72
N LYS C 458 -5.38 -19.77 -5.06
CA LYS C 458 -5.35 -19.43 -6.48
C LYS C 458 -3.93 -19.35 -7.02
N SER C 459 -2.93 -19.24 -6.16
CA SER C 459 -1.54 -19.18 -6.60
C SER C 459 -0.94 -20.55 -6.85
N LEU C 460 -1.57 -21.60 -6.35
CA LEU C 460 -1.02 -22.95 -6.35
C LEU C 460 -1.33 -23.66 -7.66
N PRO C 461 -0.53 -24.66 -8.02
CA PRO C 461 -0.89 -25.54 -9.14
C PRO C 461 -2.09 -26.42 -8.79
N ASP C 462 -2.63 -27.07 -9.83
CA ASP C 462 -3.92 -27.72 -9.72
C ASP C 462 -3.84 -29.00 -8.89
N LYS C 463 -2.80 -29.82 -9.08
CA LYS C 463 -2.70 -31.05 -8.31
C LYS C 463 -2.35 -30.77 -6.85
N LEU C 464 -1.57 -29.73 -6.59
CA LEU C 464 -1.28 -29.36 -5.21
C LEU C 464 -2.51 -28.79 -4.53
N LYS C 465 -3.31 -28.00 -5.25
CA LYS C 465 -4.58 -27.49 -4.71
C LYS C 465 -5.54 -28.63 -4.42
N ALA C 466 -5.58 -29.64 -5.29
CA ALA C 466 -6.40 -30.81 -5.03
C ALA C 466 -5.89 -31.61 -3.85
N GLU C 467 -4.57 -31.66 -3.62
CA GLU C 467 -4.04 -32.36 -2.45
C GLU C 467 -4.36 -31.63 -1.15
N ILE C 468 -4.32 -30.29 -1.16
CA ILE C 468 -4.79 -29.52 -0.01
C ILE C 468 -6.28 -29.77 0.23
N ALA C 469 -7.06 -29.90 -0.85
CA ALA C 469 -8.48 -30.22 -0.74
C ALA C 469 -8.70 -31.61 -0.12
N ILE C 470 -7.87 -32.59 -0.50
CA ILE C 470 -7.88 -33.91 0.14
C ILE C 470 -7.61 -33.78 1.63
N ASN C 471 -6.46 -33.19 1.98
CA ASN C 471 -5.99 -33.13 3.36
C ASN C 471 -6.88 -32.31 4.27
N VAL C 472 -7.71 -31.42 3.73
CA VAL C 472 -8.64 -30.65 4.54
C VAL C 472 -10.01 -31.31 4.62
N HIS C 473 -10.53 -31.82 3.49
CA HIS C 473 -11.94 -32.18 3.44
C HIS C 473 -12.22 -33.68 3.58
N LEU C 474 -11.30 -34.57 3.21
CA LEU C 474 -11.69 -35.99 3.21
C LEU C 474 -11.75 -36.61 4.59
N ASP C 475 -11.07 -36.03 5.59
CA ASP C 475 -11.22 -36.56 6.94
C ASP C 475 -12.61 -36.31 7.52
N THR C 476 -13.29 -35.28 7.03
CA THR C 476 -14.72 -35.11 7.32
C THR C 476 -15.57 -35.96 6.37
N LEU C 477 -15.18 -36.06 5.11
CA LEU C 477 -15.96 -36.81 4.12
C LEU C 477 -15.82 -38.32 4.27
N LYS C 478 -15.00 -38.82 5.19
CA LYS C 478 -15.04 -40.24 5.53
C LYS C 478 -16.07 -40.55 6.61
N LYS C 479 -16.68 -39.54 7.22
CA LYS C 479 -17.70 -39.72 8.25
C LYS C 479 -19.11 -39.71 7.64
N VAL C 480 -19.22 -39.85 6.33
CA VAL C 480 -20.49 -39.79 5.62
C VAL C 480 -21.25 -41.09 5.77
N ARG C 481 -22.53 -41.06 5.38
CA ARG C 481 -23.35 -42.26 5.31
C ARG C 481 -23.80 -42.60 3.90
N ILE C 482 -23.39 -41.83 2.89
CA ILE C 482 -23.82 -42.07 1.52
C ILE C 482 -22.68 -42.43 0.58
N PHE C 483 -21.43 -42.04 0.85
CA PHE C 483 -20.33 -42.33 -0.06
C PHE C 483 -19.63 -43.64 0.26
N GLN C 484 -20.31 -44.57 0.93
CA GLN C 484 -19.81 -45.92 1.06
C GLN C 484 -20.10 -46.73 -0.20
N ASP C 485 -21.19 -46.40 -0.90
CA ASP C 485 -21.49 -46.96 -2.21
C ASP C 485 -21.24 -45.95 -3.33
N CYS C 486 -20.23 -45.09 -3.16
CA CYS C 486 -19.79 -44.15 -4.18
C CYS C 486 -18.27 -44.23 -4.31
N GLU C 487 -17.77 -43.73 -5.43
CA GLU C 487 -16.41 -44.02 -5.87
C GLU C 487 -15.50 -42.80 -5.74
N ALA C 488 -14.19 -43.10 -5.82
CA ALA C 488 -13.15 -42.11 -5.59
C ALA C 488 -13.11 -41.04 -6.66
N GLY C 489 -13.62 -41.32 -7.86
CA GLY C 489 -13.71 -40.29 -8.88
C GLY C 489 -14.68 -39.19 -8.51
N LEU C 490 -15.84 -39.57 -7.98
CA LEU C 490 -16.77 -38.54 -7.53
C LEU C 490 -16.33 -37.93 -6.20
N LEU C 491 -15.55 -38.66 -5.38
CA LEU C 491 -14.95 -38.02 -4.20
C LEU C 491 -13.97 -36.91 -4.59
N VAL C 492 -13.10 -37.18 -5.56
CA VAL C 492 -12.14 -36.13 -5.93
C VAL C 492 -12.81 -35.03 -6.75
N GLU C 493 -13.89 -35.34 -7.47
CA GLU C 493 -14.60 -34.30 -8.21
C GLU C 493 -15.38 -33.38 -7.27
N LEU C 494 -16.02 -33.95 -6.25
CA LEU C 494 -16.67 -33.12 -5.23
C LEU C 494 -15.66 -32.32 -4.43
N VAL C 495 -14.49 -32.89 -4.12
CA VAL C 495 -13.51 -32.13 -3.36
C VAL C 495 -12.85 -31.07 -4.23
N LEU C 496 -12.93 -31.19 -5.56
CA LEU C 496 -12.61 -30.06 -6.41
C LEU C 496 -13.74 -29.03 -6.41
N LYS C 497 -14.98 -29.47 -6.27
CA LYS C 497 -16.13 -28.57 -6.41
C LYS C 497 -16.62 -27.98 -5.09
N LEU C 498 -15.98 -28.28 -3.97
CA LEU C 498 -16.44 -27.76 -2.68
C LEU C 498 -16.03 -26.32 -2.49
N ARG C 499 -16.93 -25.52 -1.91
CA ARG C 499 -16.61 -24.18 -1.45
C ARG C 499 -17.22 -23.97 -0.08
N PRO C 500 -16.44 -23.61 0.94
CA PRO C 500 -16.99 -23.50 2.30
C PRO C 500 -17.72 -22.18 2.52
N THR C 501 -18.86 -22.27 3.21
CA THR C 501 -19.57 -21.12 3.71
C THR C 501 -19.67 -21.23 5.22
N VAL C 502 -19.73 -20.07 5.89
CA VAL C 502 -19.84 -19.99 7.34
C VAL C 502 -21.20 -19.41 7.66
N PHE C 503 -21.80 -19.86 8.76
CA PHE C 503 -23.11 -19.37 9.16
C PHE C 503 -23.08 -18.87 10.59
N SER C 504 -24.22 -18.37 11.04
CA SER C 504 -24.42 -17.75 12.34
C SER C 504 -25.52 -18.48 13.09
N PRO C 505 -25.52 -18.43 14.43
CA PRO C 505 -26.59 -19.09 15.18
C PRO C 505 -27.92 -18.40 15.01
N GLY C 506 -28.97 -19.20 14.81
CA GLY C 506 -30.28 -18.67 14.55
C GLY C 506 -30.54 -18.34 13.10
N ASP C 507 -29.57 -18.52 12.22
CA ASP C 507 -29.74 -18.21 10.81
C ASP C 507 -30.29 -19.42 10.07
N TYR C 508 -31.21 -19.17 9.15
CA TYR C 508 -31.84 -20.24 8.39
C TYR C 508 -31.00 -20.59 7.17
N ILE C 509 -30.94 -21.88 6.86
CA ILE C 509 -30.32 -22.34 5.63
C ILE C 509 -31.38 -22.33 4.54
N CYS C 510 -32.40 -23.16 4.70
CA CYS C 510 -33.52 -23.25 3.78
C CYS C 510 -34.79 -23.35 4.61
N LYS C 511 -35.81 -22.58 4.24
CA LYS C 511 -37.08 -22.63 4.94
C LYS C 511 -37.97 -23.73 4.34
N LYS C 512 -39.23 -23.77 4.76
CA LYS C 512 -40.20 -24.67 4.15
C LYS C 512 -40.70 -24.09 2.83
N GLY C 513 -40.55 -24.85 1.75
CA GLY C 513 -41.27 -24.56 0.53
C GLY C 513 -40.60 -23.62 -0.45
N ASP C 514 -39.29 -23.43 -0.36
CA ASP C 514 -38.56 -22.69 -1.39
C ASP C 514 -37.90 -23.65 -2.36
N ILE C 515 -37.63 -23.16 -3.56
CA ILE C 515 -36.89 -23.91 -4.57
C ILE C 515 -35.42 -23.56 -4.39
N GLY C 516 -34.72 -24.41 -3.65
CA GLY C 516 -33.30 -24.27 -3.55
C GLY C 516 -32.61 -25.22 -4.52
N LYS C 517 -31.41 -24.88 -4.95
CA LYS C 517 -30.66 -25.71 -5.88
C LYS C 517 -29.26 -26.00 -5.35
N GLU C 518 -29.08 -25.94 -4.03
CA GLU C 518 -27.79 -26.16 -3.41
C GLU C 518 -27.83 -27.39 -2.51
N MET C 519 -26.69 -28.08 -2.42
CA MET C 519 -26.49 -29.18 -1.51
C MET C 519 -25.38 -28.81 -0.52
N TYR C 520 -25.49 -29.32 0.70
CA TYR C 520 -24.63 -28.85 1.78
C TYR C 520 -24.04 -30.02 2.57
N ILE C 521 -22.79 -29.85 2.96
CA ILE C 521 -22.06 -30.81 3.79
C ILE C 521 -21.62 -30.10 5.06
N ILE C 522 -22.03 -30.62 6.20
CA ILE C 522 -21.72 -30.00 7.48
C ILE C 522 -20.26 -30.29 7.85
N ASN C 523 -19.58 -29.28 8.40
CA ASN C 523 -18.17 -29.41 8.78
C ASN C 523 -17.94 -28.55 10.02
N GLU C 524 -17.82 -29.22 11.17
CA GLU C 524 -17.64 -28.60 12.48
C GLU C 524 -18.84 -27.69 12.83
N GLY C 525 -20.04 -28.24 12.68
CA GLY C 525 -21.24 -27.49 12.95
C GLY C 525 -22.22 -28.31 13.75
N LYS C 526 -23.40 -27.74 13.98
CA LYS C 526 -24.47 -28.45 14.66
C LYS C 526 -25.79 -27.84 14.17
N LEU C 527 -26.49 -28.56 13.32
CA LEU C 527 -27.71 -28.05 12.70
C LEU C 527 -28.89 -28.90 13.10
N ALA C 528 -30.09 -28.36 12.87
CA ALA C 528 -31.31 -29.04 13.23
C ALA C 528 -32.43 -28.64 12.29
N VAL C 529 -33.25 -29.60 11.90
CA VAL C 529 -34.46 -29.33 11.16
C VAL C 529 -35.55 -28.95 12.17
N VAL C 530 -36.32 -27.91 11.84
CA VAL C 530 -37.27 -27.34 12.79
C VAL C 530 -38.56 -27.03 12.04
N ALA C 531 -39.63 -26.81 12.79
CA ALA C 531 -40.91 -26.40 12.24
C ALA C 531 -41.06 -24.89 12.33
N ASP C 532 -42.21 -24.40 11.89
CA ASP C 532 -42.50 -22.97 11.88
C ASP C 532 -43.11 -22.48 13.20
N ASP C 533 -43.35 -23.38 14.16
CA ASP C 533 -43.95 -22.99 15.43
C ASP C 533 -42.93 -22.48 16.44
N GLY C 534 -41.66 -22.36 16.07
CA GLY C 534 -40.62 -22.04 17.02
C GLY C 534 -39.65 -23.18 17.14
N VAL C 535 -39.02 -23.36 18.30
CA VAL C 535 -38.00 -24.39 18.47
C VAL C 535 -38.70 -25.72 18.77
N THR C 536 -38.91 -26.50 17.72
CA THR C 536 -39.33 -27.90 17.80
C THR C 536 -38.33 -28.68 16.94
N GLN C 537 -37.19 -29.04 17.52
CA GLN C 537 -36.14 -29.73 16.78
C GLN C 537 -36.55 -31.18 16.57
N PHE C 538 -36.74 -31.56 15.31
CA PHE C 538 -37.09 -32.94 14.99
C PHE C 538 -35.90 -33.86 15.18
N VAL C 539 -34.79 -33.56 14.51
CA VAL C 539 -33.54 -34.29 14.69
C VAL C 539 -32.39 -33.31 14.53
N VAL C 540 -31.41 -33.40 15.42
CA VAL C 540 -30.19 -32.61 15.30
C VAL C 540 -29.22 -33.31 14.34
N LEU C 541 -28.71 -32.57 13.38
CA LEU C 541 -27.68 -33.08 12.49
C LEU C 541 -26.33 -32.57 12.95
N SER C 542 -25.28 -33.32 12.65
CA SER C 542 -23.96 -33.04 13.15
C SER C 542 -22.98 -33.17 12.01
N ASP C 543 -21.69 -33.22 12.35
CA ASP C 543 -20.64 -33.34 11.35
C ASP C 543 -20.73 -34.69 10.63
N GLY C 544 -20.64 -34.65 9.30
CA GLY C 544 -20.75 -35.84 8.49
C GLY C 544 -22.12 -36.11 7.90
N SER C 545 -23.05 -35.17 7.99
CA SER C 545 -24.36 -35.35 7.41
C SER C 545 -24.45 -34.62 6.07
N TYR C 546 -25.65 -34.59 5.49
CA TYR C 546 -25.89 -33.91 4.22
C TYR C 546 -27.38 -33.62 4.14
N PHE C 547 -27.72 -32.57 3.41
CA PHE C 547 -29.11 -32.24 3.15
C PHE C 547 -29.21 -31.45 1.85
N GLY C 548 -30.43 -31.31 1.36
CA GLY C 548 -30.65 -30.55 0.14
C GLY C 548 -30.16 -31.24 -1.11
N GLU C 549 -30.26 -32.57 -1.17
CA GLU C 549 -29.79 -33.32 -2.32
C GLU C 549 -30.90 -33.68 -3.30
N ILE C 550 -32.15 -33.72 -2.84
CA ILE C 550 -33.24 -34.22 -3.68
C ILE C 550 -33.77 -33.15 -4.63
N SER C 551 -33.53 -31.88 -4.35
CA SER C 551 -34.18 -30.78 -5.06
C SER C 551 -33.38 -30.31 -6.27
N ILE C 552 -32.33 -31.03 -6.67
CA ILE C 552 -31.52 -30.63 -7.81
C ILE C 552 -31.65 -31.57 -9.00
N LEU C 553 -32.20 -32.77 -8.82
CA LEU C 553 -32.42 -33.68 -9.93
C LEU C 553 -33.81 -33.57 -10.52
N ASN C 554 -34.73 -32.91 -9.79
CA ASN C 554 -36.12 -32.68 -10.18
C ASN C 554 -36.86 -34.00 -10.45
N ILE C 555 -36.92 -34.82 -9.40
CA ILE C 555 -37.65 -36.08 -9.45
C ILE C 555 -38.86 -35.96 -8.53
N LYS C 556 -39.91 -36.70 -8.86
CA LYS C 556 -41.17 -36.64 -8.16
C LYS C 556 -41.46 -38.01 -7.52
N GLY C 557 -42.68 -38.18 -7.02
CA GLY C 557 -43.09 -39.33 -6.25
C GLY C 557 -43.84 -38.86 -5.03
N SER C 558 -44.07 -37.55 -4.98
CA SER C 558 -44.85 -36.91 -3.94
C SER C 558 -45.54 -35.68 -4.54
N LYS C 559 -46.30 -34.98 -3.70
CA LYS C 559 -47.06 -33.81 -4.13
C LYS C 559 -46.25 -32.52 -4.03
N SER C 560 -44.95 -32.60 -3.74
CA SER C 560 -44.13 -31.42 -3.52
C SER C 560 -43.28 -31.03 -4.72
N GLY C 561 -42.61 -31.98 -5.35
CA GLY C 561 -41.69 -31.64 -6.43
C GLY C 561 -40.29 -31.44 -5.90
N ASN C 562 -39.70 -30.29 -6.21
CA ASN C 562 -38.33 -29.99 -5.82
C ASN C 562 -38.26 -28.88 -4.77
N ARG C 563 -39.27 -28.81 -3.91
CA ARG C 563 -39.31 -27.77 -2.88
C ARG C 563 -38.72 -28.22 -1.54
N ARG C 564 -37.99 -27.33 -0.89
CA ARG C 564 -37.41 -27.63 0.41
C ARG C 564 -38.53 -28.02 1.36
N THR C 565 -38.49 -29.26 1.82
CA THR C 565 -39.53 -29.79 2.70
C THR C 565 -39.54 -29.27 4.15
N ALA C 566 -38.52 -28.52 4.55
CA ALA C 566 -38.49 -28.03 5.93
C ALA C 566 -37.57 -26.82 6.19
N ASN C 567 -37.61 -26.37 7.44
CA ASN C 567 -36.81 -25.29 7.98
C ASN C 567 -35.54 -25.86 8.61
N ILE C 568 -34.39 -25.38 8.16
CA ILE C 568 -33.10 -25.82 8.68
C ILE C 568 -32.39 -24.61 9.27
N ARG C 569 -32.18 -24.62 10.58
CA ARG C 569 -31.47 -23.56 11.27
C ARG C 569 -30.12 -24.07 11.76
N SER C 570 -29.25 -23.13 12.10
CA SER C 570 -27.94 -23.45 12.65
C SER C 570 -27.95 -23.14 14.14
N ILE C 571 -27.69 -24.16 14.96
CA ILE C 571 -27.70 -23.97 16.41
C ILE C 571 -26.45 -23.25 16.86
N GLY C 572 -25.28 -23.77 16.51
CA GLY C 572 -24.01 -23.16 16.84
C GLY C 572 -23.45 -22.35 15.68
N TYR C 573 -22.16 -22.10 15.74
CA TYR C 573 -21.46 -21.44 14.63
C TYR C 573 -21.14 -22.50 13.60
N SER C 574 -22.12 -22.79 12.75
CA SER C 574 -21.97 -23.87 11.77
C SER C 574 -21.12 -23.40 10.60
N ASP C 575 -20.56 -24.39 9.91
CA ASP C 575 -19.69 -24.13 8.75
C ASP C 575 -19.97 -25.19 7.70
N LEU C 576 -20.64 -24.82 6.64
CA LEU C 576 -21.08 -25.78 5.64
C LEU C 576 -20.14 -25.78 4.44
N PHE C 577 -20.37 -26.76 3.56
CA PHE C 577 -19.68 -26.88 2.28
C PHE C 577 -20.74 -26.80 1.19
N CYS C 578 -20.71 -25.73 0.41
CA CYS C 578 -21.77 -25.48 -0.56
C CYS C 578 -21.55 -26.28 -1.84
N LEU C 579 -22.61 -26.87 -2.36
CA LEU C 579 -22.60 -27.57 -3.64
C LEU C 579 -23.87 -27.21 -4.38
N SER C 580 -23.74 -26.33 -5.39
CA SER C 580 -24.90 -25.86 -6.12
C SER C 580 -25.31 -26.86 -7.20
N LYS C 581 -26.36 -26.52 -7.94
CA LYS C 581 -26.91 -27.44 -8.94
C LYS C 581 -26.05 -27.47 -10.20
N ASP C 582 -25.64 -26.29 -10.68
CA ASP C 582 -25.08 -26.19 -12.02
C ASP C 582 -23.69 -26.82 -12.10
N ASP C 583 -22.82 -26.52 -11.13
CA ASP C 583 -21.48 -27.08 -11.14
C ASP C 583 -21.50 -28.59 -10.86
N LEU C 584 -22.37 -29.04 -9.97
CA LEU C 584 -22.42 -30.46 -9.64
C LEU C 584 -23.01 -31.27 -10.77
N MET C 585 -24.06 -30.76 -11.43
CA MET C 585 -24.62 -31.45 -12.57
C MET C 585 -23.80 -31.25 -13.84
N GLU C 586 -22.87 -30.30 -13.85
CA GLU C 586 -21.93 -30.20 -14.97
C GLU C 586 -20.78 -31.18 -14.81
N ALA C 587 -20.20 -31.26 -13.61
CA ALA C 587 -19.07 -32.15 -13.41
C ALA C 587 -19.49 -33.60 -13.26
N LEU C 588 -20.65 -33.83 -12.62
CA LEU C 588 -21.17 -35.18 -12.40
C LEU C 588 -22.10 -35.54 -13.55
N THR C 589 -21.48 -35.99 -14.65
CA THR C 589 -22.23 -36.48 -15.79
C THR C 589 -21.88 -37.92 -16.16
N GLU C 590 -20.97 -38.56 -15.41
CA GLU C 590 -20.49 -39.88 -15.75
C GLU C 590 -20.92 -40.98 -14.79
N TYR C 591 -21.32 -40.64 -13.57
CA TYR C 591 -21.53 -41.67 -12.57
C TYR C 591 -23.01 -41.81 -12.23
N PRO C 592 -23.57 -43.00 -12.35
CA PRO C 592 -24.95 -43.25 -11.88
C PRO C 592 -25.05 -43.76 -10.44
N GLU C 593 -23.94 -43.86 -9.71
CA GLU C 593 -24.00 -44.26 -8.31
C GLU C 593 -24.67 -43.18 -7.47
N ALA C 594 -24.35 -41.92 -7.73
CA ALA C 594 -25.06 -40.82 -7.09
C ALA C 594 -26.52 -40.77 -7.53
N LYS C 595 -26.80 -41.17 -8.78
CA LYS C 595 -28.17 -41.19 -9.28
C LYS C 595 -29.02 -42.22 -8.54
N LYS C 596 -28.48 -43.44 -8.36
CA LYS C 596 -29.23 -44.47 -7.67
C LYS C 596 -29.31 -44.21 -6.17
N ALA C 597 -28.25 -43.63 -5.57
CA ALA C 597 -28.29 -43.32 -4.15
C ALA C 597 -29.28 -42.20 -3.85
N LEU C 598 -29.32 -41.17 -4.69
CA LEU C 598 -30.26 -40.07 -4.49
C LEU C 598 -31.67 -40.42 -4.93
N GLU C 599 -31.85 -41.42 -5.81
CA GLU C 599 -33.18 -41.94 -6.08
C GLU C 599 -33.71 -42.73 -4.88
N GLU C 600 -32.82 -43.50 -4.22
CA GLU C 600 -33.17 -44.14 -2.95
C GLU C 600 -33.48 -43.09 -1.88
N LYS C 601 -32.74 -41.98 -1.89
CA LYS C 601 -32.99 -40.89 -0.96
C LYS C 601 -34.35 -40.24 -1.21
N GLY C 602 -34.72 -40.05 -2.48
CA GLY C 602 -36.03 -39.50 -2.78
C GLY C 602 -37.17 -40.43 -2.43
N ARG C 603 -36.97 -41.74 -2.67
CA ARG C 603 -37.96 -42.75 -2.31
C ARG C 603 -38.16 -42.81 -0.80
N GLN C 604 -37.08 -42.79 -0.02
CA GLN C 604 -37.26 -42.83 1.42
C GLN C 604 -37.66 -41.49 2.03
N ILE C 605 -37.38 -40.36 1.37
CA ILE C 605 -37.84 -39.09 1.89
C ILE C 605 -39.32 -38.89 1.57
N LEU C 606 -39.85 -39.51 0.52
CA LEU C 606 -41.29 -39.50 0.35
C LEU C 606 -41.96 -40.59 1.18
N MET C 607 -41.19 -41.61 1.60
CA MET C 607 -41.69 -42.55 2.59
C MET C 607 -41.91 -41.88 3.94
N LYS C 608 -40.89 -41.17 4.44
CA LYS C 608 -41.05 -40.45 5.70
C LYS C 608 -41.82 -39.14 5.56
N ASP C 609 -42.04 -38.68 4.34
CA ASP C 609 -42.84 -37.47 4.13
C ASP C 609 -44.32 -37.73 4.39
N LEU D 206 -22.31 -12.16 41.04
CA LEU D 206 -21.48 -12.91 40.09
C LEU D 206 -22.32 -13.89 39.27
N PRO D 207 -22.33 -13.71 37.96
CA PRO D 207 -23.06 -14.64 37.09
C PRO D 207 -22.35 -15.99 37.01
N ASN D 208 -23.07 -16.96 36.46
CA ASN D 208 -22.56 -18.33 36.39
C ASN D 208 -21.52 -18.49 35.28
N SER D 209 -21.70 -17.81 34.17
CA SER D 209 -20.73 -17.87 33.08
C SER D 209 -20.64 -16.48 32.46
N ILE D 210 -19.43 -15.95 32.40
CA ILE D 210 -19.20 -14.59 31.91
C ILE D 210 -18.80 -14.67 30.45
N ASP D 211 -19.48 -13.91 29.60
CA ASP D 211 -19.13 -13.83 28.19
C ASP D 211 -18.28 -12.59 27.96
N SER D 212 -17.84 -12.42 26.73
CA SER D 212 -16.93 -11.34 26.38
C SER D 212 -17.63 -10.17 25.71
N TYR D 213 -18.65 -10.45 24.89
CA TYR D 213 -19.19 -9.43 24.00
C TYR D 213 -19.97 -8.35 24.76
N THR D 214 -20.93 -8.74 25.59
CA THR D 214 -21.79 -7.77 26.28
C THR D 214 -21.73 -7.92 27.80
N ASP D 215 -20.53 -7.98 28.37
CA ASP D 215 -20.39 -7.93 29.82
C ASP D 215 -19.59 -6.69 30.19
N ARG D 216 -20.31 -5.61 30.52
CA ARG D 216 -19.67 -4.40 31.00
C ARG D 216 -19.06 -4.59 32.38
N LEU D 217 -19.61 -5.51 33.18
CA LEU D 217 -18.98 -5.84 34.45
C LEU D 217 -17.65 -6.56 34.22
N TYR D 218 -17.57 -7.38 33.18
CA TYR D 218 -16.28 -7.99 32.84
C TYR D 218 -15.32 -6.96 32.27
N LEU D 219 -15.83 -5.93 31.59
CA LEU D 219 -14.92 -4.89 31.14
C LEU D 219 -14.41 -4.05 32.30
N LEU D 220 -15.23 -3.80 33.31
CA LEU D 220 -14.72 -3.12 34.50
C LEU D 220 -13.75 -3.99 35.27
N TRP D 221 -13.95 -5.32 35.25
CA TRP D 221 -12.97 -6.20 35.87
C TRP D 221 -11.66 -6.22 35.10
N LEU D 222 -11.73 -6.17 33.77
CA LEU D 222 -10.52 -6.04 32.97
C LEU D 222 -9.82 -4.71 33.23
N LEU D 223 -10.60 -3.66 33.47
CA LEU D 223 -10.00 -2.36 33.80
C LEU D 223 -9.31 -2.40 35.16
N LEU D 224 -9.88 -3.13 36.13
CA LEU D 224 -9.24 -3.22 37.43
C LEU D 224 -7.98 -4.09 37.38
N VAL D 225 -8.01 -5.18 36.62
CA VAL D 225 -6.82 -6.02 36.49
C VAL D 225 -5.74 -5.29 35.70
N THR D 226 -6.13 -4.49 34.69
CA THR D 226 -5.18 -3.68 33.95
C THR D 226 -4.60 -2.58 34.83
N LEU D 227 -5.39 -2.04 35.76
CA LEU D 227 -4.87 -1.03 36.69
C LEU D 227 -3.88 -1.64 37.67
N ALA D 228 -4.15 -2.85 38.16
CA ALA D 228 -3.21 -3.49 39.07
C ALA D 228 -1.93 -3.91 38.36
N TYR D 229 -2.05 -4.39 37.12
CA TYR D 229 -0.87 -4.72 36.33
C TYR D 229 -0.07 -3.48 35.97
N ASN D 230 -0.74 -2.35 35.72
CA ASN D 230 -0.05 -1.10 35.47
C ASN D 230 0.65 -0.60 36.72
N TRP D 231 0.04 -0.79 37.88
CA TRP D 231 0.69 -0.46 39.14
C TRP D 231 1.97 -1.24 39.33
N ASN D 232 1.92 -2.56 39.12
CA ASN D 232 3.12 -3.38 39.28
C ASN D 232 4.19 -3.03 38.25
N CYS D 233 3.82 -3.00 36.97
CA CYS D 233 4.80 -2.81 35.91
C CYS D 233 5.32 -1.38 35.83
N CYS D 234 4.64 -0.41 36.45
CA CYS D 234 5.09 0.97 36.42
C CYS D 234 5.57 1.46 37.78
N PHE D 235 5.51 0.62 38.82
CA PHE D 235 6.05 1.01 40.11
C PHE D 235 7.07 0.04 40.68
N ILE D 236 7.30 -1.10 40.03
CA ILE D 236 8.37 -1.98 40.46
C ILE D 236 9.75 -1.42 40.10
N PRO D 237 10.03 -0.90 38.89
CA PRO D 237 11.35 -0.27 38.69
C PRO D 237 11.54 1.01 39.48
N LEU D 238 10.46 1.75 39.74
CA LEU D 238 10.59 2.99 40.51
C LEU D 238 10.94 2.69 41.96
N ARG D 239 10.24 1.74 42.59
CA ARG D 239 10.58 1.35 43.95
C ARG D 239 11.87 0.54 44.01
N LEU D 240 12.29 -0.06 42.90
CA LEU D 240 13.53 -0.81 42.89
C LEU D 240 14.74 0.11 42.85
N VAL D 241 14.71 1.15 42.01
CA VAL D 241 15.86 2.02 41.81
C VAL D 241 15.82 3.25 42.70
N PHE D 242 14.71 3.99 42.67
CA PHE D 242 14.66 5.23 43.42
C PHE D 242 14.49 4.95 44.91
N PRO D 243 15.07 5.78 45.77
CA PRO D 243 14.85 5.63 47.21
C PRO D 243 13.51 6.22 47.66
N TYR D 244 12.43 5.62 47.17
CA TYR D 244 11.08 5.99 47.56
C TYR D 244 10.42 4.95 48.45
N GLN D 245 10.99 3.75 48.55
CA GLN D 245 10.45 2.71 49.42
C GLN D 245 11.17 2.76 50.77
N THR D 246 10.92 3.85 51.48
CA THR D 246 11.53 4.06 52.79
C THR D 246 10.67 3.38 53.86
N ALA D 247 11.02 3.59 55.13
CA ALA D 247 10.29 2.97 56.22
C ALA D 247 9.00 3.69 56.57
N ASP D 248 8.73 4.85 55.97
CA ASP D 248 7.54 5.61 56.28
C ASP D 248 6.37 5.30 55.34
N ASN D 249 6.64 5.14 54.05
CA ASN D 249 5.62 4.80 53.07
C ASN D 249 5.46 3.29 52.90
N ILE D 250 6.10 2.50 53.77
CA ILE D 250 6.15 1.06 53.56
C ILE D 250 4.80 0.42 53.81
N HIS D 251 3.95 1.03 54.64
CA HIS D 251 2.59 0.55 54.80
C HIS D 251 1.78 0.79 53.52
N TYR D 252 2.05 1.90 52.83
CA TYR D 252 1.34 2.23 51.60
C TYR D 252 1.75 1.28 50.49
N TRP D 253 3.06 1.03 50.35
CA TRP D 253 3.51 0.12 49.29
C TRP D 253 3.09 -1.32 49.56
N LEU D 254 3.12 -1.75 50.82
CA LEU D 254 2.70 -3.11 51.14
C LEU D 254 1.20 -3.28 50.96
N ILE D 255 0.39 -2.27 51.32
CA ILE D 255 -1.04 -2.44 51.12
C ILE D 255 -1.42 -2.32 49.64
N ALA D 256 -0.62 -1.63 48.83
CA ALA D 256 -0.88 -1.60 47.40
C ALA D 256 -0.54 -2.95 46.76
N ASP D 257 0.56 -3.58 47.19
CA ASP D 257 0.90 -4.88 46.63
C ASP D 257 -0.03 -5.97 47.14
N ILE D 258 -0.57 -5.84 48.36
CA ILE D 258 -1.59 -6.76 48.83
C ILE D 258 -2.87 -6.62 48.05
N ILE D 259 -3.27 -5.38 47.74
CA ILE D 259 -4.49 -5.16 46.94
C ILE D 259 -4.33 -5.71 45.52
N CYS D 260 -3.14 -5.52 44.93
CA CYS D 260 -2.94 -6.03 43.58
C CYS D 260 -2.84 -7.55 43.55
N ASP D 261 -2.29 -8.18 44.59
CA ASP D 261 -2.25 -9.63 44.60
C ASP D 261 -3.61 -10.23 44.93
N ILE D 262 -4.45 -9.53 45.69
CA ILE D 262 -5.83 -9.98 45.88
C ILE D 262 -6.61 -9.89 44.59
N ILE D 263 -6.37 -8.83 43.80
CA ILE D 263 -7.01 -8.71 42.48
C ILE D 263 -6.55 -9.83 41.55
N TYR D 264 -5.25 -10.16 41.59
CA TYR D 264 -4.72 -11.27 40.80
C TYR D 264 -5.33 -12.61 41.21
N LEU D 265 -5.46 -12.84 42.52
CA LEU D 265 -6.01 -14.11 42.99
C LEU D 265 -7.49 -14.24 42.64
N TYR D 266 -8.23 -13.13 42.73
CA TYR D 266 -9.64 -13.17 42.34
C TYR D 266 -9.80 -13.41 40.85
N ASP D 267 -8.93 -12.80 40.03
CA ASP D 267 -8.95 -13.04 38.59
C ASP D 267 -8.56 -14.47 38.26
N MET D 268 -7.70 -15.07 39.08
CA MET D 268 -7.36 -16.48 38.89
C MET D 268 -8.54 -17.38 39.22
N LEU D 269 -9.23 -17.10 40.32
CA LEU D 269 -10.12 -18.10 40.86
C LEU D 269 -11.56 -17.97 40.37
N PHE D 270 -12.11 -16.75 40.34
CA PHE D 270 -13.55 -16.60 40.23
C PHE D 270 -14.03 -15.88 38.99
N ILE D 271 -13.14 -15.45 38.10
CA ILE D 271 -13.53 -14.76 36.87
C ILE D 271 -13.11 -15.55 35.63
N GLN D 272 -11.83 -15.84 35.51
CA GLN D 272 -11.27 -16.56 34.36
C GLN D 272 -11.73 -18.01 34.19
N PRO D 273 -12.11 -18.77 35.27
CA PRO D 273 -12.79 -20.04 35.01
C PRO D 273 -14.28 -19.92 34.71
N ARG D 274 -14.75 -18.72 34.36
CA ARG D 274 -16.14 -18.54 33.97
C ARG D 274 -16.25 -17.91 32.58
N LEU D 275 -15.17 -17.93 31.80
CA LEU D 275 -15.18 -17.30 30.48
C LEU D 275 -15.76 -18.25 29.45
N GLN D 276 -16.76 -17.77 28.71
CA GLN D 276 -17.37 -18.55 27.64
C GLN D 276 -16.40 -18.71 26.48
N PHE D 277 -16.53 -19.82 25.77
CA PHE D 277 -15.71 -20.07 24.59
C PHE D 277 -16.48 -20.96 23.64
N VAL D 278 -16.01 -21.03 22.41
CA VAL D 278 -16.62 -21.86 21.38
C VAL D 278 -15.81 -23.12 21.20
N ARG D 279 -16.50 -24.26 21.10
CA ARG D 279 -15.87 -25.56 20.89
C ARG D 279 -16.71 -26.32 19.89
N GLY D 280 -16.19 -26.47 18.66
CA GLY D 280 -16.91 -27.20 17.65
C GLY D 280 -18.15 -26.52 17.14
N GLY D 281 -18.24 -25.20 17.28
CA GLY D 281 -19.33 -24.42 16.74
C GLY D 281 -20.33 -23.91 17.75
N ASP D 282 -20.66 -24.70 18.77
CA ASP D 282 -21.62 -24.23 19.77
C ASP D 282 -20.88 -23.64 20.96
N ILE D 283 -21.52 -22.67 21.60
CA ILE D 283 -20.94 -22.02 22.78
C ILE D 283 -21.06 -22.95 23.97
N ILE D 284 -20.10 -22.84 24.89
CA ILE D 284 -19.96 -23.76 26.01
C ILE D 284 -20.32 -23.02 27.28
N VAL D 285 -21.31 -23.52 28.01
CA VAL D 285 -21.82 -22.86 29.19
C VAL D 285 -21.45 -23.60 30.48
N ASP D 286 -21.34 -24.92 30.44
CA ASP D 286 -21.22 -25.72 31.66
C ASP D 286 -19.86 -25.57 32.34
N SER D 287 -19.91 -25.49 33.68
CA SER D 287 -18.83 -24.89 34.45
C SER D 287 -17.62 -25.79 34.59
N ASN D 288 -17.80 -27.11 34.65
CA ASN D 288 -16.66 -28.01 34.75
C ASN D 288 -15.86 -28.02 33.46
N GLU D 289 -16.55 -27.97 32.32
CA GLU D 289 -15.87 -27.89 31.03
C GLU D 289 -15.22 -26.52 30.83
N LEU D 290 -15.86 -25.46 31.32
CA LEU D 290 -15.23 -24.13 31.28
C LEU D 290 -13.96 -24.10 32.13
N ARG D 291 -14.00 -24.74 33.31
CA ARG D 291 -12.84 -24.78 34.19
C ARG D 291 -11.71 -25.59 33.58
N LYS D 292 -12.03 -26.73 32.95
CA LYS D 292 -10.99 -27.54 32.31
C LYS D 292 -10.41 -26.82 31.09
N HIS D 293 -11.26 -26.10 30.34
CA HIS D 293 -10.78 -25.35 29.18
C HIS D 293 -9.88 -24.20 29.59
N TYR D 294 -10.20 -23.54 30.70
CA TYR D 294 -9.31 -22.49 31.18
C TYR D 294 -8.02 -23.08 31.72
N ARG D 295 -8.11 -24.20 32.45
CA ARG D 295 -6.94 -24.75 33.12
C ARG D 295 -5.99 -25.46 32.17
N THR D 296 -6.42 -25.82 30.96
CA THR D 296 -5.48 -26.36 30.00
C THR D 296 -4.83 -25.30 29.13
N SER D 297 -5.19 -24.04 29.32
CA SER D 297 -4.76 -22.98 28.41
C SER D 297 -3.39 -22.44 28.79
N THR D 298 -2.93 -21.45 28.02
CA THR D 298 -1.66 -20.78 28.27
C THR D 298 -1.83 -19.62 29.24
N LYS D 299 -3.02 -19.02 29.26
CA LYS D 299 -3.30 -17.95 30.21
C LYS D 299 -3.26 -18.44 31.65
N PHE D 300 -3.68 -19.68 31.88
CA PHE D 300 -3.66 -20.22 33.24
C PHE D 300 -2.24 -20.45 33.72
N GLN D 301 -1.37 -21.01 32.88
CA GLN D 301 0.00 -21.23 33.33
C GLN D 301 0.78 -19.93 33.41
N LEU D 302 0.42 -18.92 32.60
CA LEU D 302 1.02 -17.60 32.78
C LEU D 302 0.59 -16.96 34.08
N ASP D 303 -0.70 -17.10 34.45
CA ASP D 303 -1.18 -16.48 35.68
C ASP D 303 -0.62 -17.18 36.92
N VAL D 304 -0.53 -18.51 36.90
CA VAL D 304 0.04 -19.22 38.03
C VAL D 304 1.55 -19.00 38.10
N ALA D 305 2.21 -18.81 36.95
CA ALA D 305 3.62 -18.42 37.00
C ALA D 305 3.79 -16.99 37.49
N SER D 306 2.76 -16.15 37.37
CA SER D 306 2.82 -14.80 37.92
C SER D 306 2.56 -14.77 39.42
N ILE D 307 1.72 -15.66 39.93
CA ILE D 307 1.18 -15.53 41.29
C ILE D 307 2.09 -16.23 42.31
N ILE D 308 3.26 -16.69 41.86
CA ILE D 308 4.22 -17.39 42.72
C ILE D 308 4.68 -16.44 43.82
N PRO D 309 4.24 -16.65 45.06
CA PRO D 309 4.30 -15.58 46.06
C PRO D 309 5.68 -15.41 46.64
N PHE D 310 6.50 -14.61 45.96
CA PHE D 310 7.82 -14.26 46.46
C PHE D 310 7.80 -13.15 47.52
N ASP D 311 6.63 -12.86 48.12
CA ASP D 311 6.60 -12.07 49.34
C ASP D 311 7.03 -12.88 50.56
N ILE D 312 7.18 -14.20 50.41
CA ILE D 312 7.76 -15.02 51.46
C ILE D 312 9.28 -14.91 51.50
N CYS D 313 9.89 -14.27 50.50
CA CYS D 313 11.31 -13.94 50.55
C CYS D 313 11.58 -12.60 51.19
N TYR D 314 10.54 -11.92 51.69
CA TYR D 314 10.75 -10.69 52.44
C TYR D 314 11.38 -10.98 53.80
N LEU D 315 11.11 -12.17 54.36
CA LEU D 315 11.77 -12.59 55.58
C LEU D 315 13.19 -13.08 55.33
N PHE D 316 13.50 -13.47 54.09
CA PHE D 316 14.79 -14.06 53.79
C PHE D 316 15.85 -12.98 53.58
N PHE D 317 15.66 -12.13 52.59
CA PHE D 317 16.66 -11.13 52.21
C PHE D 317 16.13 -9.71 52.40
N GLY D 318 15.21 -9.51 53.34
CA GLY D 318 14.68 -8.20 53.61
C GLY D 318 13.70 -7.74 52.55
N PHE D 319 13.41 -6.44 52.59
CA PHE D 319 12.50 -5.84 51.62
C PHE D 319 13.25 -5.53 50.33
N ASN D 320 12.81 -6.12 49.24
CA ASN D 320 13.37 -5.86 47.92
C ASN D 320 12.32 -6.16 46.85
N PRO D 321 11.92 -5.19 46.05
CA PRO D 321 10.89 -5.43 45.03
C PRO D 321 11.40 -6.12 43.77
N MET D 322 12.65 -6.58 43.73
CA MET D 322 13.09 -7.40 42.62
C MET D 322 12.45 -8.78 42.62
N PHE D 323 11.99 -9.25 43.79
CA PHE D 323 11.28 -10.51 43.87
C PHE D 323 9.85 -10.41 43.36
N ARG D 324 9.31 -9.20 43.25
CA ARG D 324 7.94 -9.01 42.78
C ARG D 324 7.84 -8.93 41.27
N ALA D 325 8.89 -9.27 40.54
CA ALA D 325 8.92 -9.08 39.09
C ALA D 325 8.01 -10.03 38.34
N ASN D 326 7.51 -11.08 38.98
CA ASN D 326 6.65 -12.04 38.29
C ASN D 326 5.25 -11.49 38.05
N ARG D 327 4.84 -10.44 38.75
CA ARG D 327 3.53 -9.85 38.50
C ARG D 327 3.47 -9.07 37.21
N MET D 328 4.61 -8.84 36.56
CA MET D 328 4.65 -8.27 35.23
C MET D 328 4.49 -9.32 34.14
N LEU D 329 4.35 -10.60 34.50
CA LEU D 329 4.15 -11.62 33.48
C LEU D 329 2.71 -11.66 32.99
N LYS D 330 1.77 -11.18 33.78
CA LYS D 330 0.37 -11.17 33.38
C LYS D 330 0.13 -10.00 32.44
N TYR D 331 0.50 -10.19 31.17
CA TYR D 331 0.21 -9.17 30.17
C TYR D 331 -0.98 -9.51 29.29
N THR D 332 -1.45 -10.75 29.34
CA THR D 332 -2.57 -11.15 28.49
C THR D 332 -3.86 -10.47 28.92
N SER D 333 -4.02 -10.17 30.21
CA SER D 333 -5.21 -9.43 30.64
C SER D 333 -5.18 -8.00 30.14
N PHE D 334 -3.99 -7.39 30.09
CA PHE D 334 -3.88 -6.05 29.52
C PHE D 334 -4.16 -6.06 28.02
N PHE D 335 -3.71 -7.10 27.33
CA PHE D 335 -3.96 -7.15 25.89
C PHE D 335 -5.41 -7.43 25.57
N GLU D 336 -6.08 -8.28 26.37
CA GLU D 336 -7.51 -8.47 26.14
C GLU D 336 -8.32 -7.25 26.55
N PHE D 337 -7.84 -6.45 27.50
CA PHE D 337 -8.52 -5.18 27.78
C PHE D 337 -8.37 -4.20 26.63
N ASN D 338 -7.17 -4.16 26.02
CA ASN D 338 -6.95 -3.33 24.84
C ASN D 338 -7.89 -3.75 23.71
N HIS D 339 -8.00 -5.06 23.49
CA HIS D 339 -8.88 -5.57 22.44
C HIS D 339 -10.35 -5.29 22.74
N HIS D 340 -10.76 -5.36 24.00
CA HIS D 340 -12.16 -5.13 24.32
C HIS D 340 -12.54 -3.66 24.22
N LEU D 341 -11.67 -2.75 24.67
CA LEU D 341 -11.99 -1.33 24.53
C LEU D 341 -11.94 -0.89 23.08
N GLU D 342 -11.00 -1.42 22.30
CA GLU D 342 -10.98 -1.18 20.87
C GLU D 342 -12.17 -1.81 20.17
N SER D 343 -12.76 -2.86 20.75
CA SER D 343 -13.96 -3.46 20.19
C SER D 343 -15.19 -2.60 20.44
N ILE D 344 -15.33 -2.03 21.64
CA ILE D 344 -16.58 -1.33 21.94
C ILE D 344 -16.54 0.16 21.65
N MET D 345 -15.36 0.74 21.42
CA MET D 345 -15.33 2.18 21.18
C MET D 345 -15.75 2.50 19.75
N ASP D 346 -16.27 3.72 19.56
CA ASP D 346 -16.70 4.18 18.25
C ASP D 346 -15.58 4.81 17.46
N LYS D 347 -14.75 5.63 18.10
CA LYS D 347 -13.56 6.22 17.50
C LYS D 347 -12.37 5.57 18.20
N ALA D 348 -11.94 4.42 17.68
CA ALA D 348 -10.89 3.66 18.35
C ALA D 348 -9.51 4.28 18.18
N TYR D 349 -9.35 5.17 17.21
CA TYR D 349 -8.04 5.77 16.98
C TYR D 349 -7.64 6.75 18.07
N ILE D 350 -8.60 7.32 18.79
CA ILE D 350 -8.29 8.15 19.95
C ILE D 350 -7.60 7.31 21.03
N TYR D 351 -8.18 6.15 21.32
CA TYR D 351 -7.57 5.26 22.31
C TYR D 351 -6.26 4.66 21.81
N ARG D 352 -6.13 4.44 20.50
CA ARG D 352 -4.88 3.90 19.98
C ARG D 352 -3.75 4.93 20.07
N VAL D 353 -4.07 6.21 19.84
CA VAL D 353 -3.08 7.27 20.00
C VAL D 353 -2.71 7.45 21.46
N ILE D 354 -3.70 7.35 22.36
CA ILE D 354 -3.42 7.46 23.79
C ILE D 354 -2.57 6.28 24.28
N ARG D 355 -2.80 5.09 23.73
CA ARG D 355 -2.00 3.93 24.10
C ARG D 355 -0.57 4.03 23.56
N THR D 356 -0.39 4.58 22.36
CA THR D 356 0.97 4.78 21.85
C THR D 356 1.71 5.83 22.68
N THR D 357 1.01 6.88 23.11
CA THR D 357 1.60 7.88 23.99
C THR D 357 1.98 7.26 25.33
N GLY D 358 1.12 6.38 25.85
CA GLY D 358 1.45 5.69 27.10
C GLY D 358 2.61 4.74 26.99
N TYR D 359 2.76 4.09 25.83
CA TYR D 359 3.93 3.24 25.60
C TYR D 359 5.21 4.06 25.57
N LEU D 360 5.16 5.24 24.94
CA LEU D 360 6.34 6.10 24.91
C LEU D 360 6.69 6.63 26.30
N LEU D 361 5.67 7.02 27.08
CA LEU D 361 5.93 7.47 28.43
C LEU D 361 6.45 6.35 29.33
N PHE D 362 6.00 5.11 29.10
CA PHE D 362 6.48 4.00 29.91
C PHE D 362 7.92 3.63 29.56
N ILE D 363 8.28 3.66 28.27
CA ILE D 363 9.67 3.32 27.95
C ILE D 363 10.61 4.45 28.37
N LEU D 364 10.11 5.71 28.40
CA LEU D 364 10.91 6.78 28.95
C LEU D 364 11.07 6.66 30.47
N HIS D 365 10.04 6.16 31.16
CA HIS D 365 10.17 5.95 32.60
C HIS D 365 11.13 4.81 32.91
N ILE D 366 11.13 3.77 32.07
CA ILE D 366 12.10 2.68 32.24
C ILE D 366 13.52 3.18 31.97
N ASN D 367 13.69 4.05 30.98
CA ASN D 367 15.02 4.61 30.72
C ASN D 367 15.46 5.56 31.82
N ALA D 368 14.52 6.26 32.46
CA ALA D 368 14.87 7.12 33.58
C ALA D 368 15.29 6.29 34.80
N CYS D 369 14.60 5.17 35.04
CA CYS D 369 14.98 4.29 36.15
C CYS D 369 16.33 3.64 35.89
N VAL D 370 16.61 3.26 34.65
CA VAL D 370 17.89 2.62 34.33
C VAL D 370 19.02 3.65 34.40
N TYR D 371 18.75 4.90 34.02
CA TYR D 371 19.76 5.94 34.16
C TYR D 371 20.04 6.26 35.62
N TYR D 372 19.00 6.24 36.46
CA TYR D 372 19.26 6.49 37.88
C TYR D 372 20.01 5.32 38.51
N TRP D 373 19.78 4.10 38.04
CA TRP D 373 20.59 2.98 38.51
C TRP D 373 22.04 3.11 38.08
N ALA D 374 22.28 3.57 36.85
CA ALA D 374 23.65 3.76 36.39
C ALA D 374 24.35 4.86 37.15
N SER D 375 23.62 5.92 37.53
CA SER D 375 24.25 6.98 38.33
C SER D 375 24.51 6.52 39.76
N ASN D 376 23.64 5.69 40.33
CA ASN D 376 23.89 5.18 41.66
C ASN D 376 25.03 4.16 41.66
N TYR D 377 25.23 3.46 40.54
CA TYR D 377 26.34 2.53 40.44
C TYR D 377 27.66 3.25 40.19
N GLU D 378 27.62 4.38 39.49
CA GLU D 378 28.83 5.18 39.33
C GLU D 378 29.13 6.06 40.54
N GLY D 379 28.14 6.28 41.41
CA GLY D 379 28.29 7.23 42.48
C GLY D 379 27.69 8.57 42.07
N ILE D 380 26.82 9.13 42.90
CA ILE D 380 26.11 10.35 42.55
C ILE D 380 27.09 11.52 42.58
N GLY D 381 27.19 12.23 41.46
CA GLY D 381 28.03 13.40 41.39
C GLY D 381 29.51 13.12 41.27
N THR D 382 29.90 11.94 40.79
CA THR D 382 31.31 11.62 40.68
C THR D 382 31.92 12.28 39.45
N THR D 383 31.44 11.91 38.26
CA THR D 383 31.84 12.55 37.02
C THR D 383 30.79 13.59 36.65
N ARG D 384 30.86 14.09 35.41
CA ARG D 384 29.90 15.06 34.94
C ARG D 384 28.74 14.42 34.19
N TRP D 385 28.82 13.14 33.86
CA TRP D 385 27.73 12.51 33.12
C TRP D 385 26.57 12.13 34.03
N VAL D 386 26.88 11.66 35.24
CA VAL D 386 25.87 11.09 36.13
C VAL D 386 25.00 12.18 36.72
N TYR D 387 23.90 11.78 37.33
CA TYR D 387 22.97 12.72 37.93
C TYR D 387 23.61 13.34 39.16
N ASP D 388 23.70 14.67 39.18
CA ASP D 388 24.49 15.36 40.19
C ASP D 388 23.77 15.52 41.53
N GLY D 389 22.43 15.47 41.54
CA GLY D 389 21.70 15.43 42.80
C GLY D 389 21.34 16.75 43.42
N GLU D 390 20.71 17.65 42.68
CA GLU D 390 20.31 18.95 43.23
C GLU D 390 18.84 19.29 43.06
N GLY D 391 18.10 18.55 42.23
CA GLY D 391 16.69 18.84 42.06
C GLY D 391 15.82 17.64 42.37
N ASN D 392 14.68 17.54 41.71
CA ASN D 392 13.86 16.35 41.82
C ASN D 392 14.52 15.23 41.04
N GLU D 393 14.71 14.08 41.70
CA GLU D 393 15.52 13.01 41.11
C GLU D 393 14.81 12.37 39.93
N TYR D 394 13.53 12.06 40.07
CA TYR D 394 12.81 11.44 38.97
C TYR D 394 12.58 12.43 37.84
N LEU D 395 12.42 13.72 38.15
CA LEU D 395 12.21 14.70 37.10
C LEU D 395 13.47 14.92 36.28
N ARG D 396 14.63 15.03 36.94
CA ARG D 396 15.87 15.21 36.19
C ARG D 396 16.28 13.95 35.46
N CYS D 397 16.01 12.77 36.02
CA CYS D 397 16.32 11.54 35.29
C CYS D 397 15.36 11.32 34.14
N TYR D 398 14.11 11.78 34.26
CA TYR D 398 13.19 11.71 33.13
C TYR D 398 13.57 12.70 32.04
N TYR D 399 14.11 13.85 32.42
CA TYR D 399 14.65 14.79 31.45
C TYR D 399 15.84 14.20 30.71
N TRP D 400 16.69 13.47 31.42
CA TRP D 400 17.77 12.75 30.77
C TRP D 400 17.23 11.68 29.84
N ALA D 401 16.17 10.99 30.25
CA ALA D 401 15.62 9.92 29.43
C ALA D 401 15.01 10.46 28.15
N VAL D 402 14.35 11.62 28.23
CA VAL D 402 13.80 12.25 27.02
C VAL D 402 14.92 12.69 26.10
N ARG D 403 15.91 13.42 26.62
CA ARG D 403 16.95 13.93 25.75
C ARG D 403 17.99 12.88 25.37
N THR D 404 17.85 11.64 25.82
CA THR D 404 18.62 10.56 25.23
C THR D 404 17.79 9.71 24.27
N LEU D 405 16.60 9.27 24.69
CA LEU D 405 15.83 8.33 23.89
C LEU D 405 15.16 8.98 22.68
N ILE D 406 14.93 10.29 22.69
CA ILE D 406 14.46 10.95 21.48
C ILE D 406 15.61 11.27 20.55
N THR D 407 16.85 11.00 20.97
CA THR D 407 18.09 11.37 20.30
C THR D 407 18.14 12.86 20.01
N ILE D 408 18.12 13.63 21.09
CA ILE D 408 18.21 15.07 21.04
C ILE D 408 19.62 15.54 21.35
N GLY D 409 20.22 14.99 22.39
CA GLY D 409 21.54 15.41 22.79
C GLY D 409 21.49 16.68 23.60
N GLY D 410 22.67 17.26 23.81
CA GLY D 410 22.80 18.42 24.66
C GLY D 410 23.18 18.11 26.09
N LEU D 411 23.15 16.84 26.47
CA LEU D 411 23.53 16.40 27.79
C LEU D 411 25.05 16.45 27.92
N PRO D 412 25.58 16.38 29.16
CA PRO D 412 27.04 16.33 29.31
C PRO D 412 27.64 15.07 28.71
N GLU D 413 28.88 15.18 28.29
CA GLU D 413 29.54 14.10 27.58
C GLU D 413 29.99 13.01 28.55
N PRO D 414 29.83 11.75 28.17
CA PRO D 414 30.22 10.65 29.08
C PRO D 414 31.73 10.55 29.17
N GLN D 415 32.22 10.33 30.39
CA GLN D 415 33.65 10.34 30.64
C GLN D 415 34.28 8.95 30.63
N THR D 416 33.81 8.05 31.50
CA THR D 416 34.45 6.75 31.61
C THR D 416 33.65 5.70 30.84
N LEU D 417 34.18 4.47 30.84
CA LEU D 417 33.81 3.48 29.83
C LEU D 417 32.40 2.95 30.00
N PHE D 418 31.95 2.80 31.25
CA PHE D 418 30.57 2.38 31.49
C PHE D 418 29.59 3.42 31.00
N GLU D 419 29.92 4.69 31.17
CA GLU D 419 29.04 5.75 30.69
C GLU D 419 29.08 5.85 29.17
N ILE D 420 30.24 5.60 28.55
CA ILE D 420 30.31 5.68 27.09
C ILE D 420 29.51 4.56 26.45
N VAL D 421 29.63 3.33 26.96
CA VAL D 421 28.84 2.24 26.40
C VAL D 421 27.36 2.36 26.77
N PHE D 422 27.06 3.04 27.89
CA PHE D 422 25.66 3.31 28.24
C PHE D 422 25.03 4.28 27.25
N GLN D 423 25.72 5.40 26.97
CA GLN D 423 25.18 6.37 26.03
C GLN D 423 25.12 5.81 24.62
N LEU D 424 26.07 4.95 24.26
CA LEU D 424 26.06 4.26 22.98
C LEU D 424 24.83 3.39 22.82
N LEU D 425 24.60 2.49 23.78
CA LEU D 425 23.47 1.59 23.70
C LEU D 425 22.15 2.33 23.84
N ASN D 426 22.13 3.42 24.60
CA ASN D 426 20.88 4.14 24.79
C ASN D 426 20.51 4.96 23.55
N PHE D 427 21.48 5.57 22.87
CA PHE D 427 21.19 6.24 21.62
C PHE D 427 20.83 5.25 20.52
N PHE D 428 21.49 4.09 20.49
CA PHE D 428 21.18 3.12 19.46
C PHE D 428 19.83 2.46 19.69
N SER D 429 19.37 2.37 20.94
CA SER D 429 18.00 1.95 21.18
C SER D 429 17.02 3.08 20.95
N GLY D 430 17.44 4.33 21.17
CA GLY D 430 16.55 5.45 21.00
C GLY D 430 16.24 5.74 19.56
N VAL D 431 17.17 5.43 18.65
CA VAL D 431 16.90 5.58 17.22
C VAL D 431 15.78 4.63 16.79
N PHE D 432 15.81 3.39 17.28
CA PHE D 432 14.75 2.44 16.95
C PHE D 432 13.46 2.73 17.69
N VAL D 433 13.53 3.29 18.89
CA VAL D 433 12.32 3.66 19.62
C VAL D 433 11.62 4.84 18.95
N PHE D 434 12.39 5.85 18.54
CA PHE D 434 11.82 6.96 17.78
C PHE D 434 11.32 6.52 16.41
N SER D 435 11.98 5.53 15.79
CA SER D 435 11.48 5.01 14.52
C SER D 435 10.19 4.24 14.69
N SER D 436 10.07 3.47 15.78
CA SER D 436 8.83 2.75 16.04
C SER D 436 7.72 3.70 16.45
N LEU D 437 8.06 4.83 17.08
CA LEU D 437 7.07 5.85 17.38
C LEU D 437 6.53 6.50 16.10
N ILE D 438 7.44 6.81 15.16
CA ILE D 438 7.04 7.33 13.85
C ILE D 438 6.13 6.34 13.15
N GLY D 439 6.53 5.06 13.14
CA GLY D 439 5.74 4.05 12.45
C GLY D 439 4.38 3.80 13.08
N GLN D 440 4.32 3.78 14.41
CA GLN D 440 3.05 3.53 15.09
C GLN D 440 2.10 4.70 14.94
N MET D 441 2.61 5.94 15.05
CA MET D 441 1.75 7.10 14.89
C MET D 441 1.23 7.22 13.46
N ARG D 442 2.11 7.03 12.47
CA ARG D 442 1.70 7.09 11.07
C ARG D 442 0.72 5.98 10.72
N ASP D 443 0.94 4.78 11.27
CA ASP D 443 0.05 3.66 10.98
C ASP D 443 -1.32 3.84 11.62
N VAL D 444 -1.37 4.35 12.86
CA VAL D 444 -2.64 4.53 13.53
C VAL D 444 -3.45 5.64 12.88
N ILE D 445 -2.79 6.75 12.54
CA ILE D 445 -3.52 7.87 11.92
C ILE D 445 -3.93 7.52 10.48
N GLY D 446 -3.11 6.75 9.76
CA GLY D 446 -3.49 6.32 8.44
C GLY D 446 -4.64 5.33 8.43
N ALA D 447 -4.64 4.40 9.40
CA ALA D 447 -5.78 3.51 9.54
C ALA D 447 -7.01 4.24 10.05
N ALA D 448 -6.84 5.39 10.70
CA ALA D 448 -7.99 6.21 11.07
C ALA D 448 -8.61 6.87 9.85
N THR D 449 -7.79 7.53 9.02
CA THR D 449 -8.31 8.37 7.96
C THR D 449 -8.18 7.75 6.57
N ALA D 450 -8.02 6.42 6.48
CA ALA D 450 -7.86 5.77 5.18
C ALA D 450 -9.10 5.86 4.32
N ASN D 451 -10.29 5.85 4.92
CA ASN D 451 -11.52 5.91 4.13
C ASN D 451 -11.69 7.28 3.47
N GLN D 452 -11.51 8.34 4.25
CA GLN D 452 -11.61 9.68 3.70
C GLN D 452 -10.45 9.99 2.75
N ASN D 453 -9.27 9.42 3.00
CA ASN D 453 -8.15 9.65 2.10
C ASN D 453 -8.35 8.91 0.77
N TYR D 454 -8.94 7.72 0.81
CA TYR D 454 -9.23 7.00 -0.42
C TYR D 454 -10.32 7.69 -1.24
N PHE D 455 -11.35 8.20 -0.56
CA PHE D 455 -12.39 8.95 -1.25
C PHE D 455 -11.86 10.24 -1.86
N ARG D 456 -11.01 10.95 -1.12
CA ARG D 456 -10.43 12.17 -1.64
C ARG D 456 -9.45 11.90 -2.78
N ALA D 457 -8.76 10.75 -2.74
CA ALA D 457 -7.89 10.38 -3.86
C ALA D 457 -8.69 10.04 -5.10
N CYS D 458 -9.84 9.37 -4.93
CA CYS D 458 -10.66 9.05 -6.09
C CYS D 458 -11.30 10.29 -6.69
N MET D 459 -11.74 11.23 -5.84
CA MET D 459 -12.28 12.49 -6.33
C MET D 459 -11.21 13.32 -7.04
N ASP D 460 -9.98 13.30 -6.51
CA ASP D 460 -8.89 14.01 -7.15
C ASP D 460 -8.50 13.39 -8.49
N ASP D 461 -8.56 12.07 -8.61
CA ASP D 461 -8.26 11.43 -9.89
C ASP D 461 -9.36 11.71 -10.91
N THR D 462 -10.62 11.76 -10.46
CA THR D 462 -11.71 12.08 -11.40
C THR D 462 -11.63 13.52 -11.89
N ILE D 463 -11.32 14.46 -10.99
CA ILE D 463 -11.16 15.85 -11.40
C ILE D 463 -9.93 16.03 -12.28
N ALA D 464 -8.86 15.26 -12.01
CA ALA D 464 -7.67 15.32 -12.85
C ALA D 464 -7.95 14.77 -14.25
N TYR D 465 -8.79 13.74 -14.36
CA TYR D 465 -9.16 13.24 -15.68
C TYR D 465 -10.04 14.24 -16.44
N MET D 466 -11.04 14.80 -15.75
CA MET D 466 -11.94 15.75 -16.37
C MET D 466 -11.27 17.06 -16.75
N ASN D 467 -10.16 17.41 -16.09
CA ASN D 467 -9.39 18.56 -16.55
C ASN D 467 -8.27 18.18 -17.49
N ASN D 468 -7.89 16.90 -17.55
CA ASN D 468 -6.92 16.48 -18.54
C ASN D 468 -7.53 16.36 -19.92
N TYR D 469 -8.85 16.15 -20.00
CA TYR D 469 -9.48 16.07 -21.31
C TYR D 469 -10.47 17.19 -21.57
N SER D 470 -10.40 18.26 -20.78
CA SER D 470 -11.08 19.54 -21.02
C SER D 470 -12.61 19.39 -21.07
N ILE D 471 -13.16 18.95 -19.95
CA ILE D 471 -14.61 18.77 -19.81
C ILE D 471 -15.17 20.10 -19.32
N PRO D 472 -16.32 20.54 -19.82
CA PRO D 472 -16.84 21.87 -19.45
C PRO D 472 -17.28 21.95 -18.00
N LYS D 473 -17.53 23.21 -17.59
CA LYS D 473 -17.74 23.54 -16.19
C LYS D 473 -19.08 23.06 -15.66
N LEU D 474 -20.10 22.92 -16.53
CA LEU D 474 -21.37 22.37 -16.07
C LEU D 474 -21.24 20.91 -15.67
N VAL D 475 -20.53 20.12 -16.48
CA VAL D 475 -20.36 18.71 -16.16
C VAL D 475 -19.40 18.54 -15.00
N GLN D 476 -18.41 19.42 -14.87
CA GLN D 476 -17.53 19.33 -13.70
C GLN D 476 -18.26 19.74 -12.43
N LYS D 477 -19.20 20.69 -12.52
CA LYS D 477 -20.01 21.03 -11.35
C LYS D 477 -20.95 19.89 -10.98
N ARG D 478 -21.47 19.16 -11.97
CA ARG D 478 -22.36 18.04 -11.66
C ARG D 478 -21.58 16.87 -11.05
N VAL D 479 -20.36 16.62 -11.52
CA VAL D 479 -19.55 15.55 -10.92
C VAL D 479 -19.10 15.94 -9.51
N ARG D 480 -18.75 17.22 -9.32
CA ARG D 480 -18.37 17.70 -7.99
C ARG D 480 -19.54 17.63 -7.01
N THR D 481 -20.74 17.99 -7.46
CA THR D 481 -21.91 17.90 -6.62
C THR D 481 -22.27 16.45 -6.31
N TRP D 482 -22.05 15.55 -7.27
CA TRP D 482 -22.29 14.13 -7.02
C TRP D 482 -21.34 13.59 -5.96
N TYR D 483 -20.05 13.92 -6.07
CA TYR D 483 -19.08 13.41 -5.10
C TYR D 483 -19.32 13.99 -3.72
N GLU D 484 -19.70 15.26 -3.65
CA GLU D 484 -19.96 15.89 -2.35
C GLU D 484 -21.23 15.33 -1.72
N TYR D 485 -22.27 15.06 -2.51
CA TYR D 485 -23.45 14.47 -1.90
C TYR D 485 -23.24 13.01 -1.55
N THR D 486 -22.41 12.30 -2.30
CA THR D 486 -22.12 10.90 -1.96
C THR D 486 -21.33 10.83 -0.66
N TRP D 487 -20.39 11.75 -0.44
CA TRP D 487 -19.68 11.76 0.83
C TRP D 487 -20.57 12.23 1.98
N ASP D 488 -21.46 13.19 1.72
CA ASP D 488 -22.32 13.66 2.80
C ASP D 488 -23.44 12.68 3.12
N SER D 489 -23.80 11.79 2.20
CA SER D 489 -24.90 10.86 2.43
C SER D 489 -24.41 9.45 2.79
N GLN D 490 -23.63 8.84 1.90
CA GLN D 490 -23.31 7.42 2.04
C GLN D 490 -22.02 7.17 2.82
N ARG D 491 -21.18 8.19 2.98
CA ARG D 491 -19.88 8.14 3.67
C ARG D 491 -18.90 7.14 3.06
N MET D 492 -19.13 6.72 1.82
CA MET D 492 -18.23 5.76 1.16
C MET D 492 -18.43 5.89 -0.34
N LEU D 493 -17.48 5.30 -1.08
CA LEU D 493 -17.48 5.43 -2.53
C LEU D 493 -18.58 4.60 -3.17
N ASP D 494 -18.54 3.28 -2.95
CA ASP D 494 -19.57 2.39 -3.47
C ASP D 494 -19.91 1.33 -2.44
N GLU D 495 -21.20 1.03 -2.33
CA GLU D 495 -21.66 0.04 -1.36
C GLU D 495 -21.62 -1.38 -1.92
N SER D 496 -21.66 -1.54 -3.24
CA SER D 496 -21.66 -2.87 -3.82
C SER D 496 -20.31 -3.56 -3.65
N ASP D 497 -19.22 -2.79 -3.68
CA ASP D 497 -17.90 -3.38 -3.44
C ASP D 497 -17.76 -3.80 -1.98
N LEU D 498 -18.42 -3.09 -1.07
CA LEU D 498 -18.43 -3.51 0.33
C LEU D 498 -19.34 -4.71 0.56
N LEU D 499 -20.39 -4.86 -0.25
CA LEU D 499 -21.25 -6.02 -0.10
C LEU D 499 -20.59 -7.27 -0.66
N LYS D 500 -19.99 -7.18 -1.84
CA LYS D 500 -19.54 -8.36 -2.57
C LYS D 500 -18.23 -8.96 -2.04
N THR D 501 -17.73 -8.51 -0.88
CA THR D 501 -16.66 -9.20 -0.19
C THR D 501 -17.15 -9.98 1.02
N LEU D 502 -18.44 -9.93 1.29
CA LEU D 502 -19.08 -10.64 2.39
C LEU D 502 -19.64 -11.97 1.90
N PRO D 503 -19.94 -12.90 2.81
CA PRO D 503 -20.65 -14.11 2.40
C PRO D 503 -22.07 -13.80 1.91
N THR D 504 -22.62 -14.76 1.15
CA THR D 504 -23.87 -14.50 0.46
C THR D 504 -25.07 -14.49 1.40
N THR D 505 -25.00 -15.22 2.53
CA THR D 505 -26.13 -15.21 3.44
C THR D 505 -26.19 -13.93 4.27
N VAL D 506 -25.04 -13.34 4.62
CA VAL D 506 -25.08 -12.05 5.30
C VAL D 506 -25.34 -10.93 4.30
N GLN D 507 -25.00 -11.14 3.01
CA GLN D 507 -25.41 -10.21 1.98
C GLN D 507 -26.92 -10.18 1.83
N LEU D 508 -27.54 -11.36 1.81
CA LEU D 508 -29.00 -11.42 1.71
C LEU D 508 -29.67 -10.88 2.95
N ALA D 509 -29.08 -11.10 4.13
CA ALA D 509 -29.66 -10.55 5.35
C ALA D 509 -29.58 -9.02 5.37
N LEU D 510 -28.43 -8.46 4.99
CA LEU D 510 -28.29 -7.01 4.92
C LEU D 510 -29.18 -6.41 3.85
N ALA D 511 -29.46 -7.15 2.77
CA ALA D 511 -30.32 -6.62 1.72
C ALA D 511 -31.78 -6.64 2.14
N ILE D 512 -32.22 -7.75 2.76
CA ILE D 512 -33.63 -7.87 3.14
C ILE D 512 -33.94 -6.90 4.27
N ASP D 513 -32.98 -6.65 5.18
CA ASP D 513 -33.25 -5.78 6.31
C ASP D 513 -33.36 -4.31 5.90
N VAL D 514 -32.78 -3.92 4.78
CA VAL D 514 -32.86 -2.53 4.37
C VAL D 514 -33.99 -2.32 3.36
N ASN D 515 -34.29 -3.30 2.50
CA ASN D 515 -35.23 -3.05 1.42
C ASN D 515 -36.59 -3.73 1.56
N PHE D 516 -36.80 -4.61 2.57
CA PHE D 516 -38.09 -5.28 2.66
C PHE D 516 -39.19 -4.32 3.06
N SER D 517 -38.87 -3.30 3.86
CA SER D 517 -39.80 -2.24 4.22
C SER D 517 -40.35 -1.53 2.98
N ILE D 518 -39.47 -1.15 2.06
CA ILE D 518 -39.91 -0.49 0.83
C ILE D 518 -40.67 -1.47 -0.07
N ILE D 519 -40.15 -2.69 -0.23
CA ILE D 519 -40.73 -3.61 -1.21
C ILE D 519 -42.03 -4.22 -0.69
N SER D 520 -42.34 -4.04 0.59
CA SER D 520 -43.63 -4.42 1.13
C SER D 520 -44.56 -3.24 1.34
N LYS D 521 -44.01 -2.03 1.49
CA LYS D 521 -44.82 -0.82 1.56
C LYS D 521 -45.57 -0.58 0.26
N VAL D 522 -44.96 -0.94 -0.87
CA VAL D 522 -45.62 -0.82 -2.17
C VAL D 522 -46.76 -1.82 -2.26
N ASP D 523 -47.96 -1.31 -2.59
CA ASP D 523 -49.13 -2.17 -2.73
C ASP D 523 -49.06 -3.04 -3.98
N LEU D 524 -48.27 -2.66 -4.98
CA LEU D 524 -48.14 -3.44 -6.19
C LEU D 524 -47.25 -4.68 -6.00
N PHE D 525 -46.53 -4.78 -4.90
CA PHE D 525 -45.64 -5.89 -4.63
C PHE D 525 -46.15 -6.75 -3.47
N LYS D 526 -47.46 -6.98 -3.42
CA LYS D 526 -48.06 -7.83 -2.41
C LYS D 526 -48.32 -9.25 -2.91
N GLY D 527 -48.46 -9.43 -4.22
CA GLY D 527 -48.75 -10.72 -4.79
C GLY D 527 -47.56 -11.51 -5.28
N CYS D 528 -46.34 -11.02 -5.06
CA CYS D 528 -45.15 -11.74 -5.46
C CYS D 528 -44.81 -12.81 -4.41
N ASP D 529 -43.72 -13.54 -4.63
CA ASP D 529 -43.30 -14.60 -3.74
C ASP D 529 -41.99 -14.23 -3.04
N THR D 530 -41.70 -14.97 -1.97
CA THR D 530 -40.59 -14.61 -1.09
C THR D 530 -39.23 -14.93 -1.71
N GLN D 531 -39.13 -15.97 -2.54
CA GLN D 531 -37.86 -16.25 -3.20
C GLN D 531 -37.55 -15.22 -4.27
N MET D 532 -38.59 -14.78 -5.00
CA MET D 532 -38.48 -13.63 -5.90
C MET D 532 -38.02 -12.39 -5.15
N ILE D 533 -38.63 -12.13 -3.98
CA ILE D 533 -38.28 -10.96 -3.18
C ILE D 533 -36.83 -11.04 -2.70
N TYR D 534 -36.39 -12.22 -2.29
CA TYR D 534 -35.03 -12.39 -1.77
C TYR D 534 -33.99 -12.22 -2.86
N ASP D 535 -34.18 -12.87 -4.02
CA ASP D 535 -33.21 -12.75 -5.09
C ASP D 535 -33.20 -11.35 -5.70
N MET D 536 -34.37 -10.74 -5.83
CA MET D 536 -34.42 -9.41 -6.43
C MET D 536 -33.87 -8.36 -5.48
N LEU D 537 -34.05 -8.53 -4.17
CA LEU D 537 -33.44 -7.60 -3.23
C LEU D 537 -31.95 -7.85 -3.08
N LEU D 538 -31.48 -9.05 -3.39
CA LEU D 538 -30.04 -9.26 -3.44
C LEU D 538 -29.43 -8.59 -4.67
N ARG D 539 -30.14 -8.58 -5.79
CA ARG D 539 -29.57 -8.10 -7.05
C ARG D 539 -29.99 -6.66 -7.39
N LEU D 540 -30.47 -5.89 -6.43
CA LEU D 540 -30.77 -4.48 -6.67
C LEU D 540 -29.47 -3.67 -6.76
N LYS D 541 -29.43 -2.75 -7.72
CA LYS D 541 -28.29 -1.87 -7.93
C LYS D 541 -28.66 -0.45 -7.52
N SER D 542 -27.82 0.16 -6.70
CA SER D 542 -28.10 1.46 -6.10
C SER D 542 -27.45 2.56 -6.92
N VAL D 543 -28.20 3.64 -7.18
CA VAL D 543 -27.77 4.73 -8.03
C VAL D 543 -28.25 6.03 -7.39
N LEU D 544 -27.69 7.16 -7.84
CA LEU D 544 -28.03 8.47 -7.30
C LEU D 544 -28.17 9.47 -8.44
N TYR D 545 -29.28 10.20 -8.45
CA TYR D 545 -29.56 11.18 -9.48
C TYR D 545 -29.51 12.58 -8.90
N LEU D 546 -28.83 13.49 -9.60
CA LEU D 546 -28.71 14.87 -9.20
C LEU D 546 -30.01 15.60 -9.46
N PRO D 547 -30.29 16.68 -8.73
CA PRO D 547 -31.54 17.42 -8.94
C PRO D 547 -31.61 18.06 -10.31
N GLY D 548 -32.78 17.95 -10.95
CA GLY D 548 -32.99 18.43 -12.29
C GLY D 548 -32.74 17.41 -13.38
N ASP D 549 -32.25 16.21 -13.03
CA ASP D 549 -31.99 15.21 -14.05
C ASP D 549 -33.28 14.51 -14.46
N PHE D 550 -33.21 13.89 -15.63
CA PHE D 550 -34.32 13.12 -16.19
C PHE D 550 -33.97 11.65 -16.00
N VAL D 551 -34.75 10.92 -15.22
CA VAL D 551 -34.47 9.50 -15.09
C VAL D 551 -35.04 8.72 -16.27
N CYS D 552 -36.20 9.14 -16.77
CA CYS D 552 -36.82 8.54 -17.96
C CYS D 552 -37.52 9.63 -18.75
N LYS D 553 -36.97 9.96 -19.91
CA LYS D 553 -37.59 10.91 -20.81
C LYS D 553 -38.65 10.22 -21.65
N LYS D 554 -39.76 10.92 -21.88
CA LYS D 554 -40.84 10.45 -22.74
C LYS D 554 -40.36 10.16 -24.15
N GLY D 555 -40.43 8.90 -24.56
CA GLY D 555 -39.94 8.47 -25.87
C GLY D 555 -38.80 7.47 -25.80
N GLU D 556 -38.20 7.26 -24.64
CA GLU D 556 -37.16 6.24 -24.50
C GLU D 556 -37.78 4.90 -24.15
N ILE D 557 -37.06 3.83 -24.48
CA ILE D 557 -37.52 2.48 -24.19
C ILE D 557 -37.28 2.16 -22.72
N GLY D 558 -38.33 1.72 -22.03
CA GLY D 558 -38.23 1.34 -20.64
C GLY D 558 -37.53 0.02 -20.45
N LYS D 559 -36.41 0.06 -19.72
CA LYS D 559 -35.63 -1.13 -19.45
C LYS D 559 -35.28 -1.30 -17.99
N GLU D 560 -35.77 -0.42 -17.11
CA GLU D 560 -35.44 -0.48 -15.69
C GLU D 560 -36.68 -0.20 -14.84
N MET D 561 -36.77 -0.93 -13.73
CA MET D 561 -37.82 -0.77 -12.73
C MET D 561 -37.23 -0.05 -11.53
N TYR D 562 -37.72 1.15 -11.26
CA TYR D 562 -37.08 2.03 -10.30
C TYR D 562 -37.77 1.96 -8.94
N ILE D 563 -36.98 1.80 -7.89
CA ILE D 563 -37.44 1.78 -6.52
C ILE D 563 -36.89 3.02 -5.83
N ILE D 564 -37.77 3.81 -5.22
CA ILE D 564 -37.39 5.07 -4.59
C ILE D 564 -36.94 4.79 -3.17
N LYS D 565 -35.82 5.39 -2.78
CA LYS D 565 -35.32 5.24 -1.42
C LYS D 565 -34.53 6.49 -1.08
N HIS D 566 -35.07 7.33 -0.19
CA HIS D 566 -34.52 8.63 0.19
C HIS D 566 -34.41 9.53 -1.04
N GLY D 567 -35.55 9.86 -1.63
CA GLY D 567 -35.57 10.79 -2.74
C GLY D 567 -36.97 11.32 -2.96
N GLU D 568 -37.06 12.38 -3.74
CA GLU D 568 -38.33 13.01 -4.12
C GLU D 568 -38.32 13.23 -5.62
N VAL D 569 -39.12 12.48 -6.35
CA VAL D 569 -39.18 12.60 -7.80
C VAL D 569 -40.54 13.17 -8.19
N GLN D 570 -40.65 13.58 -9.44
CA GLN D 570 -41.89 14.10 -9.99
C GLN D 570 -42.04 13.64 -11.42
N VAL D 571 -43.25 13.24 -11.79
CA VAL D 571 -43.59 12.99 -13.19
C VAL D 571 -44.14 14.28 -13.76
N LEU D 572 -43.92 14.50 -15.05
CA LEU D 572 -44.32 15.76 -15.65
C LEU D 572 -45.12 15.50 -16.93
N GLY D 577 -46.12 17.44 -20.10
CA GLY D 577 -45.12 18.40 -20.51
C GLY D 577 -44.32 18.95 -19.34
N THR D 578 -44.66 20.16 -18.92
CA THR D 578 -44.00 20.81 -17.80
C THR D 578 -44.89 20.94 -16.57
N LYS D 579 -46.14 20.48 -16.66
CA LYS D 579 -47.04 20.47 -15.51
C LYS D 579 -46.89 19.16 -14.76
N VAL D 580 -46.93 19.24 -13.44
CA VAL D 580 -46.72 18.07 -12.60
C VAL D 580 -48.02 17.28 -12.54
N LEU D 581 -47.90 15.95 -12.49
CA LEU D 581 -49.05 15.08 -12.37
C LEU D 581 -49.16 14.45 -10.99
N VAL D 582 -48.12 13.76 -10.53
CA VAL D 582 -48.08 13.24 -9.18
C VAL D 582 -46.62 13.19 -8.72
N THR D 583 -46.35 13.76 -7.55
CA THR D 583 -45.04 13.63 -6.92
C THR D 583 -45.02 12.33 -6.13
N LEU D 584 -43.88 11.65 -6.18
CA LEU D 584 -43.72 10.37 -5.51
C LEU D 584 -42.80 10.53 -4.31
N LYS D 585 -43.26 10.04 -3.16
CA LYS D 585 -42.48 10.15 -1.93
C LYS D 585 -41.48 9.01 -1.85
N ALA D 586 -40.79 8.90 -0.72
CA ALA D 586 -39.83 7.82 -0.53
C ALA D 586 -40.55 6.50 -0.35
N GLY D 587 -39.97 5.44 -0.90
CA GLY D 587 -40.61 4.14 -0.84
C GLY D 587 -41.67 3.90 -1.88
N SER D 588 -41.80 4.79 -2.86
CA SER D 588 -42.76 4.62 -3.94
C SER D 588 -42.15 3.76 -5.04
N VAL D 589 -42.84 3.63 -6.17
CA VAL D 589 -42.34 2.87 -7.30
C VAL D 589 -42.84 3.52 -8.57
N PHE D 590 -42.05 3.40 -9.63
CA PHE D 590 -42.46 3.81 -10.97
C PHE D 590 -41.64 3.03 -11.97
N GLY D 591 -42.15 2.94 -13.20
CA GLY D 591 -41.52 2.16 -14.23
C GLY D 591 -41.97 0.71 -14.24
N GLU D 592 -43.26 0.49 -14.09
CA GLU D 592 -43.84 -0.84 -14.12
C GLU D 592 -44.14 -1.31 -15.53
N ILE D 593 -44.20 -0.39 -16.49
CA ILE D 593 -44.57 -0.73 -17.86
C ILE D 593 -43.49 -1.50 -18.61
N SER D 594 -42.30 -1.63 -18.03
CA SER D 594 -41.21 -2.40 -18.61
C SER D 594 -41.24 -3.87 -18.18
N LEU D 595 -42.42 -4.40 -17.86
CA LEU D 595 -42.53 -5.82 -17.52
C LEU D 595 -42.89 -6.68 -18.72
N LEU D 596 -43.57 -6.10 -19.72
CA LEU D 596 -44.01 -6.84 -20.91
C LEU D 596 -43.27 -6.42 -22.17
N ALA D 597 -42.31 -5.51 -22.07
CA ALA D 597 -41.58 -5.02 -23.23
C ALA D 597 -40.56 -6.07 -23.65
N ALA D 598 -40.75 -6.64 -24.83
CA ALA D 598 -39.82 -7.60 -25.41
C ALA D 598 -39.00 -6.90 -26.48
N GLY D 599 -37.69 -6.80 -26.26
CA GLY D 599 -36.84 -6.02 -27.14
C GLY D 599 -37.02 -4.54 -26.91
N GLY D 600 -37.64 -3.85 -27.88
CA GLY D 600 -38.00 -2.46 -27.70
C GLY D 600 -39.27 -2.33 -26.88
N GLY D 601 -40.34 -2.95 -27.34
CA GLY D 601 -41.59 -2.96 -26.60
C GLY D 601 -42.29 -1.61 -26.58
N ASN D 602 -42.35 -1.00 -25.40
CA ASN D 602 -43.01 0.28 -25.22
C ASN D 602 -42.03 1.41 -24.97
N ARG D 603 -42.53 2.63 -25.04
CA ARG D 603 -41.75 3.82 -24.70
C ARG D 603 -42.16 4.30 -23.31
N ARG D 604 -41.37 5.24 -22.77
CA ARG D 604 -41.74 5.88 -21.53
C ARG D 604 -42.85 6.88 -21.78
N THR D 605 -43.92 6.80 -20.98
CA THR D 605 -45.13 7.55 -21.24
C THR D 605 -45.15 8.94 -20.61
N ALA D 606 -44.09 9.31 -19.87
CA ALA D 606 -44.05 10.61 -19.22
C ALA D 606 -42.62 11.04 -19.00
N ASN D 607 -42.46 12.31 -18.66
CA ASN D 607 -41.17 12.85 -18.22
C ASN D 607 -41.13 12.81 -16.70
N VAL D 608 -40.46 11.81 -16.14
CA VAL D 608 -40.30 11.70 -14.70
C VAL D 608 -38.96 12.31 -14.32
N VAL D 609 -39.01 13.38 -13.53
CA VAL D 609 -37.85 14.21 -13.24
C VAL D 609 -37.57 14.14 -11.75
N ALA D 610 -36.32 13.83 -11.41
CA ALA D 610 -35.91 13.83 -10.01
C ALA D 610 -35.82 15.26 -9.51
N HIS D 611 -36.61 15.58 -8.47
CA HIS D 611 -36.69 16.95 -7.99
C HIS D 611 -35.51 17.31 -7.09
N GLY D 612 -35.25 16.50 -6.08
CA GLY D 612 -34.13 16.69 -5.19
C GLY D 612 -32.99 15.74 -5.50
N PHE D 613 -32.20 15.43 -4.47
CA PHE D 613 -31.13 14.44 -4.59
C PHE D 613 -31.75 13.07 -4.41
N ALA D 614 -32.37 12.57 -5.49
CA ALA D 614 -33.07 11.30 -5.43
C ALA D 614 -32.08 10.15 -5.55
N ASN D 615 -32.24 9.15 -4.68
CA ASN D 615 -31.35 7.98 -4.65
C ASN D 615 -32.16 6.77 -5.07
N LEU D 616 -32.28 6.56 -6.37
CA LEU D 616 -33.13 5.49 -6.87
C LEU D 616 -32.43 4.14 -6.74
N LEU D 617 -33.23 3.09 -6.63
CA LEU D 617 -32.76 1.72 -6.73
C LEU D 617 -33.19 1.17 -8.07
N THR D 618 -32.24 0.64 -8.83
CA THR D 618 -32.49 0.20 -10.19
C THR D 618 -32.71 -1.30 -10.24
N LEU D 619 -33.66 -1.72 -11.07
CA LEU D 619 -33.91 -3.13 -11.35
C LEU D 619 -34.19 -3.27 -12.83
N ASP D 620 -33.36 -4.04 -13.52
CA ASP D 620 -33.33 -4.09 -14.98
C ASP D 620 -34.55 -4.85 -15.51
N LYS D 621 -34.79 -4.72 -16.82
CA LYS D 621 -35.88 -5.44 -17.46
C LYS D 621 -35.56 -6.91 -17.66
N LYS D 622 -34.37 -7.21 -18.21
CA LYS D 622 -34.08 -8.57 -18.64
C LYS D 622 -33.87 -9.51 -17.46
N THR D 623 -33.26 -9.02 -16.38
CA THR D 623 -33.12 -9.84 -15.17
C THR D 623 -34.48 -10.08 -14.53
N LEU D 624 -35.34 -9.06 -14.56
CA LEU D 624 -36.70 -9.19 -14.06
C LEU D 624 -37.48 -10.27 -14.81
N GLN D 625 -37.35 -10.30 -16.14
CA GLN D 625 -38.04 -11.32 -16.91
C GLN D 625 -37.40 -12.70 -16.74
N GLU D 626 -36.07 -12.78 -16.61
CA GLU D 626 -35.44 -14.10 -16.59
C GLU D 626 -35.51 -14.78 -15.22
N ILE D 627 -35.73 -14.03 -14.14
CA ILE D 627 -36.18 -14.72 -12.93
C ILE D 627 -37.71 -14.82 -12.87
N LEU D 628 -38.44 -13.91 -13.56
CA LEU D 628 -39.89 -13.93 -13.53
C LEU D 628 -40.50 -15.09 -14.33
N VAL D 629 -39.74 -15.68 -15.26
CA VAL D 629 -40.26 -16.84 -15.99
C VAL D 629 -40.32 -18.08 -15.10
N HIS D 630 -39.63 -18.08 -13.96
CA HIS D 630 -39.75 -19.18 -13.01
C HIS D 630 -41.10 -19.18 -12.31
N TYR D 631 -41.74 -18.01 -12.19
CA TYR D 631 -42.94 -17.85 -11.37
C TYR D 631 -44.12 -17.38 -12.22
N PRO D 632 -44.92 -18.31 -12.76
CA PRO D 632 -46.07 -17.92 -13.57
C PRO D 632 -47.20 -17.31 -12.75
N ASP D 633 -47.32 -17.64 -11.47
CA ASP D 633 -48.34 -17.02 -10.63
C ASP D 633 -48.01 -15.56 -10.36
N SER D 634 -46.75 -15.25 -10.08
CA SER D 634 -46.33 -13.86 -9.88
C SER D 634 -46.40 -13.08 -11.20
N GLU D 635 -46.05 -13.73 -12.32
CA GLU D 635 -46.18 -13.10 -13.62
C GLU D 635 -47.64 -12.82 -13.96
N ARG D 636 -48.54 -13.73 -13.59
CA ARG D 636 -49.96 -13.56 -13.86
C ARG D 636 -50.56 -12.45 -13.01
N ILE D 637 -50.19 -12.37 -11.73
CA ILE D 637 -50.79 -11.34 -10.91
C ILE D 637 -50.17 -9.96 -11.23
N LEU D 638 -48.93 -9.92 -11.69
CA LEU D 638 -48.38 -8.64 -12.13
C LEU D 638 -48.97 -8.22 -13.47
N MET D 639 -49.29 -9.17 -14.35
CA MET D 639 -49.98 -8.84 -15.58
C MET D 639 -51.42 -8.38 -15.31
N LYS D 640 -52.07 -8.96 -14.30
CA LYS D 640 -53.41 -8.51 -13.92
C LYS D 640 -53.36 -7.13 -13.28
N LYS D 641 -52.28 -6.82 -12.56
CA LYS D 641 -52.10 -5.46 -12.05
C LYS D 641 -51.85 -4.47 -13.19
N ALA D 642 -51.13 -4.91 -14.23
CA ALA D 642 -50.89 -4.04 -15.38
C ALA D 642 -52.16 -3.81 -16.19
N ARG D 643 -53.01 -4.83 -16.30
CA ARG D 643 -54.28 -4.70 -17.00
C ARG D 643 -55.27 -3.86 -16.21
C1 NAG E . 18.09 44.08 34.94
C2 NAG E . 18.43 43.44 36.28
C3 NAG E . 18.21 44.44 37.42
C4 NAG E . 18.98 45.73 37.15
C5 NAG E . 18.65 46.28 35.76
C6 NAG E . 19.52 47.46 35.38
C7 NAG E . 18.18 41.05 36.75
C8 NAG E . 17.23 39.91 36.97
N2 NAG E . 17.64 42.24 36.52
O3 NAG E . 18.62 43.87 38.65
O4 NAG E . 18.66 46.71 38.13
O5 NAG E . 18.87 45.27 34.77
O6 NAG E . 20.82 47.03 34.99
O7 NAG E . 19.40 40.87 36.78
PA PCG F . -14.41 -6.97 -41.28
O1A PCG F . -14.70 -8.28 -41.92
O2A PCG F . -14.75 -7.05 -39.84
O5' PCG F . -12.98 -6.55 -41.18
C5' PCG F . -12.27 -5.92 -42.24
C4' PCG F . -13.25 -5.04 -42.94
O4' PCG F . -12.78 -3.98 -43.73
C3' PCG F . -14.72 -5.32 -43.25
O3' PCG F . -15.24 -6.01 -42.10
C2' PCG F . -15.18 -3.85 -43.52
O2' PCG F . -15.82 -3.17 -42.44
C1' PCG F . -13.85 -3.04 -43.76
N9 PCG F . -13.70 -2.51 -45.12
C8 PCG F . -13.42 -1.28 -45.72
N7 PCG F . -13.40 -1.39 -47.02
C5 PCG F . -13.67 -2.76 -47.29
C6 PCG F . -13.78 -3.41 -48.57
O6 PCG F . -13.63 -2.90 -49.72
N1 PCG F . -14.07 -4.78 -48.36
C2 PCG F . -14.24 -5.40 -47.10
N2 PCG F . -14.51 -6.73 -47.21
N3 PCG F . -14.16 -4.80 -45.87
C4 PCG F . -13.87 -3.48 -46.09
C1 NAG G . 39.91 41.49 10.26
C2 NAG G . 39.20 42.67 10.94
C3 NAG G . 39.76 44.00 10.41
C4 NAG G . 41.27 44.05 10.52
C5 NAG G . 41.89 42.81 9.86
C6 NAG G . 43.39 42.72 10.05
C7 NAG G . 36.89 42.91 11.70
C8 NAG G . 35.44 42.78 11.32
N2 NAG G . 37.77 42.60 10.74
O3 NAG G . 39.17 45.08 11.12
O4 NAG G . 41.78 45.21 9.89
O5 NAG G . 41.32 41.62 10.44
O6 NAG G . 43.80 41.37 10.21
O7 NAG G . 37.23 43.25 12.82
PA PCG H . -3.76 -39.15 -24.05
O1A PCG H . -4.53 -37.89 -23.99
O2A PCG H . -4.69 -40.30 -23.98
O5' PCG H . -2.84 -38.92 -22.89
C5' PCG H . -1.60 -39.62 -22.72
C4' PCG H . -1.03 -39.80 -24.09
O4' PCG H . 0.33 -40.05 -24.25
C3' PCG H . -1.79 -40.15 -25.39
O3' PCG H . -3.01 -39.41 -25.33
C2' PCG H . -0.67 -39.70 -26.40
O2' PCG H . -0.82 -38.41 -26.99
C1' PCG H . 0.65 -39.60 -25.56
N9 PCG H . 1.67 -40.59 -25.94
C8 PCG H . 3.03 -40.59 -26.27
N7 PCG H . 3.46 -41.80 -26.52
C5 PCG H . 2.33 -42.64 -26.32
C6 PCG H . 2.26 -44.07 -26.46
O6 PCG H . 3.18 -44.87 -26.78
N1 PCG H . 0.93 -44.49 -26.17
C2 PCG H . -0.14 -43.63 -25.81
N2 PCG H . -1.29 -44.32 -25.58
N3 PCG H . -0.10 -42.28 -25.66
C4 PCG H . 1.19 -41.88 -25.96
C1 NAG I . 51.23 13.62 23.79
C2 NAG I . 51.78 14.96 23.31
C3 NAG I . 53.30 14.97 23.36
C4 NAG I . 53.80 14.56 24.74
C5 NAG I . 53.20 13.22 25.14
C6 NAG I . 53.54 12.81 26.56
C7 NAG I . 50.33 16.10 21.69
C8 NAG I . 49.99 16.29 20.24
N2 NAG I . 51.32 15.26 21.95
O3 NAG I . 53.78 16.26 23.03
O4 NAG I . 55.22 14.46 24.74
O5 NAG I . 51.76 13.31 25.08
O6 NAG I . 52.38 12.45 27.29
O7 NAG I . 49.73 16.70 22.58
PA PCG J . -34.61 -30.55 1.39
O1A PCG J . -33.96 -30.06 0.16
O2A PCG J . -36.08 -30.42 1.25
O5' PCG J . -33.93 -29.69 2.40
C5' PCG J . -33.86 -30.00 3.79
C4' PCG J . -33.72 -31.49 3.88
O4' PCG J . -33.20 -32.07 5.04
C3' PCG J . -34.41 -32.55 3.02
O3' PCG J . -34.43 -32.02 1.69
C2' PCG J . -33.45 -33.74 3.33
O2' PCG J . -32.44 -34.03 2.37
C1' PCG J . -32.66 -33.32 4.62
N9 PCG J . -32.94 -34.13 5.81
C8 PCG J . -32.22 -34.85 6.78
N7 PCG J . -33.02 -35.41 7.65
C5 PCG J . -34.33 -35.05 7.23
C6 PCG J . -35.58 -35.41 7.85
O6 PCG J . -35.77 -36.12 8.88
N1 PCG J . -36.64 -34.84 7.10
C2 PCG J . -36.49 -34.04 5.94
N2 PCG J . -37.67 -33.62 5.44
N3 PCG J . -35.31 -33.68 5.34
C4 PCG J . -34.30 -34.24 6.07
PA PCG K . -42.82 4.95 -17.99
O1A PCG K . -43.38 5.65 -19.17
O2A PCG K . -41.93 3.86 -18.46
O5' PCG K . -41.87 5.69 -17.11
C5' PCG K . -42.30 6.58 -16.08
C4' PCG K . -43.54 6.00 -15.50
O4' PCG K . -43.98 6.41 -14.24
C3' PCG K . -44.68 5.29 -16.23
O3' PCG K . -44.07 4.50 -17.25
C2' PCG K . -45.32 4.57 -15.00
O2' PCG K . -44.94 3.21 -14.78
C1' PCG K . -44.77 5.33 -13.74
N9 PCG K . -45.79 6.07 -12.99
C8 PCG K . -46.23 6.17 -11.67
N7 PCG K . -47.20 7.02 -11.54
C5 PCG K . -47.43 7.53 -12.85
C6 PCG K . -48.40 8.50 -13.28
O6 PCG K . -49.25 9.11 -12.58
N1 PCG K . -48.26 8.70 -14.67
C2 PCG K . -47.32 8.04 -15.51
N2 PCG K . -47.42 8.43 -16.81
N3 PCG K . -46.39 7.11 -15.13
C4 PCG K . -46.53 6.93 -13.78
#